data_2LH3
# 
_entry.id   2LH3 
# 
_audit_conform.dict_name       mmcif_pdbx.dic 
_audit_conform.dict_version    5.397 
_audit_conform.dict_location   http://mmcif.pdb.org/dictionaries/ascii/mmcif_pdbx.dic 
# 
loop_
_database_2.database_id 
_database_2.database_code 
_database_2.pdbx_database_accession 
_database_2.pdbx_DOI 
PDB   2LH3         pdb_00002lh3 10.2210/pdb2lh3/pdb 
WWPDB D_1000178306 ?            ?                   
# 
loop_
_pdbx_audit_revision_history.ordinal 
_pdbx_audit_revision_history.data_content_type 
_pdbx_audit_revision_history.major_revision 
_pdbx_audit_revision_history.minor_revision 
_pdbx_audit_revision_history.revision_date 
1 'Structure model' 1 0 1983-01-20 
2 'Structure model' 1 1 2008-03-24 
3 'Structure model' 1 2 2011-07-13 
4 'Structure model' 1 3 2024-02-21 
5 'Structure model' 2 0 2024-10-09 
# 
loop_
_pdbx_audit_revision_details.ordinal 
_pdbx_audit_revision_details.revision_ordinal 
_pdbx_audit_revision_details.data_content_type 
_pdbx_audit_revision_details.provider 
_pdbx_audit_revision_details.type 
_pdbx_audit_revision_details.description 
_pdbx_audit_revision_details.details 
1 1 'Structure model' repository 'Initial release' ? ?                                                     
2 5 'Structure model' repository Remediation       ? 'Coordinates transformed into standard crystal frame' 
# 
loop_
_pdbx_audit_revision_group.ordinal 
_pdbx_audit_revision_group.revision_ordinal 
_pdbx_audit_revision_group.data_content_type 
_pdbx_audit_revision_group.group 
1  2 'Structure model' 'Version format compliance' 
2  3 'Structure model' 'Version format compliance' 
3  4 'Structure model' 'Data collection'           
4  4 'Structure model' 'Database references'       
5  4 'Structure model' 'Derived calculations'      
6  5 'Structure model' Advisory                    
7  5 'Structure model' 'Atomic model'              
8  5 'Structure model' 'Data collection'           
9  5 'Structure model' 'Database references'       
10 5 'Structure model' 'Derived calculations'      
11 5 'Structure model' 'Structure summary'         
# 
loop_
_pdbx_audit_revision_category.ordinal 
_pdbx_audit_revision_category.revision_ordinal 
_pdbx_audit_revision_category.data_content_type 
_pdbx_audit_revision_category.category 
1  4 'Structure model' chem_comp_atom               
2  4 'Structure model' chem_comp_bond               
3  4 'Structure model' database_2                   
4  4 'Structure model' pdbx_struct_conn_angle       
5  4 'Structure model' struct_conn                  
6  4 'Structure model' struct_ref_seq_dif           
7  4 'Structure model' struct_site                  
8  5 'Structure model' atom_site                    
9  5 'Structure model' citation_author              
10 5 'Structure model' database_PDB_matrix          
11 5 'Structure model' pdbx_entry_details           
12 5 'Structure model' pdbx_struct_conn_angle       
13 5 'Structure model' pdbx_struct_special_symmetry 
14 5 'Structure model' pdbx_validate_planes         
15 5 'Structure model' pdbx_validate_rmsd_angle     
16 5 'Structure model' pdbx_validate_rmsd_bond      
17 5 'Structure model' pdbx_validate_symm_contact   
18 5 'Structure model' pdbx_validate_torsion        
19 5 'Structure model' struct_conn                  
# 
loop_
_pdbx_audit_revision_item.ordinal 
_pdbx_audit_revision_item.revision_ordinal 
_pdbx_audit_revision_item.data_content_type 
_pdbx_audit_revision_item.item 
1  4 'Structure model' '_database_2.pdbx_DOI'                        
2  4 'Structure model' '_database_2.pdbx_database_accession'         
3  4 'Structure model' '_pdbx_struct_conn_angle.ptnr1_auth_comp_id'  
4  4 'Structure model' '_pdbx_struct_conn_angle.ptnr1_auth_seq_id'   
5  4 'Structure model' '_pdbx_struct_conn_angle.ptnr1_label_asym_id' 
6  4 'Structure model' '_pdbx_struct_conn_angle.ptnr1_label_atom_id' 
7  4 'Structure model' '_pdbx_struct_conn_angle.ptnr1_label_comp_id' 
8  4 'Structure model' '_pdbx_struct_conn_angle.ptnr1_label_seq_id'  
9  4 'Structure model' '_pdbx_struct_conn_angle.ptnr3_auth_comp_id'  
10 4 'Structure model' '_pdbx_struct_conn_angle.ptnr3_auth_seq_id'   
11 4 'Structure model' '_pdbx_struct_conn_angle.ptnr3_label_asym_id' 
12 4 'Structure model' '_pdbx_struct_conn_angle.ptnr3_label_atom_id' 
13 4 'Structure model' '_pdbx_struct_conn_angle.ptnr3_label_comp_id' 
14 4 'Structure model' '_pdbx_struct_conn_angle.ptnr3_label_seq_id'  
15 4 'Structure model' '_pdbx_struct_conn_angle.value'               
16 4 'Structure model' '_struct_conn.pdbx_dist_value'                
17 4 'Structure model' '_struct_conn.ptnr1_auth_comp_id'             
18 4 'Structure model' '_struct_conn.ptnr1_auth_seq_id'              
19 4 'Structure model' '_struct_conn.ptnr1_label_asym_id'            
20 4 'Structure model' '_struct_conn.ptnr1_label_atom_id'            
21 4 'Structure model' '_struct_conn.ptnr1_label_comp_id'            
22 4 'Structure model' '_struct_conn.ptnr1_label_seq_id'             
23 4 'Structure model' '_struct_conn.ptnr2_auth_comp_id'             
24 4 'Structure model' '_struct_conn.ptnr2_auth_seq_id'              
25 4 'Structure model' '_struct_conn.ptnr2_label_asym_id'            
26 4 'Structure model' '_struct_conn.ptnr2_label_atom_id'            
27 4 'Structure model' '_struct_conn.ptnr2_label_comp_id'            
28 4 'Structure model' '_struct_ref_seq_dif.details'                 
29 4 'Structure model' '_struct_site.pdbx_auth_asym_id'              
30 4 'Structure model' '_struct_site.pdbx_auth_comp_id'              
31 4 'Structure model' '_struct_site.pdbx_auth_seq_id'               
32 5 'Structure model' '_atom_site.Cartn_x'                          
33 5 'Structure model' '_atom_site.Cartn_y'                          
34 5 'Structure model' '_atom_site.Cartn_z'                          
35 5 'Structure model' '_database_PDB_matrix.origx[1][1]'            
36 5 'Structure model' '_database_PDB_matrix.origx[1][2]'            
37 5 'Structure model' '_database_PDB_matrix.origx[1][3]'            
38 5 'Structure model' '_database_PDB_matrix.origx[2][1]'            
39 5 'Structure model' '_database_PDB_matrix.origx[2][2]'            
40 5 'Structure model' '_database_PDB_matrix.origx[2][3]'            
41 5 'Structure model' '_database_PDB_matrix.origx[3][1]'            
42 5 'Structure model' '_database_PDB_matrix.origx[3][2]'            
43 5 'Structure model' '_database_PDB_matrix.origx[3][3]'            
44 5 'Structure model' '_database_PDB_matrix.origx_vector[1]'        
45 5 'Structure model' '_database_PDB_matrix.origx_vector[2]'        
46 5 'Structure model' '_database_PDB_matrix.origx_vector[3]'        
47 5 'Structure model' '_pdbx_struct_conn_angle.value'               
48 5 'Structure model' '_pdbx_validate_planes.rmsd'                  
49 5 'Structure model' '_pdbx_validate_rmsd_bond.bond_deviation'     
50 5 'Structure model' '_pdbx_validate_rmsd_bond.bond_value'         
51 5 'Structure model' '_pdbx_validate_torsion.phi'                  
52 5 'Structure model' '_pdbx_validate_torsion.psi'                  
53 5 'Structure model' '_struct_conn.pdbx_dist_value'                
# 
_pdbx_database_status.status_code                     REL 
_pdbx_database_status.entry_id                        2LH3 
_pdbx_database_status.recvd_initial_deposition_date   1982-04-23 
_pdbx_database_status.deposit_site                    BNL 
_pdbx_database_status.process_site                    BNL 
_pdbx_database_status.SG_entry                        ? 
_pdbx_database_status.status_code_sf                  REL 
_pdbx_database_status.status_code_mr                  ? 
_pdbx_database_status.status_code_cs                  ? 
_pdbx_database_status.methods_development_category    ? 
_pdbx_database_status.pdb_format_compatible           Y 
_pdbx_database_status.status_code_nmr_data            ? 
# 
loop_
_audit_author.name 
_audit_author.pdbx_ordinal 
'Vainshtein, B.K.'  1 
'Harutyunyan, E.H.' 2 
'Kuranova, I.P.'    3 
'Borisov, V.V.'     4 
'Sosfenov, N.I.'    5 
'Pavlovsky, A.G.'   6 
'Grebenko, A.I.'    7 
'Konareva, N.V.'    8 
# 
loop_
_citation.id 
_citation.title 
_citation.journal_abbrev 
_citation.journal_volume 
_citation.page_first 
_citation.page_last 
_citation.year 
_citation.journal_id_ASTM 
_citation.country 
_citation.journal_id_ISSN 
_citation.journal_id_CSD 
_citation.book_publisher 
_citation.pdbx_database_id_PubMed 
_citation.pdbx_database_id_DOI 
primary 
;X-Ray Structural Investigation of Leghemoglobin. Vi. Structure of Acetate-Ferrileghemoglobin at a Resolution of 2.0 Angstroms (Russian)
;
Kristallografiya                      25  80  ? 1980 KRISAJ UR 0023-4761 0041 ? -1 ? 
1       
'X-Ray Structural Investigation of Leghemoglobin. Vi. Structure of Acetate-Ferrileghemoglobin at a Resolution of 2.0 Angstroms' 
'Sov.Phys.Crystallogr.(Engl.Transl.)' 25  43  ? 1980 SPHCA6 US 0038-5638 0902 ? ?  ? 
2       'X-Ray Diffraction Study of Leghemoglobin. Iv. Determination of the Structure with 2.8 Angstroms Resolution (Russian)' 
Kristallografiya                      23  517 ? 1978 KRISAJ UR 0023-4761 0041 ? ?  ? 
3       'X-Ray Structural Investigation of Leghemoglobin. Iv. Structure Determination at a Resolution of 2.8 Angstroms' 
'Sov.Phys.Crystallogr.(Engl.Transl.)' 23  287 ? 1978 SPHCA6 US 0038-5638 0902 ? ?  ? 
4       'Spatial Structure of Lupine Leghemoglobin with the 2.8 Angstroms Resolution (Russian)' 'Dokl.Akad.Nauk Sssr' 233 238 ? 
1977 DANKAS UR 0002-3264 0093 ? ?  ? 
5       'Three-Dimensional Structure of Lupine Leghemoglobin with a Resolution of 2.8 Angstroms' 'Dokl.Biochem.(Engl.Transl.)' 233 
67  ? 1977 DBIOAM US 0012-4958 0903 ? ?  ? 
6       'X-Ray Structural Study of Leghemoglobin. III. Crystallographic Data on the Structure of the First Component (Russian)' 
Kristallografiya                      22  634 ? 1977 KRISAJ UR 0023-4761 0041 ? ?  ? 
7       'X-Ray Structural Study of Leghemoglobin. III. Crystallographic Data Regarding the Structure of the First Component' 
'Sov.Phys.Crystallogr.(Engl.Transl.)' 22  362 ? 1977 SPHCA6 US 0038-5638 0902 ? ?  ? 
8       'The Haem-Accessibility in Leghaemoglobin of Lupinus Luteus as Observed by Proton Magnetic Relaxation' 
'Int.J.Pept.Protein Res.'             8   427 ? 1976 IJPPC3 DK 0367-8377 0215 ? ?  ? 
9       'The X-Ray Structural Study of Leghemoglobin. II. Determination of the Structure at 5 Angstroms Resolution (Russian)' 
Kristallografiya                      19  971 ? 1974 KRISAJ UR 0023-4761 0041 ? ?  ? 
10      'X-Ray Study of Leghemoglobin. II. Determination of the Structure with Resolution of 5 Angstroms' 
'Sov.Phys.Crystallogr.(Engl.Transl.)' 19  602 ? 1975 SPHCA6 US 0038-5638 0902 ? ?  ? 
11      
;The X-Ray Structural Study of Leghemoglobin. I. Purification, Crystallization, and Production of Derivatives Containing Heavy Atoms (Russian)
;
Kristallografiya                      19  964 ? 1974 KRISAJ UR 0023-4761 0041 ? ?  ? 
12      'X-Ray Study of Leghemoglobin. I.Purification, Crystallization, and Preparation of Derivatives Containing Heavy Atoms' 
'Sov.Phys.Crystallogr.(Engl.Transl.)' 19  598 ? 1975 SPHCA6 US 0038-5638 0902 ? ?  ? 
13      'Structure of Leghaemoglobin from Lupin Root Nodules at 5 Angstroms Resolution' Nature                                254 
163 ? 1975 NATUAS UK 0028-0836 0006 ? ?  ? 
14      
'X-Ray Determination of Three-Dimensional Structure of Leghemoglobin from Lupinus Luteus L. At 5 Angstroms Resolution (Russian)' 
'Dokl.Akad.Nauk Sssr'                 216 690 ? 1974 DANKAS UR 0002-3264 0093 ? ?  ? 
15      
;X-Ray Diffraction Determination of the Three-Dimensional Structure of Leghemoglobin of Lupinus Luteus L. With 5 Angstroms Resolution
;
'Dokl.Biochem.(Engl.Transl.)'         216 226 ? 1974 DBIOAM US 0012-4958 0903 ? ?  ? 
16      'Cell Parameters of Crystalline Plant (Lupinus Luteus (Lupine)) Hemoglobin (Russian)' Kristallografiya 16  237 ? 1971 
KRISAJ UR 0023-4761 0041 ? ?  ? 
17      'Unit-Cell Parameters of Crystalline Plant Hemoglobin' 'Sov.Phys.Crystallogr.(Engl.Transl.)' 16  193 ? 1971 SPHCA6 US 
0038-5638 0902 ? ?  ? 
# 
loop_
_citation_author.citation_id 
_citation_author.name 
_citation_author.ordinal 
_citation_author.identifier_ORCID 
primary 'Arutyunyan, E.G.'   1   ? 
primary 'Kuranova, I.P.'     2   ? 
primary 'Vainshtein, B.K.'   3   ? 
primary 'Steigemann, W.'     4   ? 
1       'Arutyunyan, E.G.'   5   ? 
1       'Kuranova, I.P.'     6   ? 
1       'Vainshtein, B.K.'   7   ? 
1       'Steigemann, W.'     8   ? 
2       'Vainshtein, B.K.'   9   ? 
2       'Arutyunyan, E.G.'   10  ? 
2       'Kuranova, I.P.'     11  ? 
2       'Borisov, V.V.'      12  ? 
2       'Sosfenov, N.I.'     13  ? 
2       'Pavlovskii, A.G.'   14  ? 
2       'Grebenko, A.I.'     15  ? 
2       'Nekrasov, Y.V.'     16  ? 
3       'Vainshtein, B.K.'   17  ? 
3       'Arutyunyan, E.G.'   18  ? 
3       'Kuranova, I.P.'     19  ? 
3       'Borisov, V.V.'      20  ? 
3       'Sosfenov, N.I.'     21  ? 
3       'Pavlovskii, A.G.'   22  ? 
3       'Grebenko, A.I.'     23  ? 
3       'Nekrasov, Y.V.'     24  ? 
4       'Vainshtein, B.K.'   25  ? 
4       'Arutiunian, E.G.'   26  ? 
4       'Kuranova, I.P.'     27  ? 
4       'Borisov, V.V.'      28  ? 
4       'Sosfenov, N.I.'     29  ? 
4       'Pavlovskii, A.G.'   30  ? 
4       'Grebenko, A.I.'     31  ? 
4       'Konareva, N.V.'     32  ? 
4       'Nekrasov, I.V.'     33  ? 
5       'Vainshtein, B.K.'   34  ? 
5       'Arutyunyan, E.G.'   35  ? 
5       'Kuranova, I.P.'     36  ? 
5       'Borisov, V.V.'      37  ? 
5       'Sosfenov, N.I.'     38  ? 
5       'Pavlovskii, A.G.'   39  ? 
5       'Grebenko, A.I.'     40  ? 
5       'Konareva, N.V.'     41  ? 
5       'Nekrasov, Y.V.'     42  ? 
6       'Arutyunyan, E.G.'   43  ? 
6       'Kuranova, I.P.'     44  ? 
6       'Grebenko, A.I.'     45  ? 
6       'Voronova, A.A.'     46  ? 
7       'Arutyunyan, E.G.'   47  ? 
7       'Kuranova, I.P.'     48  ? 
7       'Grebenko, A.I.'     49  ? 
7       'Voronova, A.A.'     50  ? 
8       'Vuk-Pavlovic, S.'   51  ? 
8       'Benko, B.'          52  ? 
8       'Maricic, S.'        53  ? 
8       'Kuranova, G.'       54  ? 
8       'Lahajnar, I.P.'     55  ? 
8       'Vainshtein, B.K.'   56  ? 
9       'Vainshtein, B.K.'   57  ? 
9       'Arutyunyan, E.G.'   58  ? 
9       'Kuranova, I.P.'     59  ? 
9       'Borisov, V.V.'      60  ? 
9       'Sosfenov, N.I.'     61  ? 
9       'Pavlovskii, A.G.'   62  ? 
9       'Grebenko, A.I.'     63  ? 
9       'Konareva, N.V.'     64  ? 
10      'Vainshtein, B.K.'   65  ? 
10      'Arutyunyan, E.G.'   66  ? 
10      'Kuranova, I.P.'     67  ? 
10      'Borisov, V.V.'      68  ? 
10      'Sosfenov, N.I.'     69  ? 
10      'Pavlovskii, A.G.'   70  ? 
10      'Grebenko, A.I.'     71  ? 
10      'Konareva, N.V.'     72  ? 
11      'Vainshtein, B.K.'   73  ? 
11      'Arutyunyan, E.G.'   74  ? 
11      'Kuranova, I.P.'     75  ? 
11      'Borisov, V.V.'      76  ? 
11      'Sosfenov, N.I.'     77  ? 
11      'Pavlovskii, A.G.'   78  ? 
11      'Grebenko, A.I.'     79  ? 
11      'Konareva, N.V.'     80  ? 
12      'Vainshtein, B.K.'   81  ? 
12      'Arutyunyan, E.G.'   82  ? 
12      'Kuranova, I.P.'     83  ? 
12      'Borisov, V.V.'      84  ? 
12      'Sosfenov, N.I.'     85  ? 
12      'Pavlovskii, A.G.'   86  ? 
12      'Grebenko, A.I.'     87  ? 
12      'Konareva, N.V.'     88  ? 
13      'Vainshtein, B.K.'   89  ? 
13      'Harutyunyan, E.H.'  90  ? 
13      'Kuranova, I.P.'     91  ? 
13      'Borisov, V.V.'      92  ? 
13      'Sosfenov, N.I.'     93  ? 
13      'Pavlovsky, A.G.'    94  ? 
13      'Grebenko, A.I.'     95  ? 
13      'Konareva, N.V.'     96  ? 
14      'Vainshtein, B.K.'   97  ? 
14      'Arutiunian, E.G.'   98  ? 
14      'Kuranova, I.P.'     99  ? 
14      'Borisov, V.V.'      100 ? 
14      'Sosfenov, N.I.'     101 ? 
14      'Pavlovskii, A.G.'   102 ? 
14      'Grebenko, A.I.'     103 ? 
14      'Konareva, N.V.'     104 ? 
15      'Vainshtein, B.K.'   105 ? 
15      'Arutyunyan, E.G.'   106 ? 
15      'Kuranova, I.P.'     107 ? 
15      'Borisov, V.V.'      108 ? 
15      'Sosfenov, N.I.'     109 ? 
15      'Pavlovskii, A.G.'   110 ? 
15      'Grebenko, A.I.'     111 ? 
15      'Konareva, N.V.'     112 ? 
16      'Arutyunyan, E.G.'   113 ? 
16      'Zaitsev, V.N.'      114 ? 
16      'Zhiznevskaya, G.Y.' 115 ? 
16      'Borodenko, L.I.'    116 ? 
17      'Arutyunyan, E.G.'   117 ? 
17      'Zaitsev, V.N.'      118 ? 
17      'Zhiznevskaya, G.Y.' 119 ? 
17      'Borodenko, L.I.'    120 ? 
# 
loop_
_entity.id 
_entity.type 
_entity.src_method 
_entity.pdbx_description 
_entity.formula_weight 
_entity.pdbx_number_of_molecules 
_entity.pdbx_ec 
_entity.pdbx_mutation 
_entity.pdbx_fragment 
_entity.details 
1 polymer     man 'LEGHEMOGLOBIN (CYANO MET)'       16674.070 1  ? ? ? ? 
2 non-polymer syn 'CYANIDE ION'                     26.017    1  ? ? ? ? 
3 non-polymer syn 'PROTOPORPHYRIN IX CONTAINING FE' 616.487   1  ? ? ? ? 
4 water       nat water                             18.015    66 ? ? ? ? 
# 
_entity_poly.entity_id                      1 
_entity_poly.type                           'polypeptide(L)' 
_entity_poly.nstd_linkage                   no 
_entity_poly.nstd_monomer                   no 
_entity_poly.pdbx_seq_one_letter_code       
;GALTESQAALVKSSWEEFNANIPKHTHRFFILVLEIAPAAKDLFSFLKGTSEVPQNNPELQAHAGKVFKLVYEAAIQLEV
TGVVVTDATLKNLGSVHVSKGVADAHFPVVKEAILKTIKEVVGAKWSEELNSAWTIAYDELAIVIKKEMDDAA
;
_entity_poly.pdbx_seq_one_letter_code_can   
;GALTESQAALVKSSWEEFNANIPKHTHRFFILVLEIAPAAKDLFSFLKGTSEVPQNNPELQAHAGKVFKLVYEAAIQLEV
TGVVVTDATLKNLGSVHVSKGVADAHFPVVKEAILKTIKEVVGAKWSEELNSAWTIAYDELAIVIKKEMDDAA
;
_entity_poly.pdbx_strand_id                 A 
_entity_poly.pdbx_target_identifier         ? 
# 
loop_
_pdbx_entity_nonpoly.entity_id 
_pdbx_entity_nonpoly.name 
_pdbx_entity_nonpoly.comp_id 
2 'CYANIDE ION'                     CYN 
3 'PROTOPORPHYRIN IX CONTAINING FE' HEM 
4 water                             HOH 
# 
loop_
_entity_poly_seq.entity_id 
_entity_poly_seq.num 
_entity_poly_seq.mon_id 
_entity_poly_seq.hetero 
1 1   GLY n 
1 2   ALA n 
1 3   LEU n 
1 4   THR n 
1 5   GLU n 
1 6   SER n 
1 7   GLN n 
1 8   ALA n 
1 9   ALA n 
1 10  LEU n 
1 11  VAL n 
1 12  LYS n 
1 13  SER n 
1 14  SER n 
1 15  TRP n 
1 16  GLU n 
1 17  GLU n 
1 18  PHE n 
1 19  ASN n 
1 20  ALA n 
1 21  ASN n 
1 22  ILE n 
1 23  PRO n 
1 24  LYS n 
1 25  HIS n 
1 26  THR n 
1 27  HIS n 
1 28  ARG n 
1 29  PHE n 
1 30  PHE n 
1 31  ILE n 
1 32  LEU n 
1 33  VAL n 
1 34  LEU n 
1 35  GLU n 
1 36  ILE n 
1 37  ALA n 
1 38  PRO n 
1 39  ALA n 
1 40  ALA n 
1 41  LYS n 
1 42  ASP n 
1 43  LEU n 
1 44  PHE n 
1 45  SER n 
1 46  PHE n 
1 47  LEU n 
1 48  LYS n 
1 49  GLY n 
1 50  THR n 
1 51  SER n 
1 52  GLU n 
1 53  VAL n 
1 54  PRO n 
1 55  GLN n 
1 56  ASN n 
1 57  ASN n 
1 58  PRO n 
1 59  GLU n 
1 60  LEU n 
1 61  GLN n 
1 62  ALA n 
1 63  HIS n 
1 64  ALA n 
1 65  GLY n 
1 66  LYS n 
1 67  VAL n 
1 68  PHE n 
1 69  LYS n 
1 70  LEU n 
1 71  VAL n 
1 72  TYR n 
1 73  GLU n 
1 74  ALA n 
1 75  ALA n 
1 76  ILE n 
1 77  GLN n 
1 78  LEU n 
1 79  GLU n 
1 80  VAL n 
1 81  THR n 
1 82  GLY n 
1 83  VAL n 
1 84  VAL n 
1 85  VAL n 
1 86  THR n 
1 87  ASP n 
1 88  ALA n 
1 89  THR n 
1 90  LEU n 
1 91  LYS n 
1 92  ASN n 
1 93  LEU n 
1 94  GLY n 
1 95  SER n 
1 96  VAL n 
1 97  HIS n 
1 98  VAL n 
1 99  SER n 
1 100 LYS n 
1 101 GLY n 
1 102 VAL n 
1 103 ALA n 
1 104 ASP n 
1 105 ALA n 
1 106 HIS n 
1 107 PHE n 
1 108 PRO n 
1 109 VAL n 
1 110 VAL n 
1 111 LYS n 
1 112 GLU n 
1 113 ALA n 
1 114 ILE n 
1 115 LEU n 
1 116 LYS n 
1 117 THR n 
1 118 ILE n 
1 119 LYS n 
1 120 GLU n 
1 121 VAL n 
1 122 VAL n 
1 123 GLY n 
1 124 ALA n 
1 125 LYS n 
1 126 TRP n 
1 127 SER n 
1 128 GLU n 
1 129 GLU n 
1 130 LEU n 
1 131 ASN n 
1 132 SER n 
1 133 ALA n 
1 134 TRP n 
1 135 THR n 
1 136 ILE n 
1 137 ALA n 
1 138 TYR n 
1 139 ASP n 
1 140 GLU n 
1 141 LEU n 
1 142 ALA n 
1 143 ILE n 
1 144 VAL n 
1 145 ILE n 
1 146 LYS n 
1 147 LYS n 
1 148 GLU n 
1 149 MET n 
1 150 ASP n 
1 151 ASP n 
1 152 ALA n 
1 153 ALA n 
# 
_entity_src_gen.entity_id                          1 
_entity_src_gen.pdbx_src_id                        1 
_entity_src_gen.pdbx_alt_source_flag               sample 
_entity_src_gen.pdbx_seq_type                      ? 
_entity_src_gen.pdbx_beg_seq_num                   ? 
_entity_src_gen.pdbx_end_seq_num                   ? 
_entity_src_gen.gene_src_common_name               'yellow lupine' 
_entity_src_gen.gene_src_genus                     Lupinus 
_entity_src_gen.pdbx_gene_src_gene                 ? 
_entity_src_gen.gene_src_species                   ? 
_entity_src_gen.gene_src_strain                    ? 
_entity_src_gen.gene_src_tissue                    ? 
_entity_src_gen.gene_src_tissue_fraction           ? 
_entity_src_gen.gene_src_details                   ? 
_entity_src_gen.pdbx_gene_src_fragment             ? 
_entity_src_gen.pdbx_gene_src_scientific_name      'Lupinus luteus' 
_entity_src_gen.pdbx_gene_src_ncbi_taxonomy_id     3873 
_entity_src_gen.pdbx_gene_src_variant              ? 
_entity_src_gen.pdbx_gene_src_cell_line            ? 
_entity_src_gen.pdbx_gene_src_atcc                 ? 
_entity_src_gen.pdbx_gene_src_organ                ? 
_entity_src_gen.pdbx_gene_src_organelle            ? 
_entity_src_gen.pdbx_gene_src_cell                 ? 
_entity_src_gen.pdbx_gene_src_cellular_location    ? 
_entity_src_gen.host_org_common_name               ? 
_entity_src_gen.pdbx_host_org_scientific_name      ? 
_entity_src_gen.pdbx_host_org_ncbi_taxonomy_id     ? 
_entity_src_gen.host_org_genus                     ? 
_entity_src_gen.pdbx_host_org_gene                 ? 
_entity_src_gen.pdbx_host_org_organ                ? 
_entity_src_gen.host_org_species                   ? 
_entity_src_gen.pdbx_host_org_tissue               ? 
_entity_src_gen.pdbx_host_org_tissue_fraction      ? 
_entity_src_gen.pdbx_host_org_strain               ? 
_entity_src_gen.pdbx_host_org_variant              ? 
_entity_src_gen.pdbx_host_org_cell_line            ? 
_entity_src_gen.pdbx_host_org_atcc                 ? 
_entity_src_gen.pdbx_host_org_culture_collection   ? 
_entity_src_gen.pdbx_host_org_cell                 ? 
_entity_src_gen.pdbx_host_org_organelle            ? 
_entity_src_gen.pdbx_host_org_cellular_location    ? 
_entity_src_gen.pdbx_host_org_vector_type          ? 
_entity_src_gen.pdbx_host_org_vector               ? 
_entity_src_gen.host_org_details                   ? 
_entity_src_gen.expression_system_id               ? 
_entity_src_gen.plasmid_name                       ? 
_entity_src_gen.plasmid_details                    ? 
_entity_src_gen.pdbx_description                   ? 
# 
loop_
_chem_comp.id 
_chem_comp.type 
_chem_comp.mon_nstd_flag 
_chem_comp.name 
_chem_comp.pdbx_synonyms 
_chem_comp.formula 
_chem_comp.formula_weight 
ALA 'L-peptide linking' y ALANINE                           ?    'C3 H7 N O2'       89.093  
ARG 'L-peptide linking' y ARGININE                          ?    'C6 H15 N4 O2 1'   175.209 
ASN 'L-peptide linking' y ASPARAGINE                        ?    'C4 H8 N2 O3'      132.118 
ASP 'L-peptide linking' y 'ASPARTIC ACID'                   ?    'C4 H7 N O4'       133.103 
CYN non-polymer         . 'CYANIDE ION'                     ?    'C N -1'           26.017  
GLN 'L-peptide linking' y GLUTAMINE                         ?    'C5 H10 N2 O3'     146.144 
GLU 'L-peptide linking' y 'GLUTAMIC ACID'                   ?    'C5 H9 N O4'       147.129 
GLY 'peptide linking'   y GLYCINE                           ?    'C2 H5 N O2'       75.067  
HEM non-polymer         . 'PROTOPORPHYRIN IX CONTAINING FE' HEME 'C34 H32 Fe N4 O4' 616.487 
HIS 'L-peptide linking' y HISTIDINE                         ?    'C6 H10 N3 O2 1'   156.162 
HOH non-polymer         . WATER                             ?    'H2 O'             18.015  
ILE 'L-peptide linking' y ISOLEUCINE                        ?    'C6 H13 N O2'      131.173 
LEU 'L-peptide linking' y LEUCINE                           ?    'C6 H13 N O2'      131.173 
LYS 'L-peptide linking' y LYSINE                            ?    'C6 H15 N2 O2 1'   147.195 
MET 'L-peptide linking' y METHIONINE                        ?    'C5 H11 N O2 S'    149.211 
PHE 'L-peptide linking' y PHENYLALANINE                     ?    'C9 H11 N O2'      165.189 
PRO 'L-peptide linking' y PROLINE                           ?    'C5 H9 N O2'       115.130 
SER 'L-peptide linking' y SERINE                            ?    'C3 H7 N O3'       105.093 
THR 'L-peptide linking' y THREONINE                         ?    'C4 H9 N O3'       119.119 
TRP 'L-peptide linking' y TRYPTOPHAN                        ?    'C11 H12 N2 O2'    204.225 
TYR 'L-peptide linking' y TYROSINE                          ?    'C9 H11 N O3'      181.189 
VAL 'L-peptide linking' y VALINE                            ?    'C5 H11 N O2'      117.146 
# 
loop_
_pdbx_poly_seq_scheme.asym_id 
_pdbx_poly_seq_scheme.entity_id 
_pdbx_poly_seq_scheme.seq_id 
_pdbx_poly_seq_scheme.mon_id 
_pdbx_poly_seq_scheme.ndb_seq_num 
_pdbx_poly_seq_scheme.pdb_seq_num 
_pdbx_poly_seq_scheme.auth_seq_num 
_pdbx_poly_seq_scheme.pdb_mon_id 
_pdbx_poly_seq_scheme.auth_mon_id 
_pdbx_poly_seq_scheme.pdb_strand_id 
_pdbx_poly_seq_scheme.pdb_ins_code 
_pdbx_poly_seq_scheme.hetero 
A 1 1   GLY 1   1   1   GLY GLY A . n 
A 1 2   ALA 2   2   2   ALA ALA A . n 
A 1 3   LEU 3   3   3   LEU LEU A . n 
A 1 4   THR 4   4   4   THR THR A . n 
A 1 5   GLU 5   5   5   GLU GLU A . n 
A 1 6   SER 6   6   6   SER SER A . n 
A 1 7   GLN 7   7   7   GLN GLN A . n 
A 1 8   ALA 8   8   8   ALA ALA A . n 
A 1 9   ALA 9   9   9   ALA ALA A . n 
A 1 10  LEU 10  10  10  LEU LEU A . n 
A 1 11  VAL 11  11  11  VAL VAL A . n 
A 1 12  LYS 12  12  12  LYS LYS A . n 
A 1 13  SER 13  13  13  SER SER A . n 
A 1 14  SER 14  14  14  SER SER A . n 
A 1 15  TRP 15  15  15  TRP TRP A . n 
A 1 16  GLU 16  16  16  GLU GLU A . n 
A 1 17  GLU 17  17  17  GLU GLU A . n 
A 1 18  PHE 18  18  18  PHE PHE A . n 
A 1 19  ASN 19  19  19  ASN ASN A . n 
A 1 20  ALA 20  20  20  ALA ALA A . n 
A 1 21  ASN 21  21  21  ASN ASN A . n 
A 1 22  ILE 22  22  22  ILE ILE A . n 
A 1 23  PRO 23  23  23  PRO PRO A . n 
A 1 24  LYS 24  24  24  LYS LYS A . n 
A 1 25  HIS 25  25  25  HIS HIS A . n 
A 1 26  THR 26  26  26  THR THR A . n 
A 1 27  HIS 27  27  27  HIS HIS A . n 
A 1 28  ARG 28  28  28  ARG ARG A . n 
A 1 29  PHE 29  29  29  PHE PHE A . n 
A 1 30  PHE 30  30  30  PHE PHE A . n 
A 1 31  ILE 31  31  31  ILE ILE A . n 
A 1 32  LEU 32  32  32  LEU LEU A . n 
A 1 33  VAL 33  33  33  VAL VAL A . n 
A 1 34  LEU 34  34  34  LEU LEU A . n 
A 1 35  GLU 35  35  35  GLU GLU A . n 
A 1 36  ILE 36  36  36  ILE ILE A . n 
A 1 37  ALA 37  37  37  ALA ALA A . n 
A 1 38  PRO 38  38  38  PRO PRO A . n 
A 1 39  ALA 39  39  39  ALA ALA A . n 
A 1 40  ALA 40  40  40  ALA ALA A . n 
A 1 41  LYS 41  41  41  LYS LYS A . n 
A 1 42  ASP 42  42  42  ASP ASP A . n 
A 1 43  LEU 43  43  43  LEU LEU A . n 
A 1 44  PHE 44  44  44  PHE PHE A . n 
A 1 45  SER 45  45  45  SER SER A . n 
A 1 46  PHE 46  46  46  PHE PHE A . n 
A 1 47  LEU 47  47  47  LEU LEU A . n 
A 1 48  LYS 48  48  48  LYS LYS A . n 
A 1 49  GLY 49  49  49  GLY GLY A . n 
A 1 50  THR 50  50  50  THR THR A . n 
A 1 51  SER 51  51  51  SER SER A . n 
A 1 52  GLU 52  52  52  GLU GLU A . n 
A 1 53  VAL 53  53  53  VAL VAL A . n 
A 1 54  PRO 54  54  54  PRO PRO A . n 
A 1 55  GLN 55  55  55  GLN GLN A . n 
A 1 56  ASN 56  56  56  ASN ASN A . n 
A 1 57  ASN 57  57  57  ASN ASN A . n 
A 1 58  PRO 58  58  58  PRO PRO A . n 
A 1 59  GLU 59  59  59  GLU GLU A . n 
A 1 60  LEU 60  60  60  LEU LEU A . n 
A 1 61  GLN 61  61  61  GLN GLN A . n 
A 1 62  ALA 62  62  62  ALA ALA A . n 
A 1 63  HIS 63  63  63  HIS HIS A . n 
A 1 64  ALA 64  64  64  ALA ALA A . n 
A 1 65  GLY 65  65  65  GLY GLY A . n 
A 1 66  LYS 66  66  66  LYS LYS A . n 
A 1 67  VAL 67  67  67  VAL VAL A . n 
A 1 68  PHE 68  68  68  PHE PHE A . n 
A 1 69  LYS 69  69  69  LYS LYS A . n 
A 1 70  LEU 70  70  70  LEU LEU A . n 
A 1 71  VAL 71  71  71  VAL VAL A . n 
A 1 72  TYR 72  72  72  TYR TYR A . n 
A 1 73  GLU 73  73  73  GLU GLU A . n 
A 1 74  ALA 74  74  74  ALA ALA A . n 
A 1 75  ALA 75  75  75  ALA ALA A . n 
A 1 76  ILE 76  76  76  ILE ILE A . n 
A 1 77  GLN 77  77  77  GLN GLN A . n 
A 1 78  LEU 78  78  78  LEU LEU A . n 
A 1 79  GLU 79  79  79  GLU GLU A . n 
A 1 80  VAL 80  80  80  VAL VAL A . n 
A 1 81  THR 81  81  81  THR THR A . n 
A 1 82  GLY 82  82  82  GLY GLY A . n 
A 1 83  VAL 83  83  83  VAL VAL A . n 
A 1 84  VAL 84  84  84  VAL VAL A . n 
A 1 85  VAL 85  85  85  VAL VAL A . n 
A 1 86  THR 86  86  86  THR THR A . n 
A 1 87  ASP 87  87  87  ASP ASP A . n 
A 1 88  ALA 88  88  88  ALA ALA A . n 
A 1 89  THR 89  89  89  THR THR A . n 
A 1 90  LEU 90  90  90  LEU LEU A . n 
A 1 91  LYS 91  91  91  LYS LYS A . n 
A 1 92  ASN 92  92  92  ASN ASN A . n 
A 1 93  LEU 93  93  93  LEU LEU A . n 
A 1 94  GLY 94  94  94  GLY GLY A . n 
A 1 95  SER 95  95  95  SER SER A . n 
A 1 96  VAL 96  96  96  VAL VAL A . n 
A 1 97  HIS 97  97  97  HIS HIS A . n 
A 1 98  VAL 98  98  98  VAL VAL A . n 
A 1 99  SER 99  99  99  SER SER A . n 
A 1 100 LYS 100 100 100 LYS LYS A . n 
A 1 101 GLY 101 101 101 GLY GLY A . n 
A 1 102 VAL 102 102 102 VAL VAL A . n 
A 1 103 ALA 103 103 103 ALA ALA A . n 
A 1 104 ASP 104 104 104 ASP ASP A . n 
A 1 105 ALA 105 105 105 ALA ALA A . n 
A 1 106 HIS 106 106 106 HIS HIS A . n 
A 1 107 PHE 107 107 107 PHE PHE A . n 
A 1 108 PRO 108 108 108 PRO PRO A . n 
A 1 109 VAL 109 109 109 VAL VAL A . n 
A 1 110 VAL 110 110 110 VAL VAL A . n 
A 1 111 LYS 111 111 111 LYS LYS A . n 
A 1 112 GLU 112 112 112 GLU GLU A . n 
A 1 113 ALA 113 113 113 ALA ALA A . n 
A 1 114 ILE 114 114 114 ILE ILE A . n 
A 1 115 LEU 115 115 115 LEU LEU A . n 
A 1 116 LYS 116 116 116 LYS LYS A . n 
A 1 117 THR 117 117 117 THR THR A . n 
A 1 118 ILE 118 118 118 ILE ILE A . n 
A 1 119 LYS 119 119 119 LYS LYS A . n 
A 1 120 GLU 120 120 120 GLU GLU A . n 
A 1 121 VAL 121 121 121 VAL VAL A . n 
A 1 122 VAL 122 122 122 VAL VAL A . n 
A 1 123 GLY 123 123 123 GLY GLY A . n 
A 1 124 ALA 124 124 124 ALA ALA A . n 
A 1 125 LYS 125 125 125 LYS LYS A . n 
A 1 126 TRP 126 126 126 TRP TRP A . n 
A 1 127 SER 127 127 127 SER SER A . n 
A 1 128 GLU 128 128 128 GLU GLU A . n 
A 1 129 GLU 129 129 129 GLU GLU A . n 
A 1 130 LEU 130 130 130 LEU LEU A . n 
A 1 131 ASN 131 131 131 ASN ASN A . n 
A 1 132 SER 132 132 132 SER SER A . n 
A 1 133 ALA 133 133 133 ALA ALA A . n 
A 1 134 TRP 134 134 134 TRP TRP A . n 
A 1 135 THR 135 135 135 THR THR A . n 
A 1 136 ILE 136 136 136 ILE ILE A . n 
A 1 137 ALA 137 137 137 ALA ALA A . n 
A 1 138 TYR 138 138 138 TYR TYR A . n 
A 1 139 ASP 139 139 139 ASP ASP A . n 
A 1 140 GLU 140 140 140 GLU GLU A . n 
A 1 141 LEU 141 141 141 LEU LEU A . n 
A 1 142 ALA 142 142 142 ALA ALA A . n 
A 1 143 ILE 143 143 143 ILE ILE A . n 
A 1 144 VAL 144 144 144 VAL VAL A . n 
A 1 145 ILE 145 145 145 ILE ILE A . n 
A 1 146 LYS 146 146 146 LYS LYS A . n 
A 1 147 LYS 147 147 147 LYS LYS A . n 
A 1 148 GLU 148 148 148 GLU GLU A . n 
A 1 149 MET 149 149 149 MET MET A . n 
A 1 150 ASP 150 150 150 ASP ASP A . n 
A 1 151 ASP 151 151 151 ASP ASP A . n 
A 1 152 ALA 152 152 152 ALA ALA A . n 
A 1 153 ALA 153 153 153 ALA ALA A . n 
# 
loop_
_pdbx_nonpoly_scheme.asym_id 
_pdbx_nonpoly_scheme.entity_id 
_pdbx_nonpoly_scheme.mon_id 
_pdbx_nonpoly_scheme.ndb_seq_num 
_pdbx_nonpoly_scheme.pdb_seq_num 
_pdbx_nonpoly_scheme.auth_seq_num 
_pdbx_nonpoly_scheme.pdb_mon_id 
_pdbx_nonpoly_scheme.auth_mon_id 
_pdbx_nonpoly_scheme.pdb_strand_id 
_pdbx_nonpoly_scheme.pdb_ins_code 
B 2 CYN 1  154 101 CYN CYN A . 
C 3 HEM 1  155 1   HEM HEM A . 
D 4 HOH 1  156 2   HOH HOH A . 
D 4 HOH 2  157 3   HOH HOH A . 
D 4 HOH 3  158 4   HOH HOH A . 
D 4 HOH 4  159 5   HOH HOH A . 
D 4 HOH 5  160 6   HOH HOH A . 
D 4 HOH 6  161 7   HOH HOH A . 
D 4 HOH 7  162 8   HOH HOH A . 
D 4 HOH 8  163 9   HOH HOH A . 
D 4 HOH 9  164 10  HOH HOH A . 
D 4 HOH 10 165 11  HOH HOH A . 
D 4 HOH 11 166 12  HOH HOH A . 
D 4 HOH 12 167 13  HOH HOH A . 
D 4 HOH 13 168 14  HOH HOH A . 
D 4 HOH 14 169 15  HOH HOH A . 
D 4 HOH 15 170 16  HOH HOH A . 
D 4 HOH 16 171 17  HOH HOH A . 
D 4 HOH 17 172 18  HOH HOH A . 
D 4 HOH 18 173 19  HOH HOH A . 
D 4 HOH 19 174 20  HOH HOH A . 
D 4 HOH 20 175 21  HOH HOH A . 
D 4 HOH 21 176 22  HOH HOH A . 
D 4 HOH 22 177 23  HOH HOH A . 
D 4 HOH 23 178 24  HOH HOH A . 
D 4 HOH 24 179 25  HOH HOH A . 
D 4 HOH 25 180 26  HOH HOH A . 
D 4 HOH 26 181 27  HOH HOH A . 
D 4 HOH 27 182 28  HOH HOH A . 
D 4 HOH 28 183 29  HOH HOH A . 
D 4 HOH 29 184 30  HOH HOH A . 
D 4 HOH 30 185 31  HOH HOH A . 
D 4 HOH 31 186 32  HOH HOH A . 
D 4 HOH 32 187 33  HOH HOH A . 
D 4 HOH 33 188 34  HOH HOH A . 
D 4 HOH 34 189 35  HOH HOH A . 
D 4 HOH 35 190 36  HOH HOH A . 
D 4 HOH 36 191 37  HOH HOH A . 
D 4 HOH 37 192 38  HOH HOH A . 
D 4 HOH 38 193 39  HOH HOH A . 
D 4 HOH 39 194 40  HOH HOH A . 
D 4 HOH 40 195 41  HOH HOH A . 
D 4 HOH 41 196 42  HOH HOH A . 
D 4 HOH 42 197 43  HOH HOH A . 
D 4 HOH 43 198 44  HOH HOH A . 
D 4 HOH 44 199 45  HOH HOH A . 
D 4 HOH 45 200 46  HOH HOH A . 
D 4 HOH 46 201 47  HOH HOH A . 
D 4 HOH 47 202 48  HOH HOH A . 
D 4 HOH 48 203 49  HOH HOH A . 
D 4 HOH 49 204 50  HOH HOH A . 
D 4 HOH 50 205 51  HOH HOH A . 
D 4 HOH 51 206 52  HOH HOH A . 
D 4 HOH 52 207 53  HOH HOH A . 
D 4 HOH 53 208 54  HOH HOH A . 
D 4 HOH 54 209 55  HOH HOH A . 
D 4 HOH 55 210 56  HOH HOH A . 
D 4 HOH 56 211 57  HOH HOH A . 
D 4 HOH 57 212 58  HOH HOH A . 
D 4 HOH 58 213 59  HOH HOH A . 
D 4 HOH 59 214 60  HOH HOH A . 
D 4 HOH 60 215 61  HOH HOH A . 
D 4 HOH 61 216 62  HOH HOH A . 
D 4 HOH 62 217 63  HOH HOH A . 
D 4 HOH 63 218 64  HOH HOH A . 
D 4 HOH 64 219 65  HOH HOH A . 
D 4 HOH 65 220 66  HOH HOH A . 
D 4 HOH 66 221 67  HOH HOH A . 
# 
loop_
_pdbx_unobs_or_zero_occ_atoms.id 
_pdbx_unobs_or_zero_occ_atoms.PDB_model_num 
_pdbx_unobs_or_zero_occ_atoms.polymer_flag 
_pdbx_unobs_or_zero_occ_atoms.occupancy_flag 
_pdbx_unobs_or_zero_occ_atoms.auth_asym_id 
_pdbx_unobs_or_zero_occ_atoms.auth_comp_id 
_pdbx_unobs_or_zero_occ_atoms.auth_seq_id 
_pdbx_unobs_or_zero_occ_atoms.PDB_ins_code 
_pdbx_unobs_or_zero_occ_atoms.auth_atom_id 
_pdbx_unobs_or_zero_occ_atoms.label_alt_id 
_pdbx_unobs_or_zero_occ_atoms.label_asym_id 
_pdbx_unobs_or_zero_occ_atoms.label_comp_id 
_pdbx_unobs_or_zero_occ_atoms.label_seq_id 
_pdbx_unobs_or_zero_occ_atoms.label_atom_id 
1  1 Y 0 A GLY 1   ? O   ? A GLY 1   O   
2  1 Y 0 A ALA 2   ? CB  ? A ALA 2   CB  
3  1 Y 0 A LYS 12  ? NZ  ? A LYS 12  NZ  
4  1 Y 0 A LYS 24  ? CE  ? A LYS 24  CE  
5  1 Y 0 A LYS 24  ? NZ  ? A LYS 24  NZ  
6  1 Y 0 A LYS 41  ? NZ  ? A LYS 41  NZ  
7  1 Y 0 A LYS 48  ? CG  ? A LYS 48  CG  
8  1 Y 0 A LYS 48  ? CD  ? A LYS 48  CD  
9  1 Y 0 A LYS 48  ? CE  ? A LYS 48  CE  
10 1 Y 0 A LYS 48  ? NZ  ? A LYS 48  NZ  
11 1 Y 0 A SER 51  ? OG  ? A SER 51  OG  
12 1 Y 0 A GLU 52  ? CG  ? A GLU 52  CG  
13 1 Y 0 A GLU 52  ? CD  ? A GLU 52  CD  
14 1 Y 0 A GLU 52  ? OE1 ? A GLU 52  OE1 
15 1 Y 0 A GLU 52  ? OE2 ? A GLU 52  OE2 
16 1 Y 0 A LYS 66  ? NZ  ? A LYS 66  NZ  
17 1 Y 0 A LYS 69  ? NZ  ? A LYS 69  NZ  
18 1 Y 0 A LYS 91  ? CD  ? A LYS 91  CD  
19 1 Y 0 A LYS 91  ? CE  ? A LYS 91  CE  
20 1 Y 0 A LYS 91  ? NZ  ? A LYS 91  NZ  
21 1 Y 0 A LYS 100 ? NZ  ? A LYS 100 NZ  
22 1 Y 0 A LYS 119 ? CE  ? A LYS 119 CE  
23 1 Y 0 A LYS 119 ? NZ  ? A LYS 119 NZ  
24 1 Y 0 A GLU 128 ? CD  ? A GLU 128 CD  
25 1 Y 0 A GLU 128 ? OE1 ? A GLU 128 OE1 
26 1 Y 0 A GLU 128 ? OE2 ? A GLU 128 OE2 
27 1 Y 0 A LYS 147 ? CD  ? A LYS 147 CD  
28 1 Y 0 A LYS 147 ? CE  ? A LYS 147 CE  
29 1 Y 0 A LYS 147 ? NZ  ? A LYS 147 NZ  
30 1 Y 0 A ASP 150 ? OD1 ? A ASP 150 OD1 
31 1 Y 0 A ASP 150 ? OD2 ? A ASP 150 OD2 
32 1 Y 0 A ASP 151 ? OD1 ? A ASP 151 OD1 
33 1 Y 0 A ASP 151 ? OD2 ? A ASP 151 OD2 
34 1 Y 0 A ALA 153 ? O   ? A ALA 153 O   
35 1 Y 0 A ALA 153 ? OXT ? A ALA 153 OXT 
# 
_cell.entry_id           2LH3 
_cell.length_a           93.190 
_cell.length_b           38.410 
_cell.length_c           52.070 
_cell.angle_alpha        90.00 
_cell.angle_beta         90.00 
_cell.angle_gamma        98.90 
_cell.Z_PDB              4 
_cell.pdbx_unique_axis   ? 
_cell.length_a_esd       ? 
_cell.length_b_esd       ? 
_cell.length_c_esd       ? 
_cell.angle_alpha_esd    ? 
_cell.angle_beta_esd     ? 
_cell.angle_gamma_esd    ? 
# 
_symmetry.entry_id                         2LH3 
_symmetry.space_group_name_H-M             'B 1 1 2' 
_symmetry.pdbx_full_space_group_name_H-M   ? 
_symmetry.cell_setting                     ? 
_symmetry.Int_Tables_number                5 
_symmetry.space_group_name_Hall            ? 
# 
_exptl.entry_id          2LH3 
_exptl.method            'X-RAY DIFFRACTION' 
_exptl.crystals_number   ? 
# 
_exptl_crystal.id                    1 
_exptl_crystal.density_meas          ? 
_exptl_crystal.density_Matthews      2.76 
_exptl_crystal.density_percent_sol   55.43 
_exptl_crystal.description           ? 
_exptl_crystal.F_000                 ? 
_exptl_crystal.preparation           ? 
# 
_refine.entry_id                                 2LH3 
_refine.ls_number_reflns_obs                     ? 
_refine.ls_number_reflns_all                     ? 
_refine.pdbx_ls_sigma_I                          ? 
_refine.pdbx_ls_sigma_F                          ? 
_refine.pdbx_data_cutoff_high_absF               ? 
_refine.pdbx_data_cutoff_low_absF                ? 
_refine.pdbx_data_cutoff_high_rms_absF           ? 
_refine.ls_d_res_low                             ? 
_refine.ls_d_res_high                            2.0 
_refine.ls_percent_reflns_obs                    ? 
_refine.ls_R_factor_obs                          ? 
_refine.ls_R_factor_all                          ? 
_refine.ls_R_factor_R_work                       ? 
_refine.ls_R_factor_R_free                       ? 
_refine.ls_R_factor_R_free_error                 ? 
_refine.ls_R_factor_R_free_error_details         ? 
_refine.ls_percent_reflns_R_free                 ? 
_refine.ls_number_reflns_R_free                  ? 
_refine.ls_number_parameters                     ? 
_refine.ls_number_restraints                     ? 
_refine.occupancy_min                            ? 
_refine.occupancy_max                            ? 
_refine.B_iso_mean                               ? 
_refine.aniso_B[1][1]                            ? 
_refine.aniso_B[2][2]                            ? 
_refine.aniso_B[3][3]                            ? 
_refine.aniso_B[1][2]                            ? 
_refine.aniso_B[1][3]                            ? 
_refine.aniso_B[2][3]                            ? 
_refine.solvent_model_details                    ? 
_refine.solvent_model_param_ksol                 ? 
_refine.solvent_model_param_bsol                 ? 
_refine.pdbx_ls_cross_valid_method               ? 
_refine.details                                  ? 
_refine.pdbx_starting_model                      ? 
_refine.pdbx_method_to_determine_struct          ? 
_refine.pdbx_isotropic_thermal_model             ? 
_refine.pdbx_stereochemistry_target_values       ? 
_refine.pdbx_stereochem_target_val_spec_case     ? 
_refine.pdbx_R_Free_selection_details            ? 
_refine.pdbx_overall_ESU_R_Free                  ? 
_refine.overall_SU_ML                            ? 
_refine.overall_SU_B                             ? 
_refine.pdbx_refine_id                           'X-RAY DIFFRACTION' 
_refine.ls_redundancy_reflns_obs                 ? 
_refine.pdbx_overall_ESU_R                       ? 
_refine.pdbx_overall_phase_error                 ? 
_refine.B_iso_min                                ? 
_refine.B_iso_max                                ? 
_refine.correlation_coeff_Fo_to_Fc               ? 
_refine.correlation_coeff_Fo_to_Fc_free          ? 
_refine.pdbx_solvent_vdw_probe_radii             ? 
_refine.pdbx_solvent_ion_probe_radii             ? 
_refine.pdbx_solvent_shrinkage_radii             ? 
_refine.overall_SU_R_Cruickshank_DPI             ? 
_refine.overall_SU_R_free                        ? 
_refine.ls_wR_factor_R_free                      ? 
_refine.ls_wR_factor_R_work                      ? 
_refine.overall_FOM_free_R_set                   ? 
_refine.overall_FOM_work_R_set                   ? 
_refine.pdbx_diffrn_id                           1 
_refine.pdbx_TLS_residual_ADP_flag               ? 
_refine.pdbx_overall_SU_R_free_Cruickshank_DPI   ? 
_refine.pdbx_overall_SU_R_Blow_DPI               ? 
_refine.pdbx_overall_SU_R_free_Blow_DPI          ? 
# 
_refine_hist.pdbx_refine_id                   'X-RAY DIFFRACTION' 
_refine_hist.cycle_id                         LAST 
_refine_hist.pdbx_number_atoms_protein        1180 
_refine_hist.pdbx_number_atoms_nucleic_acid   0 
_refine_hist.pdbx_number_atoms_ligand         45 
_refine_hist.number_atoms_solvent             66 
_refine_hist.number_atoms_total               1291 
_refine_hist.d_res_high                       2.0 
_refine_hist.d_res_low                        . 
# 
_struct.entry_id                  2LH3 
_struct.title                     
;X-RAY STRUCTURAL INVESTIGATION OF LEGHEMOGLOBIN. VI. STRUCTURE OF ACETATE-FERRILEGHEMOGLOBIN AT A RESOLUTION OF 2.0 ANGSTROMS (RUSSIAN)
;
_struct.pdbx_model_details        ? 
_struct.pdbx_CASP_flag            ? 
_struct.pdbx_model_type_details   ? 
# 
_struct_keywords.entry_id        2LH3 
_struct_keywords.pdbx_keywords   'OXYGEN TRANSPORT' 
_struct_keywords.text            'OXYGEN TRANSPORT' 
# 
loop_
_struct_asym.id 
_struct_asym.pdbx_blank_PDB_chainid_flag 
_struct_asym.pdbx_modified 
_struct_asym.entity_id 
_struct_asym.details 
A N N 1 ? 
B N N 2 ? 
C N N 3 ? 
D N N 4 ? 
# 
_struct_ref.id                         1 
_struct_ref.db_name                    UNP 
_struct_ref.db_code                    LGB2_LUPLU 
_struct_ref.entity_id                  1 
_struct_ref.pdbx_db_accession          P02240 
_struct_ref.pdbx_align_begin           1 
_struct_ref.pdbx_seq_one_letter_code   
;GALTESQAALVKSSWEEFNANIPKHTHRFFILVLEIAPAAKDLFSFLKGTSEVPQNNPELQAHAGKVFKLVYEAAIQLQV
TGVVVTDATLKNLGSVHVSKGVADAHFPVVKEAILKTIKEVVGAKWSEELNSAWTIAYDELAIVIKKEMNDAA
;
_struct_ref.pdbx_db_isoform            ? 
# 
_struct_ref_seq.align_id                      1 
_struct_ref_seq.ref_id                        1 
_struct_ref_seq.pdbx_PDB_id_code              2LH3 
_struct_ref_seq.pdbx_strand_id                A 
_struct_ref_seq.seq_align_beg                 1 
_struct_ref_seq.pdbx_seq_align_beg_ins_code   ? 
_struct_ref_seq.seq_align_end                 153 
_struct_ref_seq.pdbx_seq_align_end_ins_code   ? 
_struct_ref_seq.pdbx_db_accession             P02240 
_struct_ref_seq.db_align_beg                  1 
_struct_ref_seq.pdbx_db_align_beg_ins_code    ? 
_struct_ref_seq.db_align_end                  153 
_struct_ref_seq.pdbx_db_align_end_ins_code    ? 
_struct_ref_seq.pdbx_auth_seq_align_beg       1 
_struct_ref_seq.pdbx_auth_seq_align_end       153 
# 
loop_
_struct_ref_seq_dif.align_id 
_struct_ref_seq_dif.pdbx_pdb_id_code 
_struct_ref_seq_dif.mon_id 
_struct_ref_seq_dif.pdbx_pdb_strand_id 
_struct_ref_seq_dif.seq_num 
_struct_ref_seq_dif.pdbx_pdb_ins_code 
_struct_ref_seq_dif.pdbx_seq_db_name 
_struct_ref_seq_dif.pdbx_seq_db_accession_code 
_struct_ref_seq_dif.db_mon_id 
_struct_ref_seq_dif.pdbx_seq_db_seq_num 
_struct_ref_seq_dif.details 
_struct_ref_seq_dif.pdbx_auth_seq_num 
_struct_ref_seq_dif.pdbx_ordinal 
1 2LH3 GLU A 79  ? UNP P02240 GLN 79  conflict 79  1 
1 2LH3 ASP A 150 ? UNP P02240 ASN 150 conflict 150 2 
# 
_pdbx_struct_assembly.id                   1 
_pdbx_struct_assembly.details              author_defined_assembly 
_pdbx_struct_assembly.method_details       ? 
_pdbx_struct_assembly.oligomeric_details   monomeric 
_pdbx_struct_assembly.oligomeric_count     1 
# 
_pdbx_struct_assembly_gen.assembly_id       1 
_pdbx_struct_assembly_gen.oper_expression   1 
_pdbx_struct_assembly_gen.asym_id_list      A,B,C,D 
# 
_pdbx_struct_oper_list.id                   1 
_pdbx_struct_oper_list.type                 'identity operation' 
_pdbx_struct_oper_list.name                 1_555 
_pdbx_struct_oper_list.symmetry_operation   x,y,z 
_pdbx_struct_oper_list.matrix[1][1]         1.0000000000 
_pdbx_struct_oper_list.matrix[1][2]         0.0000000000 
_pdbx_struct_oper_list.matrix[1][3]         0.0000000000 
_pdbx_struct_oper_list.vector[1]            0.0000000000 
_pdbx_struct_oper_list.matrix[2][1]         0.0000000000 
_pdbx_struct_oper_list.matrix[2][2]         1.0000000000 
_pdbx_struct_oper_list.matrix[2][3]         0.0000000000 
_pdbx_struct_oper_list.vector[2]            0.0000000000 
_pdbx_struct_oper_list.matrix[3][1]         0.0000000000 
_pdbx_struct_oper_list.matrix[3][2]         0.0000000000 
_pdbx_struct_oper_list.matrix[3][3]         1.0000000000 
_pdbx_struct_oper_list.vector[3]            0.0000000000 
# 
_struct_biol.id        1 
_struct_biol.details   ? 
# 
loop_
_struct_conf.conf_type_id 
_struct_conf.id 
_struct_conf.pdbx_PDB_helix_id 
_struct_conf.beg_label_comp_id 
_struct_conf.beg_label_asym_id 
_struct_conf.beg_label_seq_id 
_struct_conf.pdbx_beg_PDB_ins_code 
_struct_conf.end_label_comp_id 
_struct_conf.end_label_asym_id 
_struct_conf.end_label_seq_id 
_struct_conf.pdbx_end_PDB_ins_code 
_struct_conf.beg_auth_comp_id 
_struct_conf.beg_auth_asym_id 
_struct_conf.beg_auth_seq_id 
_struct_conf.end_auth_comp_id 
_struct_conf.end_auth_asym_id 
_struct_conf.end_auth_seq_id 
_struct_conf.pdbx_PDB_helix_class 
_struct_conf.details 
_struct_conf.pdbx_PDB_helix_length 
HELX_P HELX_P1 A THR A 4   ? ALA A 20  ? THR A 4   ALA A 20  1 ? 17 
HELX_P HELX_P2 B ASN A 21  ? ILE A 36  ? ASN A 21  ILE A 36  1 ? 16 
HELX_P HELX_P3 C ALA A 37  ? LEU A 43  ? ALA A 37  LEU A 43  1 ? 7  
HELX_P HELX_P4 E ASN A 57  ? GLY A 82  ? ASN A 57  GLY A 82  1 ? 26 
HELX_P HELX_P5 F ALA A 88  ? GLY A 101 ? ALA A 88  GLY A 101 1 ? 14 
HELX_P HELX_P6 G ASP A 104 ? GLY A 123 ? ASP A 104 GLY A 123 1 ? 20 
HELX_P HELX_P7 H SER A 127 ? ALA A 152 ? SER A 127 ALA A 152 1 ? 26 
# 
_struct_conf_type.id          HELX_P 
_struct_conf_type.criteria    ? 
_struct_conf_type.reference   ? 
# 
loop_
_struct_conn.id 
_struct_conn.conn_type_id 
_struct_conn.pdbx_leaving_atom_flag 
_struct_conn.pdbx_PDB_id 
_struct_conn.ptnr1_label_asym_id 
_struct_conn.ptnr1_label_comp_id 
_struct_conn.ptnr1_label_seq_id 
_struct_conn.ptnr1_label_atom_id 
_struct_conn.pdbx_ptnr1_label_alt_id 
_struct_conn.pdbx_ptnr1_PDB_ins_code 
_struct_conn.pdbx_ptnr1_standard_comp_id 
_struct_conn.ptnr1_symmetry 
_struct_conn.ptnr2_label_asym_id 
_struct_conn.ptnr2_label_comp_id 
_struct_conn.ptnr2_label_seq_id 
_struct_conn.ptnr2_label_atom_id 
_struct_conn.pdbx_ptnr2_label_alt_id 
_struct_conn.pdbx_ptnr2_PDB_ins_code 
_struct_conn.ptnr1_auth_asym_id 
_struct_conn.ptnr1_auth_comp_id 
_struct_conn.ptnr1_auth_seq_id 
_struct_conn.ptnr2_auth_asym_id 
_struct_conn.ptnr2_auth_comp_id 
_struct_conn.ptnr2_auth_seq_id 
_struct_conn.ptnr2_symmetry 
_struct_conn.pdbx_ptnr3_label_atom_id 
_struct_conn.pdbx_ptnr3_label_seq_id 
_struct_conn.pdbx_ptnr3_label_comp_id 
_struct_conn.pdbx_ptnr3_label_asym_id 
_struct_conn.pdbx_ptnr3_label_alt_id 
_struct_conn.pdbx_ptnr3_PDB_ins_code 
_struct_conn.details 
_struct_conn.pdbx_dist_value 
_struct_conn.pdbx_value_order 
_struct_conn.pdbx_role 
metalc1 metalc ? ? A HIS 97 NE2 ? ? ? 1_555 C HEM . FE ? ? A HIS 97  A HEM 155 1_555 ? ? ? ? ? ? ? 2.182 ? ? 
metalc2 metalc ? ? B CYN .  C   ? ? ? 1_555 C HEM . FE ? ? A CYN 154 A HEM 155 1_555 ? ? ? ? ? ? ? 2.284 ? ? 
# 
_struct_conn_type.id          metalc 
_struct_conn_type.criteria    ? 
_struct_conn_type.reference   ? 
# 
loop_
_pdbx_struct_conn_angle.id 
_pdbx_struct_conn_angle.ptnr1_label_atom_id 
_pdbx_struct_conn_angle.ptnr1_label_alt_id 
_pdbx_struct_conn_angle.ptnr1_label_asym_id 
_pdbx_struct_conn_angle.ptnr1_label_comp_id 
_pdbx_struct_conn_angle.ptnr1_label_seq_id 
_pdbx_struct_conn_angle.ptnr1_auth_atom_id 
_pdbx_struct_conn_angle.ptnr1_auth_asym_id 
_pdbx_struct_conn_angle.ptnr1_auth_comp_id 
_pdbx_struct_conn_angle.ptnr1_auth_seq_id 
_pdbx_struct_conn_angle.ptnr1_PDB_ins_code 
_pdbx_struct_conn_angle.ptnr1_symmetry 
_pdbx_struct_conn_angle.ptnr2_label_atom_id 
_pdbx_struct_conn_angle.ptnr2_label_alt_id 
_pdbx_struct_conn_angle.ptnr2_label_asym_id 
_pdbx_struct_conn_angle.ptnr2_label_comp_id 
_pdbx_struct_conn_angle.ptnr2_label_seq_id 
_pdbx_struct_conn_angle.ptnr2_auth_atom_id 
_pdbx_struct_conn_angle.ptnr2_auth_asym_id 
_pdbx_struct_conn_angle.ptnr2_auth_comp_id 
_pdbx_struct_conn_angle.ptnr2_auth_seq_id 
_pdbx_struct_conn_angle.ptnr2_PDB_ins_code 
_pdbx_struct_conn_angle.ptnr2_symmetry 
_pdbx_struct_conn_angle.ptnr3_label_atom_id 
_pdbx_struct_conn_angle.ptnr3_label_alt_id 
_pdbx_struct_conn_angle.ptnr3_label_asym_id 
_pdbx_struct_conn_angle.ptnr3_label_comp_id 
_pdbx_struct_conn_angle.ptnr3_label_seq_id 
_pdbx_struct_conn_angle.ptnr3_auth_atom_id 
_pdbx_struct_conn_angle.ptnr3_auth_asym_id 
_pdbx_struct_conn_angle.ptnr3_auth_comp_id 
_pdbx_struct_conn_angle.ptnr3_auth_seq_id 
_pdbx_struct_conn_angle.ptnr3_PDB_ins_code 
_pdbx_struct_conn_angle.ptnr3_symmetry 
_pdbx_struct_conn_angle.value 
_pdbx_struct_conn_angle.value_esd 
1  NE2 ? A HIS 97 ? A HIS 97  ? 1_555 FE ? C HEM . ? A HEM 155 ? 1_555 NA ? C HEM . ? A HEM 155 ? 1_555 84.5  ? 
2  NE2 ? A HIS 97 ? A HIS 97  ? 1_555 FE ? C HEM . ? A HEM 155 ? 1_555 NB ? C HEM . ? A HEM 155 ? 1_555 92.1  ? 
3  NA  ? C HEM .  ? A HEM 155 ? 1_555 FE ? C HEM . ? A HEM 155 ? 1_555 NB ? C HEM . ? A HEM 155 ? 1_555 87.7  ? 
4  NE2 ? A HIS 97 ? A HIS 97  ? 1_555 FE ? C HEM . ? A HEM 155 ? 1_555 NC ? C HEM . ? A HEM 155 ? 1_555 91.8  ? 
5  NA  ? C HEM .  ? A HEM 155 ? 1_555 FE ? C HEM . ? A HEM 155 ? 1_555 NC ? C HEM . ? A HEM 155 ? 1_555 175.0 ? 
6  NB  ? C HEM .  ? A HEM 155 ? 1_555 FE ? C HEM . ? A HEM 155 ? 1_555 NC ? C HEM . ? A HEM 155 ? 1_555 89.2  ? 
7  NE2 ? A HIS 97 ? A HIS 97  ? 1_555 FE ? C HEM . ? A HEM 155 ? 1_555 ND ? C HEM . ? A HEM 155 ? 1_555 82.4  ? 
8  NA  ? C HEM .  ? A HEM 155 ? 1_555 FE ? C HEM . ? A HEM 155 ? 1_555 ND ? C HEM . ? A HEM 155 ? 1_555 87.1  ? 
9  NB  ? C HEM .  ? A HEM 155 ? 1_555 FE ? C HEM . ? A HEM 155 ? 1_555 ND ? C HEM . ? A HEM 155 ? 1_555 172.8 ? 
10 NC  ? C HEM .  ? A HEM 155 ? 1_555 FE ? C HEM . ? A HEM 155 ? 1_555 ND ? C HEM . ? A HEM 155 ? 1_555 95.7  ? 
11 NE2 ? A HIS 97 ? A HIS 97  ? 1_555 FE ? C HEM . ? A HEM 155 ? 1_555 C  ? B CYN . ? A CYN 154 ? 1_555 177.3 ? 
12 NA  ? C HEM .  ? A HEM 155 ? 1_555 FE ? C HEM . ? A HEM 155 ? 1_555 C  ? B CYN . ? A CYN 154 ? 1_555 93.8  ? 
13 NB  ? C HEM .  ? A HEM 155 ? 1_555 FE ? C HEM . ? A HEM 155 ? 1_555 C  ? B CYN . ? A CYN 154 ? 1_555 85.8  ? 
14 NC  ? C HEM .  ? A HEM 155 ? 1_555 FE ? C HEM . ? A HEM 155 ? 1_555 C  ? B CYN . ? A CYN 154 ? 1_555 89.8  ? 
15 ND  ? C HEM .  ? A HEM 155 ? 1_555 FE ? C HEM . ? A HEM 155 ? 1_555 C  ? B CYN . ? A CYN 154 ? 1_555 99.5  ? 
# 
loop_
_struct_site.id 
_struct_site.pdbx_evidence_code 
_struct_site.pdbx_auth_asym_id 
_struct_site.pdbx_auth_comp_id 
_struct_site.pdbx_auth_seq_id 
_struct_site.pdbx_auth_ins_code 
_struct_site.pdbx_num_residues 
_struct_site.details 
AC1 Software A CYN 154 ? 3  'BINDING SITE FOR RESIDUE CYN A 154' 
AC2 Software A HEM 155 ? 14 'BINDING SITE FOR RESIDUE HEM A 155' 
# 
loop_
_struct_site_gen.id 
_struct_site_gen.site_id 
_struct_site_gen.pdbx_num_res 
_struct_site_gen.label_comp_id 
_struct_site_gen.label_asym_id 
_struct_site_gen.label_seq_id 
_struct_site_gen.pdbx_auth_ins_code 
_struct_site_gen.auth_comp_id 
_struct_site_gen.auth_asym_id 
_struct_site_gen.auth_seq_id 
_struct_site_gen.label_atom_id 
_struct_site_gen.label_alt_id 
_struct_site_gen.symmetry 
_struct_site_gen.details 
1  AC1 3  HIS A 63  ? HIS A 63  . ? 1_555 ? 
2  AC1 3  VAL A 67  ? VAL A 67  . ? 1_555 ? 
3  AC1 3  HEM C .   ? HEM A 155 . ? 1_555 ? 
4  AC2 14 LEU A 43  ? LEU A 43  . ? 1_555 ? 
5  AC2 14 PHE A 44  ? PHE A 44  . ? 1_555 ? 
6  AC2 14 SER A 45  ? SER A 45  . ? 1_555 ? 
7  AC2 14 HIS A 63  ? HIS A 63  . ? 1_555 ? 
8  AC2 14 VAL A 67  ? VAL A 67  . ? 1_555 ? 
9  AC2 14 LEU A 93  ? LEU A 93  . ? 1_555 ? 
10 AC2 14 HIS A 97  ? HIS A 97  . ? 1_555 ? 
11 AC2 14 LYS A 100 ? LYS A 100 . ? 1_555 ? 
12 AC2 14 VAL A 102 ? VAL A 102 . ? 1_555 ? 
13 AC2 14 HIS A 106 ? HIS A 106 . ? 1_555 ? 
14 AC2 14 PHE A 107 ? PHE A 107 . ? 1_555 ? 
15 AC2 14 VAL A 110 ? VAL A 110 . ? 1_555 ? 
16 AC2 14 TYR A 138 ? TYR A 138 . ? 1_555 ? 
17 AC2 14 CYN B .   ? CYN A 154 . ? 1_555 ? 
# 
_pdbx_entry_details.entry_id                   2LH3 
_pdbx_entry_details.compound_details           ? 
_pdbx_entry_details.source_details             ? 
_pdbx_entry_details.nonpolymer_details         ? 
_pdbx_entry_details.sequence_details           ? 
_pdbx_entry_details.has_ligand_of_interest     ? 
_pdbx_entry_details.has_protein_modification   N 
# 
loop_
_pdbx_validate_symm_contact.id 
_pdbx_validate_symm_contact.PDB_model_num 
_pdbx_validate_symm_contact.auth_atom_id_1 
_pdbx_validate_symm_contact.auth_asym_id_1 
_pdbx_validate_symm_contact.auth_comp_id_1 
_pdbx_validate_symm_contact.auth_seq_id_1 
_pdbx_validate_symm_contact.PDB_ins_code_1 
_pdbx_validate_symm_contact.label_alt_id_1 
_pdbx_validate_symm_contact.site_symmetry_1 
_pdbx_validate_symm_contact.auth_atom_id_2 
_pdbx_validate_symm_contact.auth_asym_id_2 
_pdbx_validate_symm_contact.auth_comp_id_2 
_pdbx_validate_symm_contact.auth_seq_id_2 
_pdbx_validate_symm_contact.PDB_ins_code_2 
_pdbx_validate_symm_contact.label_alt_id_2 
_pdbx_validate_symm_contact.site_symmetry_2 
_pdbx_validate_symm_contact.dist 
1  1 O   A TRP 126 ? ? 1_555 O  A TRP 126 ? ? 2_555 0.99 
2  1 O   A ALA 124 ? ? 1_555 CB A SER 127 ? ? 2_555 1.22 
3  1 CB  A ALA 124 ? ? 1_555 N  A GLU 129 ? ? 2_555 1.33 
4  1 O   A ALA 124 ? ? 1_555 CA A SER 127 ? ? 2_555 1.33 
5  1 O   A ALA 124 ? ? 1_555 C  A SER 127 ? ? 2_555 1.47 
6  1 C   A ALA 124 ? ? 1_555 CB A SER 127 ? ? 2_555 1.50 
7  1 O   A HOH 218 ? ? 1_555 O  A HOH 218 ? ? 2_555 1.52 
8  1 CA  A LYS 125 ? ? 1_555 OG A SER 127 ? ? 2_555 1.70 
9  1 O   A ALA 124 ? ? 1_555 N  A GLU 128 ? ? 2_555 1.76 
10 1 CA  A LYS 125 ? ? 1_555 CB A SER 127 ? ? 2_555 1.77 
11 1 O   A ALA 124 ? ? 1_555 OG A SER 127 ? ? 2_555 1.78 
12 1 N   A LYS 125 ? ? 1_555 CB A SER 127 ? ? 2_555 1.83 
13 1 CD1 A LEU 10  ? ? 1_555 CD A LYS 125 ? ? 2_555 1.83 
14 1 OD1 A ASN 56  ? ? 1_555 O  A HOH 171 ? ? 1_565 1.84 
15 1 O   A HOH 192 ? ? 1_555 O  A HOH 218 ? ? 2_555 1.97 
16 1 C   A ALA 124 ? ? 1_555 OG A SER 127 ? ? 2_555 2.05 
17 1 C   A LYS 125 ? ? 1_555 CB A SER 127 ? ? 2_555 2.05 
18 1 N   A ASN 56  ? ? 1_555 O  A HOH 171 ? ? 1_565 2.06 
19 1 N   A LYS 125 ? ? 1_555 OG A SER 127 ? ? 2_555 2.10 
20 1 CB  A ALA 124 ? ? 1_555 C  A GLU 128 ? ? 2_555 2.11 
21 1 CA  A SER 127 ? ? 1_555 O  A HOH 159 ? ? 2_555 2.17 
# 
loop_
_pdbx_validate_rmsd_bond.id 
_pdbx_validate_rmsd_bond.PDB_model_num 
_pdbx_validate_rmsd_bond.auth_atom_id_1 
_pdbx_validate_rmsd_bond.auth_asym_id_1 
_pdbx_validate_rmsd_bond.auth_comp_id_1 
_pdbx_validate_rmsd_bond.auth_seq_id_1 
_pdbx_validate_rmsd_bond.PDB_ins_code_1 
_pdbx_validate_rmsd_bond.label_alt_id_1 
_pdbx_validate_rmsd_bond.auth_atom_id_2 
_pdbx_validate_rmsd_bond.auth_asym_id_2 
_pdbx_validate_rmsd_bond.auth_comp_id_2 
_pdbx_validate_rmsd_bond.auth_seq_id_2 
_pdbx_validate_rmsd_bond.PDB_ins_code_2 
_pdbx_validate_rmsd_bond.label_alt_id_2 
_pdbx_validate_rmsd_bond.bond_value 
_pdbx_validate_rmsd_bond.bond_target_value 
_pdbx_validate_rmsd_bond.bond_deviation 
_pdbx_validate_rmsd_bond.bond_standard_deviation 
_pdbx_validate_rmsd_bond.linker_flag 
1  1 CD  A GLU 5   ? ? OE2 A GLU 5   ? ? 1.327 1.252 0.075  0.011 N 
2  1 CA  A SER 6   ? ? CB  A SER 6   ? ? 1.619 1.525 0.094  0.015 N 
3  1 N   A VAL 11  ? ? CA  A VAL 11  ? ? 1.587 1.459 0.128  0.020 N 
4  1 CB  A VAL 11  ? ? CG1 A VAL 11  ? ? 1.671 1.524 0.147  0.021 N 
5  1 CA  A SER 13  ? ? CB  A SER 13  ? ? 1.634 1.525 0.109  0.015 N 
6  1 CB  A SER 13  ? ? OG  A SER 13  ? ? 1.333 1.418 -0.085 0.013 N 
7  1 CB  A SER 14  ? ? OG  A SER 14  ? ? 1.333 1.418 -0.085 0.013 N 
8  1 CB  A TRP 15  ? ? CG  A TRP 15  ? ? 1.643 1.498 0.145  0.018 N 
9  1 NE1 A TRP 15  ? ? CE2 A TRP 15  ? ? 1.287 1.371 -0.084 0.013 N 
10 1 CE2 A TRP 15  ? ? CD2 A TRP 15  ? ? 1.519 1.409 0.110  0.012 N 
11 1 CZ3 A TRP 15  ? ? CH2 A TRP 15  ? ? 1.507 1.396 0.111  0.016 N 
12 1 C   A TRP 15  ? ? O   A TRP 15  ? ? 1.352 1.229 0.123  0.019 N 
13 1 CB  A PHE 18  ? ? CG  A PHE 18  ? ? 1.648 1.509 0.139  0.017 N 
14 1 CE1 A HIS 27  ? ? NE2 A HIS 27  ? ? 1.476 1.333 0.143  0.019 N 
15 1 CZ  A ARG 28  ? ? NH1 A ARG 28  ? ? 1.407 1.326 0.081  0.013 N 
16 1 CD  A GLU 35  ? ? OE1 A GLU 35  ? ? 1.178 1.252 -0.074 0.011 N 
17 1 CD  A GLU 35  ? ? OE2 A GLU 35  ? ? 1.332 1.252 0.080  0.011 N 
18 1 CA  A ALA 40  ? ? CB  A ALA 40  ? ? 1.659 1.520 0.139  0.021 N 
19 1 CB  A PHE 44  ? ? CG  A PHE 44  ? ? 1.636 1.509 0.127  0.017 N 
20 1 CB  A PHE 46  ? ? CG  A PHE 46  ? ? 1.635 1.509 0.126  0.017 N 
21 1 CD  A GLU 59  ? ? OE2 A GLU 59  ? ? 1.322 1.252 0.070  0.011 N 
22 1 C   A GLN 61  ? ? O   A GLN 61  ? ? 1.362 1.229 0.133  0.019 N 
23 1 C   A GLY 65  ? ? O   A GLY 65  ? ? 1.363 1.232 0.131  0.016 N 
24 1 CB  A VAL 67  ? ? CG2 A VAL 67  ? ? 1.654 1.524 0.130  0.021 N 
25 1 CG  A PHE 68  ? ? CD2 A PHE 68  ? ? 1.476 1.383 0.093  0.015 N 
26 1 CE1 A PHE 68  ? ? CZ  A PHE 68  ? ? 1.485 1.369 0.116  0.019 N 
27 1 C   A PHE 68  ? ? O   A PHE 68  ? ? 1.351 1.229 0.122  0.019 N 
28 1 CG  A TYR 72  ? ? CD2 A TYR 72  ? ? 1.489 1.387 0.102  0.013 N 
29 1 CE1 A TYR 72  ? ? CZ  A TYR 72  ? ? 1.489 1.381 0.108  0.013 N 
30 1 C   A TYR 72  ? ? O   A TYR 72  ? ? 1.360 1.229 0.131  0.019 N 
31 1 CB  A GLU 79  ? ? CG  A GLU 79  ? ? 1.647 1.517 0.130  0.019 N 
32 1 CB  A VAL 85  ? ? CG2 A VAL 85  ? ? 1.669 1.524 0.145  0.021 N 
33 1 N   A THR 86  ? ? CA  A THR 86  ? ? 1.585 1.459 0.126  0.020 N 
34 1 N   A ALA 88  ? ? CA  A ALA 88  ? ? 1.596 1.459 0.137  0.020 N 
35 1 CA  A GLY 94  ? ? C   A GLY 94  ? ? 1.644 1.514 0.130  0.016 N 
36 1 N   A SER 95  ? ? CA  A SER 95  ? ? 1.582 1.459 0.123  0.020 N 
37 1 CB  A SER 95  ? ? OG  A SER 95  ? ? 1.555 1.418 0.137  0.013 N 
38 1 CB  A VAL 98  ? ? CG2 A VAL 98  ? ? 1.653 1.524 0.129  0.021 N 
39 1 C   A SER 99  ? ? O   A SER 99  ? ? 1.347 1.229 0.118  0.019 N 
40 1 CA  A GLY 101 ? ? C   A GLY 101 ? ? 1.629 1.514 0.115  0.016 N 
41 1 N   A VAL 102 ? ? CA  A VAL 102 ? ? 1.583 1.459 0.124  0.020 N 
42 1 CB  A VAL 102 ? ? CG1 A VAL 102 ? ? 1.665 1.524 0.141  0.021 N 
43 1 N   A ASP 104 ? ? CA  A ASP 104 ? ? 1.592 1.459 0.133  0.020 N 
44 1 CB  A HIS 106 ? ? CG  A HIS 106 ? ? 1.647 1.496 0.151  0.018 N 
45 1 CB  A VAL 110 ? ? CG2 A VAL 110 ? ? 1.675 1.524 0.151  0.021 N 
46 1 N   A LYS 111 ? ? CA  A LYS 111 ? ? 1.592 1.459 0.133  0.020 N 
47 1 CD  A LYS 111 ? ? CE  A LYS 111 ? ? 1.663 1.508 0.155  0.025 N 
48 1 CG  A GLU 112 ? ? CD  A GLU 112 ? ? 1.656 1.515 0.141  0.015 N 
49 1 CA  A ALA 113 ? ? CB  A ALA 113 ? ? 1.666 1.520 0.146  0.021 N 
50 1 CG  A GLU 120 ? ? CD  A GLU 120 ? ? 1.650 1.515 0.135  0.015 N 
51 1 CB  A VAL 121 ? ? CG2 A VAL 121 ? ? 1.670 1.524 0.146  0.021 N 
52 1 CA  A GLY 123 ? ? C   A GLY 123 ? ? 1.646 1.514 0.132  0.016 N 
53 1 N   A ALA 124 ? ? CA  A ALA 124 ? ? 1.590 1.459 0.131  0.020 N 
54 1 C   A ALA 124 ? ? O   A ALA 124 ? ? 1.350 1.229 0.121  0.019 N 
55 1 CD  A GLU 128 ? ? OE2 A GLU 128 ? ? 1.173 1.252 -0.079 0.011 N 
56 1 CD  A GLU 129 ? ? OE1 A GLU 129 ? ? 1.325 1.252 0.073  0.011 N 
57 1 CA  A SER 132 ? ? CB  A SER 132 ? ? 1.662 1.525 0.137  0.015 N 
58 1 N   A TRP 134 ? ? CA  A TRP 134 ? ? 1.593 1.459 0.134  0.020 N 
59 1 CB  A TYR 138 ? ? CG  A TYR 138 ? ? 1.661 1.512 0.149  0.015 N 
60 1 CD1 A TYR 138 ? ? CE1 A TYR 138 ? ? 1.485 1.389 0.096  0.015 N 
61 1 CZ  A TYR 138 ? ? OH  A TYR 138 ? ? 1.545 1.374 0.171  0.017 N 
62 1 CE2 A TYR 138 ? ? CD2 A TYR 138 ? ? 1.491 1.389 0.102  0.015 N 
63 1 CB  A GLU 140 ? ? CG  A GLU 140 ? ? 1.656 1.517 0.139  0.019 N 
64 1 CB  A VAL 144 ? ? CG2 A VAL 144 ? ? 1.673 1.524 0.149  0.021 N 
65 1 N   A ILE 145 ? ? CA  A ILE 145 ? ? 1.588 1.459 0.129  0.020 N 
66 1 CB  A GLU 148 ? ? CG  A GLU 148 ? ? 1.635 1.517 0.118  0.019 N 
67 1 C   A MET 149 ? ? O   A MET 149 ? ? 1.350 1.229 0.121  0.019 N 
68 1 C   A ALA 152 ? ? O   A ALA 152 ? ? 1.356 1.229 0.127  0.019 N 
# 
loop_
_pdbx_validate_rmsd_angle.id 
_pdbx_validate_rmsd_angle.PDB_model_num 
_pdbx_validate_rmsd_angle.auth_atom_id_1 
_pdbx_validate_rmsd_angle.auth_asym_id_1 
_pdbx_validate_rmsd_angle.auth_comp_id_1 
_pdbx_validate_rmsd_angle.auth_seq_id_1 
_pdbx_validate_rmsd_angle.PDB_ins_code_1 
_pdbx_validate_rmsd_angle.label_alt_id_1 
_pdbx_validate_rmsd_angle.auth_atom_id_2 
_pdbx_validate_rmsd_angle.auth_asym_id_2 
_pdbx_validate_rmsd_angle.auth_comp_id_2 
_pdbx_validate_rmsd_angle.auth_seq_id_2 
_pdbx_validate_rmsd_angle.PDB_ins_code_2 
_pdbx_validate_rmsd_angle.label_alt_id_2 
_pdbx_validate_rmsd_angle.auth_atom_id_3 
_pdbx_validate_rmsd_angle.auth_asym_id_3 
_pdbx_validate_rmsd_angle.auth_comp_id_3 
_pdbx_validate_rmsd_angle.auth_seq_id_3 
_pdbx_validate_rmsd_angle.PDB_ins_code_3 
_pdbx_validate_rmsd_angle.label_alt_id_3 
_pdbx_validate_rmsd_angle.angle_value 
_pdbx_validate_rmsd_angle.angle_target_value 
_pdbx_validate_rmsd_angle.angle_deviation 
_pdbx_validate_rmsd_angle.angle_standard_deviation 
_pdbx_validate_rmsd_angle.linker_flag 
1  1 CG  A TRP 15  ? ? CD2 A TRP 15  ? ? CE3 A TRP 15  ? ? 127.09 133.90 -6.81  0.90 N 
2  1 CH2 A TRP 15  ? ? CZ2 A TRP 15  ? ? CE2 A TRP 15  ? ? 111.37 117.40 -6.03  1.00 N 
3  1 OE1 A GLU 16  ? ? CD  A GLU 16  ? ? OE2 A GLU 16  ? ? 114.05 123.30 -9.25  1.20 N 
4  1 OE1 A GLU 17  ? ? CD  A GLU 17  ? ? OE2 A GLU 17  ? ? 115.48 123.30 -7.82  1.20 N 
5  1 NE  A ARG 28  ? ? CZ  A ARG 28  ? ? NH2 A ARG 28  ? ? 115.96 120.30 -4.34  0.50 N 
6  1 CD1 A PHE 29  ? ? CG  A PHE 29  ? ? CD2 A PHE 29  ? ? 126.35 118.30 8.05   1.30 N 
7  1 CB  A PHE 29  ? ? CG  A PHE 29  ? ? CD1 A PHE 29  ? ? 116.03 120.80 -4.77  0.70 N 
8  1 CB  A PHE 30  ? ? CG  A PHE 30  ? ? CD2 A PHE 30  ? ? 116.31 120.80 -4.49  0.70 N 
9  1 CB  A PHE 46  ? ? CG  A PHE 46  ? ? CD2 A PHE 46  ? ? 125.55 120.80 4.75   0.70 N 
10 1 N   A PRO 54  ? ? CA  A PRO 54  ? ? CB  A PRO 54  ? ? 111.60 103.30 8.30   1.20 N 
11 1 CB  A TYR 72  ? ? CG  A TYR 72  ? ? CD1 A TYR 72  ? ? 115.09 121.00 -5.91  0.60 N 
12 1 CG  A TYR 72  ? ? CD1 A TYR 72  ? ? CE1 A TYR 72  ? ? 116.41 121.30 -4.89  0.80 N 
13 1 OE1 A GLU 73  ? ? CD  A GLU 73  ? ? OE2 A GLU 73  ? ? 113.64 123.30 -9.66  1.20 N 
14 1 CB  A ASP 87  ? ? CG  A ASP 87  ? ? OD2 A ASP 87  ? ? 112.87 118.30 -5.43  0.90 N 
15 1 ND1 A HIS 97  ? ? CE1 A HIS 97  ? ? NE2 A HIS 97  ? ? 101.65 108.50 -6.85  1.10 N 
16 1 N   A PRO 108 ? ? CA  A PRO 108 ? ? CB  A PRO 108 ? ? 111.65 103.30 8.35   1.20 N 
17 1 OE1 A GLU 112 ? ? CD  A GLU 112 ? ? OE2 A GLU 112 ? ? 111.90 123.30 -11.40 1.20 N 
18 1 OE1 A GLU 120 ? ? CD  A GLU 120 ? ? OE2 A GLU 120 ? ? 115.53 123.30 -7.77  1.20 N 
19 1 CE2 A TRP 126 ? ? CD2 A TRP 126 ? ? CG  A TRP 126 ? ? 101.99 107.30 -5.31  0.80 N 
20 1 OE1 A GLU 128 ? ? CD  A GLU 128 ? ? OE2 A GLU 128 ? ? 114.80 123.30 -8.50  1.20 N 
21 1 CG  A TRP 134 ? ? CD1 A TRP 134 ? ? NE1 A TRP 134 ? ? 103.96 110.10 -6.14  1.00 N 
22 1 CB  A TYR 138 ? ? CG  A TYR 138 ? ? CD2 A TYR 138 ? ? 125.14 121.00 4.14   0.60 N 
# 
loop_
_pdbx_validate_torsion.id 
_pdbx_validate_torsion.PDB_model_num 
_pdbx_validate_torsion.auth_comp_id 
_pdbx_validate_torsion.auth_asym_id 
_pdbx_validate_torsion.auth_seq_id 
_pdbx_validate_torsion.PDB_ins_code 
_pdbx_validate_torsion.label_alt_id 
_pdbx_validate_torsion.phi 
_pdbx_validate_torsion.psi 
1 1 ALA A 2  ? ? 86.63   -54.39 
2 1 LEU A 3  ? ? 102.89  77.19  
3 1 ALA A 37 ? ? -151.44 88.84  
# 
loop_
_pdbx_validate_planes.id 
_pdbx_validate_planes.PDB_model_num 
_pdbx_validate_planes.auth_comp_id 
_pdbx_validate_planes.auth_asym_id 
_pdbx_validate_planes.auth_seq_id 
_pdbx_validate_planes.PDB_ins_code 
_pdbx_validate_planes.label_alt_id 
_pdbx_validate_planes.rmsd 
_pdbx_validate_planes.type 
1 1 GLN A 7   ? ? 0.070 'SIDE CHAIN' 
2 1 GLU A 17  ? ? 0.085 'SIDE CHAIN' 
3 1 GLU A 35  ? ? 0.071 'SIDE CHAIN' 
4 1 ASP A 42  ? ? 0.085 'SIDE CHAIN' 
5 1 ASN A 56  ? ? 0.080 'SIDE CHAIN' 
6 1 ASN A 57  ? ? 0.071 'SIDE CHAIN' 
7 1 GLU A 59  ? ? 0.074 'SIDE CHAIN' 
8 1 ASN A 92  ? ? 0.077 'SIDE CHAIN' 
9 1 ASP A 151 ? ? 0.071 'SIDE CHAIN' 
# 
loop_
_chem_comp_atom.comp_id 
_chem_comp_atom.atom_id 
_chem_comp_atom.type_symbol 
_chem_comp_atom.pdbx_aromatic_flag 
_chem_comp_atom.pdbx_stereo_config 
_chem_comp_atom.pdbx_ordinal 
ALA N    N  N N 1   
ALA CA   C  N S 2   
ALA C    C  N N 3   
ALA O    O  N N 4   
ALA CB   C  N N 5   
ALA OXT  O  N N 6   
ALA H    H  N N 7   
ALA H2   H  N N 8   
ALA HA   H  N N 9   
ALA HB1  H  N N 10  
ALA HB2  H  N N 11  
ALA HB3  H  N N 12  
ALA HXT  H  N N 13  
ARG N    N  N N 14  
ARG CA   C  N S 15  
ARG C    C  N N 16  
ARG O    O  N N 17  
ARG CB   C  N N 18  
ARG CG   C  N N 19  
ARG CD   C  N N 20  
ARG NE   N  N N 21  
ARG CZ   C  N N 22  
ARG NH1  N  N N 23  
ARG NH2  N  N N 24  
ARG OXT  O  N N 25  
ARG H    H  N N 26  
ARG H2   H  N N 27  
ARG HA   H  N N 28  
ARG HB2  H  N N 29  
ARG HB3  H  N N 30  
ARG HG2  H  N N 31  
ARG HG3  H  N N 32  
ARG HD2  H  N N 33  
ARG HD3  H  N N 34  
ARG HE   H  N N 35  
ARG HH11 H  N N 36  
ARG HH12 H  N N 37  
ARG HH21 H  N N 38  
ARG HH22 H  N N 39  
ARG HXT  H  N N 40  
ASN N    N  N N 41  
ASN CA   C  N S 42  
ASN C    C  N N 43  
ASN O    O  N N 44  
ASN CB   C  N N 45  
ASN CG   C  N N 46  
ASN OD1  O  N N 47  
ASN ND2  N  N N 48  
ASN OXT  O  N N 49  
ASN H    H  N N 50  
ASN H2   H  N N 51  
ASN HA   H  N N 52  
ASN HB2  H  N N 53  
ASN HB3  H  N N 54  
ASN HD21 H  N N 55  
ASN HD22 H  N N 56  
ASN HXT  H  N N 57  
ASP N    N  N N 58  
ASP CA   C  N S 59  
ASP C    C  N N 60  
ASP O    O  N N 61  
ASP CB   C  N N 62  
ASP CG   C  N N 63  
ASP OD1  O  N N 64  
ASP OD2  O  N N 65  
ASP OXT  O  N N 66  
ASP H    H  N N 67  
ASP H2   H  N N 68  
ASP HA   H  N N 69  
ASP HB2  H  N N 70  
ASP HB3  H  N N 71  
ASP HD2  H  N N 72  
ASP HXT  H  N N 73  
CYN C    C  N N 74  
CYN N    N  N N 75  
GLN N    N  N N 76  
GLN CA   C  N S 77  
GLN C    C  N N 78  
GLN O    O  N N 79  
GLN CB   C  N N 80  
GLN CG   C  N N 81  
GLN CD   C  N N 82  
GLN OE1  O  N N 83  
GLN NE2  N  N N 84  
GLN OXT  O  N N 85  
GLN H    H  N N 86  
GLN H2   H  N N 87  
GLN HA   H  N N 88  
GLN HB2  H  N N 89  
GLN HB3  H  N N 90  
GLN HG2  H  N N 91  
GLN HG3  H  N N 92  
GLN HE21 H  N N 93  
GLN HE22 H  N N 94  
GLN HXT  H  N N 95  
GLU N    N  N N 96  
GLU CA   C  N S 97  
GLU C    C  N N 98  
GLU O    O  N N 99  
GLU CB   C  N N 100 
GLU CG   C  N N 101 
GLU CD   C  N N 102 
GLU OE1  O  N N 103 
GLU OE2  O  N N 104 
GLU OXT  O  N N 105 
GLU H    H  N N 106 
GLU H2   H  N N 107 
GLU HA   H  N N 108 
GLU HB2  H  N N 109 
GLU HB3  H  N N 110 
GLU HG2  H  N N 111 
GLU HG3  H  N N 112 
GLU HE2  H  N N 113 
GLU HXT  H  N N 114 
GLY N    N  N N 115 
GLY CA   C  N N 116 
GLY C    C  N N 117 
GLY O    O  N N 118 
GLY OXT  O  N N 119 
GLY H    H  N N 120 
GLY H2   H  N N 121 
GLY HA2  H  N N 122 
GLY HA3  H  N N 123 
GLY HXT  H  N N 124 
HEM CHA  C  N N 125 
HEM CHB  C  N N 126 
HEM CHC  C  N N 127 
HEM CHD  C  N N 128 
HEM C1A  C  Y N 129 
HEM C2A  C  Y N 130 
HEM C3A  C  Y N 131 
HEM C4A  C  Y N 132 
HEM CMA  C  N N 133 
HEM CAA  C  N N 134 
HEM CBA  C  N N 135 
HEM CGA  C  N N 136 
HEM O1A  O  N N 137 
HEM O2A  O  N N 138 
HEM C1B  C  N N 139 
HEM C2B  C  N N 140 
HEM C3B  C  N N 141 
HEM C4B  C  N N 142 
HEM CMB  C  N N 143 
HEM CAB  C  N N 144 
HEM CBB  C  N N 145 
HEM C1C  C  Y N 146 
HEM C2C  C  Y N 147 
HEM C3C  C  Y N 148 
HEM C4C  C  Y N 149 
HEM CMC  C  N N 150 
HEM CAC  C  N N 151 
HEM CBC  C  N N 152 
HEM C1D  C  N N 153 
HEM C2D  C  N N 154 
HEM C3D  C  N N 155 
HEM C4D  C  N N 156 
HEM CMD  C  N N 157 
HEM CAD  C  N N 158 
HEM CBD  C  N N 159 
HEM CGD  C  N N 160 
HEM O1D  O  N N 161 
HEM O2D  O  N N 162 
HEM NA   N  Y N 163 
HEM NB   N  N N 164 
HEM NC   N  Y N 165 
HEM ND   N  N N 166 
HEM FE   FE N N 167 
HEM HHB  H  N N 168 
HEM HHC  H  N N 169 
HEM HHD  H  N N 170 
HEM HMA  H  N N 171 
HEM HMAA H  N N 172 
HEM HMAB H  N N 173 
HEM HAA  H  N N 174 
HEM HAAA H  N N 175 
HEM HBA  H  N N 176 
HEM HBAA H  N N 177 
HEM HMB  H  N N 178 
HEM HMBA H  N N 179 
HEM HMBB H  N N 180 
HEM HAB  H  N N 181 
HEM HBB  H  N N 182 
HEM HBBA H  N N 183 
HEM HMC  H  N N 184 
HEM HMCA H  N N 185 
HEM HMCB H  N N 186 
HEM HAC  H  N N 187 
HEM HBC  H  N N 188 
HEM HBCA H  N N 189 
HEM HMD  H  N N 190 
HEM HMDA H  N N 191 
HEM HMDB H  N N 192 
HEM HAD  H  N N 193 
HEM HADA H  N N 194 
HEM HBD  H  N N 195 
HEM HBDA H  N N 196 
HEM H2A  H  N N 197 
HEM H2D  H  N N 198 
HEM HHA  H  N N 199 
HIS N    N  N N 200 
HIS CA   C  N S 201 
HIS C    C  N N 202 
HIS O    O  N N 203 
HIS CB   C  N N 204 
HIS CG   C  Y N 205 
HIS ND1  N  Y N 206 
HIS CD2  C  Y N 207 
HIS CE1  C  Y N 208 
HIS NE2  N  Y N 209 
HIS OXT  O  N N 210 
HIS H    H  N N 211 
HIS H2   H  N N 212 
HIS HA   H  N N 213 
HIS HB2  H  N N 214 
HIS HB3  H  N N 215 
HIS HD1  H  N N 216 
HIS HD2  H  N N 217 
HIS HE1  H  N N 218 
HIS HE2  H  N N 219 
HIS HXT  H  N N 220 
HOH O    O  N N 221 
HOH H1   H  N N 222 
HOH H2   H  N N 223 
ILE N    N  N N 224 
ILE CA   C  N S 225 
ILE C    C  N N 226 
ILE O    O  N N 227 
ILE CB   C  N S 228 
ILE CG1  C  N N 229 
ILE CG2  C  N N 230 
ILE CD1  C  N N 231 
ILE OXT  O  N N 232 
ILE H    H  N N 233 
ILE H2   H  N N 234 
ILE HA   H  N N 235 
ILE HB   H  N N 236 
ILE HG12 H  N N 237 
ILE HG13 H  N N 238 
ILE HG21 H  N N 239 
ILE HG22 H  N N 240 
ILE HG23 H  N N 241 
ILE HD11 H  N N 242 
ILE HD12 H  N N 243 
ILE HD13 H  N N 244 
ILE HXT  H  N N 245 
LEU N    N  N N 246 
LEU CA   C  N S 247 
LEU C    C  N N 248 
LEU O    O  N N 249 
LEU CB   C  N N 250 
LEU CG   C  N N 251 
LEU CD1  C  N N 252 
LEU CD2  C  N N 253 
LEU OXT  O  N N 254 
LEU H    H  N N 255 
LEU H2   H  N N 256 
LEU HA   H  N N 257 
LEU HB2  H  N N 258 
LEU HB3  H  N N 259 
LEU HG   H  N N 260 
LEU HD11 H  N N 261 
LEU HD12 H  N N 262 
LEU HD13 H  N N 263 
LEU HD21 H  N N 264 
LEU HD22 H  N N 265 
LEU HD23 H  N N 266 
LEU HXT  H  N N 267 
LYS N    N  N N 268 
LYS CA   C  N S 269 
LYS C    C  N N 270 
LYS O    O  N N 271 
LYS CB   C  N N 272 
LYS CG   C  N N 273 
LYS CD   C  N N 274 
LYS CE   C  N N 275 
LYS NZ   N  N N 276 
LYS OXT  O  N N 277 
LYS H    H  N N 278 
LYS H2   H  N N 279 
LYS HA   H  N N 280 
LYS HB2  H  N N 281 
LYS HB3  H  N N 282 
LYS HG2  H  N N 283 
LYS HG3  H  N N 284 
LYS HD2  H  N N 285 
LYS HD3  H  N N 286 
LYS HE2  H  N N 287 
LYS HE3  H  N N 288 
LYS HZ1  H  N N 289 
LYS HZ2  H  N N 290 
LYS HZ3  H  N N 291 
LYS HXT  H  N N 292 
MET N    N  N N 293 
MET CA   C  N S 294 
MET C    C  N N 295 
MET O    O  N N 296 
MET CB   C  N N 297 
MET CG   C  N N 298 
MET SD   S  N N 299 
MET CE   C  N N 300 
MET OXT  O  N N 301 
MET H    H  N N 302 
MET H2   H  N N 303 
MET HA   H  N N 304 
MET HB2  H  N N 305 
MET HB3  H  N N 306 
MET HG2  H  N N 307 
MET HG3  H  N N 308 
MET HE1  H  N N 309 
MET HE2  H  N N 310 
MET HE3  H  N N 311 
MET HXT  H  N N 312 
PHE N    N  N N 313 
PHE CA   C  N S 314 
PHE C    C  N N 315 
PHE O    O  N N 316 
PHE CB   C  N N 317 
PHE CG   C  Y N 318 
PHE CD1  C  Y N 319 
PHE CD2  C  Y N 320 
PHE CE1  C  Y N 321 
PHE CE2  C  Y N 322 
PHE CZ   C  Y N 323 
PHE OXT  O  N N 324 
PHE H    H  N N 325 
PHE H2   H  N N 326 
PHE HA   H  N N 327 
PHE HB2  H  N N 328 
PHE HB3  H  N N 329 
PHE HD1  H  N N 330 
PHE HD2  H  N N 331 
PHE HE1  H  N N 332 
PHE HE2  H  N N 333 
PHE HZ   H  N N 334 
PHE HXT  H  N N 335 
PRO N    N  N N 336 
PRO CA   C  N S 337 
PRO C    C  N N 338 
PRO O    O  N N 339 
PRO CB   C  N N 340 
PRO CG   C  N N 341 
PRO CD   C  N N 342 
PRO OXT  O  N N 343 
PRO H    H  N N 344 
PRO HA   H  N N 345 
PRO HB2  H  N N 346 
PRO HB3  H  N N 347 
PRO HG2  H  N N 348 
PRO HG3  H  N N 349 
PRO HD2  H  N N 350 
PRO HD3  H  N N 351 
PRO HXT  H  N N 352 
SER N    N  N N 353 
SER CA   C  N S 354 
SER C    C  N N 355 
SER O    O  N N 356 
SER CB   C  N N 357 
SER OG   O  N N 358 
SER OXT  O  N N 359 
SER H    H  N N 360 
SER H2   H  N N 361 
SER HA   H  N N 362 
SER HB2  H  N N 363 
SER HB3  H  N N 364 
SER HG   H  N N 365 
SER HXT  H  N N 366 
THR N    N  N N 367 
THR CA   C  N S 368 
THR C    C  N N 369 
THR O    O  N N 370 
THR CB   C  N R 371 
THR OG1  O  N N 372 
THR CG2  C  N N 373 
THR OXT  O  N N 374 
THR H    H  N N 375 
THR H2   H  N N 376 
THR HA   H  N N 377 
THR HB   H  N N 378 
THR HG1  H  N N 379 
THR HG21 H  N N 380 
THR HG22 H  N N 381 
THR HG23 H  N N 382 
THR HXT  H  N N 383 
TRP N    N  N N 384 
TRP CA   C  N S 385 
TRP C    C  N N 386 
TRP O    O  N N 387 
TRP CB   C  N N 388 
TRP CG   C  Y N 389 
TRP CD1  C  Y N 390 
TRP CD2  C  Y N 391 
TRP NE1  N  Y N 392 
TRP CE2  C  Y N 393 
TRP CE3  C  Y N 394 
TRP CZ2  C  Y N 395 
TRP CZ3  C  Y N 396 
TRP CH2  C  Y N 397 
TRP OXT  O  N N 398 
TRP H    H  N N 399 
TRP H2   H  N N 400 
TRP HA   H  N N 401 
TRP HB2  H  N N 402 
TRP HB3  H  N N 403 
TRP HD1  H  N N 404 
TRP HE1  H  N N 405 
TRP HE3  H  N N 406 
TRP HZ2  H  N N 407 
TRP HZ3  H  N N 408 
TRP HH2  H  N N 409 
TRP HXT  H  N N 410 
TYR N    N  N N 411 
TYR CA   C  N S 412 
TYR C    C  N N 413 
TYR O    O  N N 414 
TYR CB   C  N N 415 
TYR CG   C  Y N 416 
TYR CD1  C  Y N 417 
TYR CD2  C  Y N 418 
TYR CE1  C  Y N 419 
TYR CE2  C  Y N 420 
TYR CZ   C  Y N 421 
TYR OH   O  N N 422 
TYR OXT  O  N N 423 
TYR H    H  N N 424 
TYR H2   H  N N 425 
TYR HA   H  N N 426 
TYR HB2  H  N N 427 
TYR HB3  H  N N 428 
TYR HD1  H  N N 429 
TYR HD2  H  N N 430 
TYR HE1  H  N N 431 
TYR HE2  H  N N 432 
TYR HH   H  N N 433 
TYR HXT  H  N N 434 
VAL N    N  N N 435 
VAL CA   C  N S 436 
VAL C    C  N N 437 
VAL O    O  N N 438 
VAL CB   C  N N 439 
VAL CG1  C  N N 440 
VAL CG2  C  N N 441 
VAL OXT  O  N N 442 
VAL H    H  N N 443 
VAL H2   H  N N 444 
VAL HA   H  N N 445 
VAL HB   H  N N 446 
VAL HG11 H  N N 447 
VAL HG12 H  N N 448 
VAL HG13 H  N N 449 
VAL HG21 H  N N 450 
VAL HG22 H  N N 451 
VAL HG23 H  N N 452 
VAL HXT  H  N N 453 
# 
loop_
_chem_comp_bond.comp_id 
_chem_comp_bond.atom_id_1 
_chem_comp_bond.atom_id_2 
_chem_comp_bond.value_order 
_chem_comp_bond.pdbx_aromatic_flag 
_chem_comp_bond.pdbx_stereo_config 
_chem_comp_bond.pdbx_ordinal 
ALA N   CA   sing N N 1   
ALA N   H    sing N N 2   
ALA N   H2   sing N N 3   
ALA CA  C    sing N N 4   
ALA CA  CB   sing N N 5   
ALA CA  HA   sing N N 6   
ALA C   O    doub N N 7   
ALA C   OXT  sing N N 8   
ALA CB  HB1  sing N N 9   
ALA CB  HB2  sing N N 10  
ALA CB  HB3  sing N N 11  
ALA OXT HXT  sing N N 12  
ARG N   CA   sing N N 13  
ARG N   H    sing N N 14  
ARG N   H2   sing N N 15  
ARG CA  C    sing N N 16  
ARG CA  CB   sing N N 17  
ARG CA  HA   sing N N 18  
ARG C   O    doub N N 19  
ARG C   OXT  sing N N 20  
ARG CB  CG   sing N N 21  
ARG CB  HB2  sing N N 22  
ARG CB  HB3  sing N N 23  
ARG CG  CD   sing N N 24  
ARG CG  HG2  sing N N 25  
ARG CG  HG3  sing N N 26  
ARG CD  NE   sing N N 27  
ARG CD  HD2  sing N N 28  
ARG CD  HD3  sing N N 29  
ARG NE  CZ   sing N N 30  
ARG NE  HE   sing N N 31  
ARG CZ  NH1  sing N N 32  
ARG CZ  NH2  doub N N 33  
ARG NH1 HH11 sing N N 34  
ARG NH1 HH12 sing N N 35  
ARG NH2 HH21 sing N N 36  
ARG NH2 HH22 sing N N 37  
ARG OXT HXT  sing N N 38  
ASN N   CA   sing N N 39  
ASN N   H    sing N N 40  
ASN N   H2   sing N N 41  
ASN CA  C    sing N N 42  
ASN CA  CB   sing N N 43  
ASN CA  HA   sing N N 44  
ASN C   O    doub N N 45  
ASN C   OXT  sing N N 46  
ASN CB  CG   sing N N 47  
ASN CB  HB2  sing N N 48  
ASN CB  HB3  sing N N 49  
ASN CG  OD1  doub N N 50  
ASN CG  ND2  sing N N 51  
ASN ND2 HD21 sing N N 52  
ASN ND2 HD22 sing N N 53  
ASN OXT HXT  sing N N 54  
ASP N   CA   sing N N 55  
ASP N   H    sing N N 56  
ASP N   H2   sing N N 57  
ASP CA  C    sing N N 58  
ASP CA  CB   sing N N 59  
ASP CA  HA   sing N N 60  
ASP C   O    doub N N 61  
ASP C   OXT  sing N N 62  
ASP CB  CG   sing N N 63  
ASP CB  HB2  sing N N 64  
ASP CB  HB3  sing N N 65  
ASP CG  OD1  doub N N 66  
ASP CG  OD2  sing N N 67  
ASP OD2 HD2  sing N N 68  
ASP OXT HXT  sing N N 69  
CYN C   N    trip N N 70  
GLN N   CA   sing N N 71  
GLN N   H    sing N N 72  
GLN N   H2   sing N N 73  
GLN CA  C    sing N N 74  
GLN CA  CB   sing N N 75  
GLN CA  HA   sing N N 76  
GLN C   O    doub N N 77  
GLN C   OXT  sing N N 78  
GLN CB  CG   sing N N 79  
GLN CB  HB2  sing N N 80  
GLN CB  HB3  sing N N 81  
GLN CG  CD   sing N N 82  
GLN CG  HG2  sing N N 83  
GLN CG  HG3  sing N N 84  
GLN CD  OE1  doub N N 85  
GLN CD  NE2  sing N N 86  
GLN NE2 HE21 sing N N 87  
GLN NE2 HE22 sing N N 88  
GLN OXT HXT  sing N N 89  
GLU N   CA   sing N N 90  
GLU N   H    sing N N 91  
GLU N   H2   sing N N 92  
GLU CA  C    sing N N 93  
GLU CA  CB   sing N N 94  
GLU CA  HA   sing N N 95  
GLU C   O    doub N N 96  
GLU C   OXT  sing N N 97  
GLU CB  CG   sing N N 98  
GLU CB  HB2  sing N N 99  
GLU CB  HB3  sing N N 100 
GLU CG  CD   sing N N 101 
GLU CG  HG2  sing N N 102 
GLU CG  HG3  sing N N 103 
GLU CD  OE1  doub N N 104 
GLU CD  OE2  sing N N 105 
GLU OE2 HE2  sing N N 106 
GLU OXT HXT  sing N N 107 
GLY N   CA   sing N N 108 
GLY N   H    sing N N 109 
GLY N   H2   sing N N 110 
GLY CA  C    sing N N 111 
GLY CA  HA2  sing N N 112 
GLY CA  HA3  sing N N 113 
GLY C   O    doub N N 114 
GLY C   OXT  sing N N 115 
GLY OXT HXT  sing N N 116 
HEM CHA C1A  sing N N 117 
HEM CHA C4D  doub N N 118 
HEM CHA HHA  sing N N 119 
HEM CHB C4A  sing N N 120 
HEM CHB C1B  doub N N 121 
HEM CHB HHB  sing N N 122 
HEM CHC C4B  sing N N 123 
HEM CHC C1C  doub N N 124 
HEM CHC HHC  sing N N 125 
HEM CHD C4C  doub N N 126 
HEM CHD C1D  sing N N 127 
HEM CHD HHD  sing N N 128 
HEM C1A C2A  doub Y N 129 
HEM C1A NA   sing Y N 130 
HEM C2A C3A  sing Y N 131 
HEM C2A CAA  sing N N 132 
HEM C3A C4A  doub Y N 133 
HEM C3A CMA  sing N N 134 
HEM C4A NA   sing Y N 135 
HEM CMA HMA  sing N N 136 
HEM CMA HMAA sing N N 137 
HEM CMA HMAB sing N N 138 
HEM CAA CBA  sing N N 139 
HEM CAA HAA  sing N N 140 
HEM CAA HAAA sing N N 141 
HEM CBA CGA  sing N N 142 
HEM CBA HBA  sing N N 143 
HEM CBA HBAA sing N N 144 
HEM CGA O1A  doub N N 145 
HEM CGA O2A  sing N N 146 
HEM C1B C2B  sing N N 147 
HEM C1B NB   sing N N 148 
HEM C2B C3B  doub N N 149 
HEM C2B CMB  sing N N 150 
HEM C3B C4B  sing N N 151 
HEM C3B CAB  sing N N 152 
HEM C4B NB   doub N N 153 
HEM CMB HMB  sing N N 154 
HEM CMB HMBA sing N N 155 
HEM CMB HMBB sing N N 156 
HEM CAB CBB  doub N N 157 
HEM CAB HAB  sing N N 158 
HEM CBB HBB  sing N N 159 
HEM CBB HBBA sing N N 160 
HEM C1C C2C  sing Y N 161 
HEM C1C NC   sing Y N 162 
HEM C2C C3C  doub Y N 163 
HEM C2C CMC  sing N N 164 
HEM C3C C4C  sing Y N 165 
HEM C3C CAC  sing N N 166 
HEM C4C NC   sing Y N 167 
HEM CMC HMC  sing N N 168 
HEM CMC HMCA sing N N 169 
HEM CMC HMCB sing N N 170 
HEM CAC CBC  doub N N 171 
HEM CAC HAC  sing N N 172 
HEM CBC HBC  sing N N 173 
HEM CBC HBCA sing N N 174 
HEM C1D C2D  sing N N 175 
HEM C1D ND   doub N N 176 
HEM C2D C3D  doub N N 177 
HEM C2D CMD  sing N N 178 
HEM C3D C4D  sing N N 179 
HEM C3D CAD  sing N N 180 
HEM C4D ND   sing N N 181 
HEM CMD HMD  sing N N 182 
HEM CMD HMDA sing N N 183 
HEM CMD HMDB sing N N 184 
HEM CAD CBD  sing N N 185 
HEM CAD HAD  sing N N 186 
HEM CAD HADA sing N N 187 
HEM CBD CGD  sing N N 188 
HEM CBD HBD  sing N N 189 
HEM CBD HBDA sing N N 190 
HEM CGD O1D  doub N N 191 
HEM CGD O2D  sing N N 192 
HEM O2A H2A  sing N N 193 
HEM O2D H2D  sing N N 194 
HEM FE  NA   sing N N 195 
HEM FE  NB   sing N N 196 
HEM FE  NC   sing N N 197 
HEM FE  ND   sing N N 198 
HIS N   CA   sing N N 199 
HIS N   H    sing N N 200 
HIS N   H2   sing N N 201 
HIS CA  C    sing N N 202 
HIS CA  CB   sing N N 203 
HIS CA  HA   sing N N 204 
HIS C   O    doub N N 205 
HIS C   OXT  sing N N 206 
HIS CB  CG   sing N N 207 
HIS CB  HB2  sing N N 208 
HIS CB  HB3  sing N N 209 
HIS CG  ND1  sing Y N 210 
HIS CG  CD2  doub Y N 211 
HIS ND1 CE1  doub Y N 212 
HIS ND1 HD1  sing N N 213 
HIS CD2 NE2  sing Y N 214 
HIS CD2 HD2  sing N N 215 
HIS CE1 NE2  sing Y N 216 
HIS CE1 HE1  sing N N 217 
HIS NE2 HE2  sing N N 218 
HIS OXT HXT  sing N N 219 
HOH O   H1   sing N N 220 
HOH O   H2   sing N N 221 
ILE N   CA   sing N N 222 
ILE N   H    sing N N 223 
ILE N   H2   sing N N 224 
ILE CA  C    sing N N 225 
ILE CA  CB   sing N N 226 
ILE CA  HA   sing N N 227 
ILE C   O    doub N N 228 
ILE C   OXT  sing N N 229 
ILE CB  CG1  sing N N 230 
ILE CB  CG2  sing N N 231 
ILE CB  HB   sing N N 232 
ILE CG1 CD1  sing N N 233 
ILE CG1 HG12 sing N N 234 
ILE CG1 HG13 sing N N 235 
ILE CG2 HG21 sing N N 236 
ILE CG2 HG22 sing N N 237 
ILE CG2 HG23 sing N N 238 
ILE CD1 HD11 sing N N 239 
ILE CD1 HD12 sing N N 240 
ILE CD1 HD13 sing N N 241 
ILE OXT HXT  sing N N 242 
LEU N   CA   sing N N 243 
LEU N   H    sing N N 244 
LEU N   H2   sing N N 245 
LEU CA  C    sing N N 246 
LEU CA  CB   sing N N 247 
LEU CA  HA   sing N N 248 
LEU C   O    doub N N 249 
LEU C   OXT  sing N N 250 
LEU CB  CG   sing N N 251 
LEU CB  HB2  sing N N 252 
LEU CB  HB3  sing N N 253 
LEU CG  CD1  sing N N 254 
LEU CG  CD2  sing N N 255 
LEU CG  HG   sing N N 256 
LEU CD1 HD11 sing N N 257 
LEU CD1 HD12 sing N N 258 
LEU CD1 HD13 sing N N 259 
LEU CD2 HD21 sing N N 260 
LEU CD2 HD22 sing N N 261 
LEU CD2 HD23 sing N N 262 
LEU OXT HXT  sing N N 263 
LYS N   CA   sing N N 264 
LYS N   H    sing N N 265 
LYS N   H2   sing N N 266 
LYS CA  C    sing N N 267 
LYS CA  CB   sing N N 268 
LYS CA  HA   sing N N 269 
LYS C   O    doub N N 270 
LYS C   OXT  sing N N 271 
LYS CB  CG   sing N N 272 
LYS CB  HB2  sing N N 273 
LYS CB  HB3  sing N N 274 
LYS CG  CD   sing N N 275 
LYS CG  HG2  sing N N 276 
LYS CG  HG3  sing N N 277 
LYS CD  CE   sing N N 278 
LYS CD  HD2  sing N N 279 
LYS CD  HD3  sing N N 280 
LYS CE  NZ   sing N N 281 
LYS CE  HE2  sing N N 282 
LYS CE  HE3  sing N N 283 
LYS NZ  HZ1  sing N N 284 
LYS NZ  HZ2  sing N N 285 
LYS NZ  HZ3  sing N N 286 
LYS OXT HXT  sing N N 287 
MET N   CA   sing N N 288 
MET N   H    sing N N 289 
MET N   H2   sing N N 290 
MET CA  C    sing N N 291 
MET CA  CB   sing N N 292 
MET CA  HA   sing N N 293 
MET C   O    doub N N 294 
MET C   OXT  sing N N 295 
MET CB  CG   sing N N 296 
MET CB  HB2  sing N N 297 
MET CB  HB3  sing N N 298 
MET CG  SD   sing N N 299 
MET CG  HG2  sing N N 300 
MET CG  HG3  sing N N 301 
MET SD  CE   sing N N 302 
MET CE  HE1  sing N N 303 
MET CE  HE2  sing N N 304 
MET CE  HE3  sing N N 305 
MET OXT HXT  sing N N 306 
PHE N   CA   sing N N 307 
PHE N   H    sing N N 308 
PHE N   H2   sing N N 309 
PHE CA  C    sing N N 310 
PHE CA  CB   sing N N 311 
PHE CA  HA   sing N N 312 
PHE C   O    doub N N 313 
PHE C   OXT  sing N N 314 
PHE CB  CG   sing N N 315 
PHE CB  HB2  sing N N 316 
PHE CB  HB3  sing N N 317 
PHE CG  CD1  doub Y N 318 
PHE CG  CD2  sing Y N 319 
PHE CD1 CE1  sing Y N 320 
PHE CD1 HD1  sing N N 321 
PHE CD2 CE2  doub Y N 322 
PHE CD2 HD2  sing N N 323 
PHE CE1 CZ   doub Y N 324 
PHE CE1 HE1  sing N N 325 
PHE CE2 CZ   sing Y N 326 
PHE CE2 HE2  sing N N 327 
PHE CZ  HZ   sing N N 328 
PHE OXT HXT  sing N N 329 
PRO N   CA   sing N N 330 
PRO N   CD   sing N N 331 
PRO N   H    sing N N 332 
PRO CA  C    sing N N 333 
PRO CA  CB   sing N N 334 
PRO CA  HA   sing N N 335 
PRO C   O    doub N N 336 
PRO C   OXT  sing N N 337 
PRO CB  CG   sing N N 338 
PRO CB  HB2  sing N N 339 
PRO CB  HB3  sing N N 340 
PRO CG  CD   sing N N 341 
PRO CG  HG2  sing N N 342 
PRO CG  HG3  sing N N 343 
PRO CD  HD2  sing N N 344 
PRO CD  HD3  sing N N 345 
PRO OXT HXT  sing N N 346 
SER N   CA   sing N N 347 
SER N   H    sing N N 348 
SER N   H2   sing N N 349 
SER CA  C    sing N N 350 
SER CA  CB   sing N N 351 
SER CA  HA   sing N N 352 
SER C   O    doub N N 353 
SER C   OXT  sing N N 354 
SER CB  OG   sing N N 355 
SER CB  HB2  sing N N 356 
SER CB  HB3  sing N N 357 
SER OG  HG   sing N N 358 
SER OXT HXT  sing N N 359 
THR N   CA   sing N N 360 
THR N   H    sing N N 361 
THR N   H2   sing N N 362 
THR CA  C    sing N N 363 
THR CA  CB   sing N N 364 
THR CA  HA   sing N N 365 
THR C   O    doub N N 366 
THR C   OXT  sing N N 367 
THR CB  OG1  sing N N 368 
THR CB  CG2  sing N N 369 
THR CB  HB   sing N N 370 
THR OG1 HG1  sing N N 371 
THR CG2 HG21 sing N N 372 
THR CG2 HG22 sing N N 373 
THR CG2 HG23 sing N N 374 
THR OXT HXT  sing N N 375 
TRP N   CA   sing N N 376 
TRP N   H    sing N N 377 
TRP N   H2   sing N N 378 
TRP CA  C    sing N N 379 
TRP CA  CB   sing N N 380 
TRP CA  HA   sing N N 381 
TRP C   O    doub N N 382 
TRP C   OXT  sing N N 383 
TRP CB  CG   sing N N 384 
TRP CB  HB2  sing N N 385 
TRP CB  HB3  sing N N 386 
TRP CG  CD1  doub Y N 387 
TRP CG  CD2  sing Y N 388 
TRP CD1 NE1  sing Y N 389 
TRP CD1 HD1  sing N N 390 
TRP CD2 CE2  doub Y N 391 
TRP CD2 CE3  sing Y N 392 
TRP NE1 CE2  sing Y N 393 
TRP NE1 HE1  sing N N 394 
TRP CE2 CZ2  sing Y N 395 
TRP CE3 CZ3  doub Y N 396 
TRP CE3 HE3  sing N N 397 
TRP CZ2 CH2  doub Y N 398 
TRP CZ2 HZ2  sing N N 399 
TRP CZ3 CH2  sing Y N 400 
TRP CZ3 HZ3  sing N N 401 
TRP CH2 HH2  sing N N 402 
TRP OXT HXT  sing N N 403 
TYR N   CA   sing N N 404 
TYR N   H    sing N N 405 
TYR N   H2   sing N N 406 
TYR CA  C    sing N N 407 
TYR CA  CB   sing N N 408 
TYR CA  HA   sing N N 409 
TYR C   O    doub N N 410 
TYR C   OXT  sing N N 411 
TYR CB  CG   sing N N 412 
TYR CB  HB2  sing N N 413 
TYR CB  HB3  sing N N 414 
TYR CG  CD1  doub Y N 415 
TYR CG  CD2  sing Y N 416 
TYR CD1 CE1  sing Y N 417 
TYR CD1 HD1  sing N N 418 
TYR CD2 CE2  doub Y N 419 
TYR CD2 HD2  sing N N 420 
TYR CE1 CZ   doub Y N 421 
TYR CE1 HE1  sing N N 422 
TYR CE2 CZ   sing Y N 423 
TYR CE2 HE2  sing N N 424 
TYR CZ  OH   sing N N 425 
TYR OH  HH   sing N N 426 
TYR OXT HXT  sing N N 427 
VAL N   CA   sing N N 428 
VAL N   H    sing N N 429 
VAL N   H2   sing N N 430 
VAL CA  C    sing N N 431 
VAL CA  CB   sing N N 432 
VAL CA  HA   sing N N 433 
VAL C   O    doub N N 434 
VAL C   OXT  sing N N 435 
VAL CB  CG1  sing N N 436 
VAL CB  CG2  sing N N 437 
VAL CB  HB   sing N N 438 
VAL CG1 HG11 sing N N 439 
VAL CG1 HG12 sing N N 440 
VAL CG1 HG13 sing N N 441 
VAL CG2 HG21 sing N N 442 
VAL CG2 HG22 sing N N 443 
VAL CG2 HG23 sing N N 444 
VAL OXT HXT  sing N N 445 
# 
_atom_sites.entry_id                    2LH3 
_atom_sites.fract_transf_matrix[1][1]   0.00904805 
_atom_sites.fract_transf_matrix[1][2]   0.00098144 
_atom_sites.fract_transf_matrix[1][3]   -0.00592843 
_atom_sites.fract_transf_vector[1]      0.216193 
_atom_sites.fract_transf_matrix[2][1]   0.01650343 
_atom_sites.fract_transf_matrix[2][2]   -0.01350104 
_atom_sites.fract_transf_matrix[2][3]   0.01548504 
_atom_sites.fract_transf_vector[2]      0.185847 
_atom_sites.fract_transf_matrix[3][1]   -0.00440371 
_atom_sites.fract_transf_matrix[3][2]   -0.01616011 
_atom_sites.fract_transf_matrix[3][3]   -0.00939629 
_atom_sites.fract_transf_vector[3]      0.002614 
# 
_atom_sites_footnote.id     1 
_atom_sites_footnote.text   'THIS ATOM WAS NOT RESOLVED IN THE FOURIER MAP.' 
# 
loop_
_atom_type.symbol 
C  
FE 
N  
O  
S  
# 
loop_
_atom_site.group_PDB 
_atom_site.id 
_atom_site.type_symbol 
_atom_site.label_atom_id 
_atom_site.label_alt_id 
_atom_site.label_comp_id 
_atom_site.label_asym_id 
_atom_site.label_entity_id 
_atom_site.label_seq_id 
_atom_site.pdbx_PDB_ins_code 
_atom_site.Cartn_x 
_atom_site.Cartn_y 
_atom_site.Cartn_z 
_atom_site.occupancy 
_atom_site.B_iso_or_equiv 
_atom_site.pdbx_formal_charge 
_atom_site.auth_seq_id 
_atom_site.auth_comp_id 
_atom_site.auth_asym_id 
_atom_site.auth_atom_id 
_atom_site.pdbx_PDB_model_num 
ATOM   1    N  N   . GLY A 1 1   ? -18.095 6.284   -6.961  1.00 67.33 ? 1   GLY A N   1 
ATOM   2    C  CA  . GLY A 1 1   ? -18.501 6.601   -5.639  1.00 64.64 ? 1   GLY A CA  1 
ATOM   3    C  C   . GLY A 1 1   ? -18.125 7.997   -5.171  1.00 68.26 ? 1   GLY A C   1 
ATOM   4    O  O   . GLY A 1 1   ? -18.862 8.611   -4.320  0.00 0.00  ? 1   GLY A O   1 
ATOM   5    N  N   . ALA A 1 2   ? -17.077 8.477   -5.801  1.00 71.33 ? 2   ALA A N   1 
ATOM   6    C  CA  . ALA A 1 2   ? -16.514 9.810   -5.663  1.00 61.44 ? 2   ALA A CA  1 
ATOM   7    C  C   . ALA A 1 2   ? -15.487 10.046  -4.540  1.00 47.12 ? 2   ALA A C   1 
ATOM   8    O  O   . ALA A 1 2   ? -14.455 10.772  -4.673  1.00 55.83 ? 2   ALA A O   1 
ATOM   9    C  CB  . ALA A 1 2   ? -17.721 10.927  -5.659  0.00 0.00  ? 2   ALA A CB  1 
ATOM   10   N  N   . LEU A 1 3   ? -15.957 9.699   -3.448  1.00 56.04 ? 3   LEU A N   1 
ATOM   11   C  CA  . LEU A 1 3   ? -15.403 10.105  -2.175  1.00 30.14 ? 3   LEU A CA  1 
ATOM   12   C  C   . LEU A 1 3   ? -16.294 11.253  -1.542  1.00 34.81 ? 3   LEU A C   1 
ATOM   13   O  O   . LEU A 1 3   ? -15.933 12.435  -1.529  1.00 29.81 ? 3   LEU A O   1 
ATOM   14   C  CB  . LEU A 1 3   ? -13.765 10.233  -2.008  1.00 34.51 ? 3   LEU A CB  1 
ATOM   15   C  CG  . LEU A 1 3   ? -13.006 8.874   -1.773  1.00 33.15 ? 3   LEU A CG  1 
ATOM   16   C  CD1 . LEU A 1 3   ? -11.625 8.610   -2.544  1.00 45.81 ? 3   LEU A CD1 1 
ATOM   17   C  CD2 . LEU A 1 3   ? -12.722 8.710   -0.349  1.00 35.20 ? 3   LEU A CD2 1 
ATOM   18   N  N   . THR A 1 4   ? -17.413 10.832  -0.995  1.00 19.21 ? 4   THR A N   1 
ATOM   19   C  CA  . THR A 1 4   ? -18.392 11.661  -0.201  1.00 27.72 ? 4   THR A CA  1 
ATOM   20   C  C   . THR A 1 4   ? -17.772 11.788  1.139   1.00 17.70 ? 4   THR A C   1 
ATOM   21   O  O   . THR A 1 4   ? -16.745 11.012  1.478   1.00 21.21 ? 4   THR A O   1 
ATOM   22   C  CB  . THR A 1 4   ? -19.814 10.969  -0.141  1.00 35.90 ? 4   THR A CB  1 
ATOM   23   O  OG1 . THR A 1 4   ? -19.587 9.886   0.671   1.00 39.53 ? 4   THR A OG1 1 
ATOM   24   C  CG2 . THR A 1 4   ? -20.331 10.462  -1.469  1.00 26.90 ? 4   THR A CG2 1 
ATOM   25   N  N   . GLU A 1 5   ? -18.355 12.761  1.844   1.00 13.76 ? 5   GLU A N   1 
ATOM   26   C  CA  . GLU A 1 5   ? -17.888 13.043  3.148   1.00 18.20 ? 5   GLU A CA  1 
ATOM   27   C  C   . GLU A 1 5   ? -18.029 11.853  3.952   1.00 29.88 ? 5   GLU A C   1 
ATOM   28   O  O   . GLU A 1 5   ? -17.067 11.577  4.765   1.00 26.20 ? 5   GLU A O   1 
ATOM   29   C  CB  . GLU A 1 5   ? -18.775 14.277  3.682   1.00 31.62 ? 5   GLU A CB  1 
ATOM   30   C  CG  . GLU A 1 5   ? -18.132 14.878  4.927   1.00 58.59 ? 5   GLU A CG  1 
ATOM   31   C  CD  . GLU A 1 5   ? -18.773 16.297  5.143   1.00 66.32 ? 5   GLU A CD  1 
ATOM   32   O  OE1 . GLU A 1 5   ? -18.303 17.197  4.516   1.00 55.75 ? 5   GLU A OE1 1 
ATOM   33   O  OE2 . GLU A 1 5   ? -19.984 16.496  5.647   1.00 57.17 ? 5   GLU A OE2 1 
ATOM   34   N  N   . SER A 1 6   ? -19.065 11.062  3.595   1.00 24.30 ? 6   SER A N   1 
ATOM   35   C  CA  . SER A 1 6   ? -19.258 9.845   4.246   1.00 12.63 ? 6   SER A CA  1 
ATOM   36   C  C   . SER A 1 6   ? -18.151 8.729   3.877   1.00 11.40 ? 6   SER A C   1 
ATOM   37   O  O   . SER A 1 6   ? -17.590 8.031   4.723   1.00 18.44 ? 6   SER A O   1 
ATOM   38   C  CB  . SER A 1 6   ? -20.783 9.344   4.043   1.00 16.32 ? 6   SER A CB  1 
ATOM   39   O  OG  . SER A 1 6   ? -20.900 8.684   2.814   1.00 52.59 ? 6   SER A OG  1 
ATOM   40   N  N   . GLN A 1 7   ? -17.809 8.614   2.670   1.00 8.34  ? 7   GLN A N   1 
ATOM   41   C  CA  . GLN A 1 7   ? -16.707 7.612   2.226   1.00 14.09 ? 7   GLN A CA  1 
ATOM   42   C  C   . GLN A 1 7   ? -15.253 7.883   2.850   1.00 14.53 ? 7   GLN A C   1 
ATOM   43   O  O   . GLN A 1 7   ? -14.459 6.939   3.247   1.00 19.78 ? 7   GLN A O   1 
ATOM   44   C  CB  . GLN A 1 7   ? -16.548 7.576   0.778   1.00 13.29 ? 7   GLN A CB  1 
ATOM   45   C  CG  . GLN A 1 7   ? -17.741 6.807   0.081   1.00 21.45 ? 7   GLN A CG  1 
ATOM   46   C  CD  . GLN A 1 7   ? -17.545 6.850   -1.342  1.00 32.54 ? 7   GLN A CD  1 
ATOM   47   O  OE1 . GLN A 1 7   ? -17.620 7.959   -1.826  1.00 34.21 ? 7   GLN A OE1 1 
ATOM   48   N  NE2 . GLN A 1 7   ? -17.773 5.719   -1.991  1.00 39.26 ? 7   GLN A NE2 1 
ATOM   49   N  N   . ALA A 1 8   ? -14.982 9.146   2.980   1.00 18.20 ? 8   ALA A N   1 
ATOM   50   C  CA  . ALA A 1 8   ? -13.632 9.578   3.563   1.00 35.86 ? 8   ALA A CA  1 
ATOM   51   C  C   . ALA A 1 8   ? -13.534 9.302   4.965   1.00 30.98 ? 8   ALA A C   1 
ATOM   52   O  O   . ALA A 1 8   ? -12.368 8.848   5.441   1.00 19.47 ? 8   ALA A O   1 
ATOM   53   C  CB  . ALA A 1 8   ? -13.467 11.067  3.389   1.00 17.94 ? 8   ALA A CB  1 
ATOM   54   N  N   . ALA A 1 9   ? -14.765 9.486   5.563   1.00 24.53 ? 9   ALA A N   1 
ATOM   55   C  CA  . ALA A 1 9   ? -14.866 9.223   6.904   1.00 17.90 ? 9   ALA A CA  1 
ATOM   56   C  C   . ALA A 1 9   ? -14.578 7.753   7.121   1.00 22.87 ? 9   ALA A C   1 
ATOM   57   O  O   . ALA A 1 9   ? -13.835 7.395   8.064   1.00 24.17 ? 9   ALA A O   1 
ATOM   58   C  CB  . ALA A 1 9   ? -16.369 9.677   7.395   1.00 15.94 ? 9   ALA A CB  1 
ATOM   59   N  N   . LEU A 1 10  ? -15.056 6.949   6.204   1.00 18.74 ? 10  LEU A N   1 
ATOM   60   C  CA  . LEU A 1 10  ? -14.806 5.506   6.235   1.00 18.63 ? 10  LEU A CA  1 
ATOM   61   C  C   . LEU A 1 10  ? -13.231 5.068   6.039   1.00 16.89 ? 10  LEU A C   1 
ATOM   62   O  O   . LEU A 1 10  ? -12.653 4.191   6.714   1.00 11.80 ? 10  LEU A O   1 
ATOM   63   C  CB  . LEU A 1 10  ? -15.760 4.769   5.253   1.00 20.12 ? 10  LEU A CB  1 
ATOM   64   C  CG  . LEU A 1 10  ? -17.352 4.854   5.636   1.00 20.87 ? 10  LEU A CG  1 
ATOM   65   C  CD1 . LEU A 1 10  ? -18.320 4.261   4.573   1.00 27.20 ? 10  LEU A CD1 1 
ATOM   66   C  CD2 . LEU A 1 10  ? -17.542 4.180   6.887   1.00 23.88 ? 10  LEU A CD2 1 
ATOM   67   N  N   . VAL A 1 11  ? -12.547 5.704   5.200   1.00 15.54 ? 11  VAL A N   1 
ATOM   68   C  CA  . VAL A 1 11  ? -11.005 5.381   5.015   1.00 15.35 ? 11  VAL A CA  1 
ATOM   69   C  C   . VAL A 1 11  ? -10.121 5.779   6.196   1.00 23.80 ? 11  VAL A C   1 
ATOM   70   O  O   . VAL A 1 11  ? -9.183  4.968   6.624   1.00 20.13 ? 11  VAL A O   1 
ATOM   71   C  CB  . VAL A 1 11  ? -10.439 6.000   3.837   1.00 13.24 ? 11  VAL A CB  1 
ATOM   72   C  CG1 . VAL A 1 11  ? -8.783  5.808   3.732   1.00 8.63  ? 11  VAL A CG1 1 
ATOM   73   C  CG2 . VAL A 1 11  ? -11.178 5.439   2.623   1.00 12.02 ? 11  VAL A CG2 1 
ATOM   74   N  N   . LYS A 1 12  ? -10.520 6.931   6.770   1.00 21.89 ? 12  LYS A N   1 
ATOM   75   C  CA  . LYS A 1 12  ? -9.742  7.436   7.901   1.00 11.53 ? 12  LYS A CA  1 
ATOM   76   C  C   . LYS A 1 12  ? -9.851  6.582   9.028   1.00 11.94 ? 12  LYS A C   1 
ATOM   77   O  O   . LYS A 1 12  ? -8.727  6.204   9.621   1.00 16.98 ? 12  LYS A O   1 
ATOM   78   C  CB  . LYS A 1 12  ? -10.218 8.889   8.277   1.00 18.87 ? 12  LYS A CB  1 
ATOM   79   C  CG  . LYS A 1 12  ? -9.279  9.418   9.392   1.00 26.76 ? 12  LYS A CG  1 
ATOM   80   C  CD  . LYS A 1 12  ? -9.520  10.919  9.682   1.00 38.90 ? 12  LYS A CD  1 
ATOM   81   C  CE  . LYS A 1 12  ? -8.626  11.371  10.857  1.00 42.24 ? 12  LYS A CE  1 
ATOM   82   N  NZ  . LYS A 1 12  ? -7.113  10.882  10.723  0.00 0.00  ? 12  LYS A NZ  1 
ATOM   83   N  N   . SER A 1 13  ? -11.154 6.214   9.240   1.00 7.37  ? 13  SER A N   1 
ATOM   84   C  CA  . SER A 1 13  ? -11.429 5.360   10.270  1.00 12.60 ? 13  SER A CA  1 
ATOM   85   C  C   . SER A 1 13  ? -10.638 3.993   10.139  1.00 24.72 ? 13  SER A C   1 
ATOM   86   O  O   . SER A 1 13  ? -10.012 3.498   11.083  1.00 13.23 ? 13  SER A O   1 
ATOM   87   C  CB  . SER A 1 13  ? -13.051 5.170   10.331  1.00 5.10  ? 13  SER A CB  1 
ATOM   88   O  OG  . SER A 1 13  ? -13.293 4.401   11.392  1.00 48.45 ? 13  SER A OG  1 
ATOM   89   N  N   . SER A 1 14  ? -10.705 3.386   9.006   1.00 21.53 ? 14  SER A N   1 
ATOM   90   C  CA  . SER A 1 14  ? -10.009 2.056   8.758   1.00 10.70 ? 14  SER A CA  1 
ATOM   91   C  C   . SER A 1 14  ? -8.376  2.103   8.772   1.00 12.10 ? 14  SER A C   1 
ATOM   92   O  O   . SER A 1 14  ? -7.589  1.167   9.185   1.00 13.21 ? 14  SER A O   1 
ATOM   93   C  CB  . SER A 1 14  ? -10.516 1.429   7.476   1.00 18.07 ? 14  SER A CB  1 
ATOM   94   O  OG  . SER A 1 14  ? -10.168 2.250   6.485   1.00 20.97 ? 14  SER A OG  1 
ATOM   95   N  N   . TRP A 1 15  ? -7.899  3.230   8.453   1.00 14.58 ? 15  TRP A N   1 
ATOM   96   C  CA  . TRP A 1 15  ? -6.359  3.426   8.531   1.00 21.10 ? 15  TRP A CA  1 
ATOM   97   C  C   . TRP A 1 15  ? -5.822  3.584   9.903   1.00 28.14 ? 15  TRP A C   1 
ATOM   98   O  O   . TRP A 1 15  ? -4.634  3.036   10.244  1.00 10.19 ? 15  TRP A O   1 
ATOM   99   C  CB  . TRP A 1 15  ? -5.981  4.612   7.774   1.00 15.28 ? 15  TRP A CB  1 
ATOM   100  C  CG  . TRP A 1 15  ? -4.351  4.791   7.867   1.00 39.87 ? 15  TRP A CG  1 
ATOM   101  C  CD1 . TRP A 1 15  ? -3.255  4.062   7.311   1.00 28.42 ? 15  TRP A CD1 1 
ATOM   102  C  CD2 . TRP A 1 15  ? -3.703  5.748   8.657   1.00 18.55 ? 15  TRP A CD2 1 
ATOM   103  N  NE1 . TRP A 1 15  ? -1.933  4.565   7.735   1.00 27.82 ? 15  TRP A NE1 1 
ATOM   104  C  CE2 . TRP A 1 15  ? -2.203  5.551   8.515   1.00 37.36 ? 15  TRP A CE2 1 
ATOM   105  C  CE3 . TRP A 1 15  ? -4.309  6.734   9.471   1.00 12.34 ? 15  TRP A CE3 1 
ATOM   106  C  CZ2 . TRP A 1 15  ? -1.239  6.347   9.168   1.00 33.08 ? 15  TRP A CZ2 1 
ATOM   107  C  CZ3 . TRP A 1 15  ? -3.339  7.528   10.134  1.00 44.98 ? 15  TRP A CZ3 1 
ATOM   108  C  CH2 . TRP A 1 15  ? -1.852  7.343   9.983   1.00 56.69 ? 15  TRP A CH2 1 
ATOM   109  N  N   . GLU A 1 16  ? -6.740  4.208   10.688  1.00 19.70 ? 16  GLU A N   1 
ATOM   110  C  CA  . GLU A 1 16  ? -6.356  4.318   12.037  1.00 28.26 ? 16  GLU A CA  1 
ATOM   111  C  C   . GLU A 1 16  ? -6.320  2.980   12.640  1.00 30.82 ? 16  GLU A C   1 
ATOM   112  O  O   . GLU A 1 16  ? -5.239  2.644   13.313  1.00 22.43 ? 16  GLU A O   1 
ATOM   113  C  CB  . GLU A 1 16  ? -7.331  5.372   12.756  1.00 21.85 ? 16  GLU A CB  1 
ATOM   114  C  CG  . GLU A 1 16  ? -7.090  6.772   12.323  1.00 30.80 ? 16  GLU A CG  1 
ATOM   115  C  CD  . GLU A 1 16  ? -8.165  7.770   12.971  1.00 45.83 ? 16  GLU A CD  1 
ATOM   116  O  OE1 . GLU A 1 16  ? -9.372  7.392   13.272  1.00 46.38 ? 16  GLU A OE1 1 
ATOM   117  O  OE2 . GLU A 1 16  ? -8.035  8.988   12.859  1.00 47.30 ? 16  GLU A OE2 1 
ATOM   118  N  N   . GLU A 1 17  ? -7.318  2.163   12.224  1.00 12.42 ? 17  GLU A N   1 
ATOM   119  C  CA  . GLU A 1 17  ? -7.260  0.788   12.610  1.00 5.18  ? 17  GLU A CA  1 
ATOM   120  C  C   . GLU A 1 17  ? -5.896  -0.013  12.194  1.00 16.86 ? 17  GLU A C   1 
ATOM   121  O  O   . GLU A 1 17  ? -5.281  -0.794  12.944  1.00 17.37 ? 17  GLU A O   1 
ATOM   122  C  CB  . GLU A 1 17  ? -8.569  0.023   12.142  1.00 7.36  ? 17  GLU A CB  1 
ATOM   123  C  CG  . GLU A 1 17  ? -9.894  0.351   12.972  1.00 33.58 ? 17  GLU A CG  1 
ATOM   124  C  CD  . GLU A 1 17  ? -10.956 -0.732  12.683  1.00 48.42 ? 17  GLU A CD  1 
ATOM   125  O  OE1 . GLU A 1 17  ? -10.860 -1.746  13.322  1.00 45.51 ? 17  GLU A OE1 1 
ATOM   126  O  OE2 . GLU A 1 17  ? -11.477 -0.850  11.581  1.00 46.20 ? 17  GLU A OE2 1 
ATOM   127  N  N   . PHE A 1 18  ? -5.431  0.208   11.063  1.00 21.16 ? 18  PHE A N   1 
ATOM   128  C  CA  . PHE A 1 18  ? -4.100  -0.462  10.558  1.00 9.85  ? 18  PHE A CA  1 
ATOM   129  C  C   . PHE A 1 18  ? -2.807  -0.081  11.392  1.00 12.52 ? 18  PHE A C   1 
ATOM   130  O  O   . PHE A 1 18  ? -1.866  -0.931  11.755  1.00 17.41 ? 18  PHE A O   1 
ATOM   131  C  CB  . PHE A 1 18  ? -3.888  -0.064  9.186   1.00 11.74 ? 18  PHE A CB  1 
ATOM   132  C  CG  . PHE A 1 18  ? -2.433  -0.595  8.623   1.00 15.12 ? 18  PHE A CG  1 
ATOM   133  C  CD1 . PHE A 1 18  ? -2.283  -1.874  8.096   1.00 19.58 ? 18  PHE A CD1 1 
ATOM   134  C  CD2 . PHE A 1 18  ? -1.273  0.203   8.656   1.00 20.71 ? 18  PHE A CD2 1 
ATOM   135  C  CE1 . PHE A 1 18  ? -0.966  -2.362  7.614   1.00 17.44 ? 18  PHE A CE1 1 
ATOM   136  C  CE2 . PHE A 1 18  ? 0.049   -0.281  8.182   1.00 13.99 ? 18  PHE A CE2 1 
ATOM   137  C  CZ  . PHE A 1 18  ? 0.203   -1.566  7.662   1.00 8.76  ? 18  PHE A CZ  1 
ATOM   138  N  N   . ASN A 1 19  ? -2.754  1.189   11.660  1.00 19.94 ? 19  ASN A N   1 
ATOM   139  C  CA  . ASN A 1 19  ? -1.506  1.728   12.323  1.00 14.69 ? 19  ASN A CA  1 
ATOM   140  C  C   . ASN A 1 19  ? -1.416  1.348   13.698  1.00 23.87 ? 19  ASN A C   1 
ATOM   141  O  O   . ASN A 1 19  ? -0.284  1.501   14.352  1.00 27.20 ? 19  ASN A O   1 
ATOM   142  C  CB  . ASN A 1 19  ? -1.629  3.245   12.265  1.00 17.56 ? 19  ASN A CB  1 
ATOM   143  C  CG  . ASN A 1 19  ? -0.132  3.734   12.086  1.00 35.14 ? 19  ASN A CG  1 
ATOM   144  O  OD1 . ASN A 1 19  ? 0.480   3.447   11.051  1.00 39.45 ? 19  ASN A OD1 1 
ATOM   145  N  ND2 . ASN A 1 19  ? 0.180   4.754   12.853  1.00 44.50 ? 19  ASN A ND2 1 
ATOM   146  N  N   . ALA A 1 20  ? -2.598  0.852   14.103  1.00 20.69 ? 20  ALA A N   1 
ATOM   147  C  CA  . ALA A 1 20  ? -2.716  0.461   15.405  1.00 11.76 ? 20  ALA A CA  1 
ATOM   148  C  C   . ALA A 1 20  ? -1.848  -0.822  15.643  1.00 28.05 ? 20  ALA A C   1 
ATOM   149  O  O   . ALA A 1 20  ? -1.568  -1.137  16.759  1.00 28.67 ? 20  ALA A O   1 
ATOM   150  C  CB  . ALA A 1 20  ? -4.298  0.304   15.752  1.00 28.65 ? 20  ALA A CB  1 
ATOM   151  N  N   . ASN A 1 21  ? -1.433  -1.534  14.627  1.00 17.03 ? 21  ASN A N   1 
ATOM   152  C  CA  . ASN A 1 21  ? -0.552  -2.776  14.744  1.00 14.11 ? 21  ASN A CA  1 
ATOM   153  C  C   . ASN A 1 21  ? 0.442   -3.102  13.634  1.00 10.88 ? 21  ASN A C   1 
ATOM   154  O  O   . ASN A 1 21  ? 0.329   -4.160  12.964  1.00 16.63 ? 21  ASN A O   1 
ATOM   155  C  CB  . ASN A 1 21  ? -1.494  -3.945  14.940  1.00 5.26  ? 21  ASN A CB  1 
ATOM   156  C  CG  . ASN A 1 21  ? -0.593  -5.046  15.567  1.00 8.59  ? 21  ASN A CG  1 
ATOM   157  O  OD1 . ASN A 1 21  ? -1.207  -5.990  16.006  1.00 30.84 ? 21  ASN A OD1 1 
ATOM   158  N  ND2 . ASN A 1 21  ? 0.810   -4.944  15.580  1.00 12.46 ? 21  ASN A ND2 1 
ATOM   159  N  N   . ILE A 1 22  ? 1.359   -2.193  13.468  1.00 9.67  ? 22  ILE A N   1 
ATOM   160  C  CA  . ILE A 1 22  ? 2.488   -2.316  12.518  1.00 10.88 ? 22  ILE A CA  1 
ATOM   161  C  C   . ILE A 1 22  ? 3.282   -3.677  12.404  1.00 5.15  ? 22  ILE A C   1 
ATOM   162  O  O   . ILE A 1 22  ? 3.254   -4.277  11.336  1.00 11.66 ? 22  ILE A O   1 
ATOM   163  C  CB  . ILE A 1 22  ? 3.558   -1.196  12.662  1.00 12.76 ? 22  ILE A CB  1 
ATOM   164  C  CG1 . ILE A 1 22  ? 2.819   0.170   12.391  1.00 22.83 ? 22  ILE A CG1 1 
ATOM   165  C  CG2 . ILE A 1 22  ? 4.940   -1.504  11.885  1.00 11.45 ? 22  ILE A CG2 1 
ATOM   166  C  CD1 . ILE A 1 22  ? 2.351   0.276   10.989  1.00 22.73 ? 22  ILE A CD1 1 
ATOM   167  N  N   . PRO A 1 23  ? 3.875   -4.223  13.416  1.00 17.25 ? 23  PRO A N   1 
ATOM   168  C  CA  . PRO A 1 23  ? 4.688   -5.511  13.284  1.00 14.69 ? 23  PRO A CA  1 
ATOM   169  C  C   . PRO A 1 23  ? 3.796   -6.635  12.736  1.00 23.07 ? 23  PRO A C   1 
ATOM   170  O  O   . PRO A 1 23  ? 4.309   -7.404  11.863  1.00 21.26 ? 23  PRO A O   1 
ATOM   171  C  CB  . PRO A 1 23  ? 5.340   -5.841  14.586  1.00 21.89 ? 23  PRO A CB  1 
ATOM   172  C  CG  . PRO A 1 23  ? 5.063   -4.597  15.460  1.00 19.06 ? 23  PRO A CG  1 
ATOM   173  C  CD  . PRO A 1 23  ? 4.114   -3.608  14.706  1.00 11.01 ? 23  PRO A CD  1 
ATOM   174  N  N   . LYS A 1 24  ? 2.449   -6.615  13.090  1.00 15.32 ? 24  LYS A N   1 
ATOM   175  C  CA  . LYS A 1 24  ? 1.510   -7.625  12.554  1.00 14.81 ? 24  LYS A CA  1 
ATOM   176  C  C   . LYS A 1 24  ? 1.072   -7.408  11.180  1.00 28.90 ? 24  LYS A C   1 
ATOM   177  O  O   . LYS A 1 24  ? 1.260   -8.335  10.344  1.00 18.17 ? 24  LYS A O   1 
ATOM   178  C  CB  . LYS A 1 24  ? 0.166   -7.714  13.372  1.00 13.39 ? 24  LYS A CB  1 
ATOM   179  C  CG  . LYS A 1 24  ? -0.778  -8.861  12.913  1.00 28.67 ? 24  LYS A CG  1 
ATOM   180  C  CD  . LYS A 1 24  ? -1.989  -9.090  13.837  1.00 33.41 ? 24  LYS A CD  1 
ATOM   181  C  CE  . LYS A 1 24  ? -3.027  -7.861  14.065  0.00 0.00  ? 24  LYS A CE  1 
ATOM   182  N  NZ  . LYS A 1 24  ? -4.161  -8.138  14.940  0.00 0.00  ? 24  LYS A NZ  1 
ATOM   183  N  N   . HIS A 1 25  ? 0.494   -6.224  10.968  1.00 16.08 ? 25  HIS A N   1 
ATOM   184  C  CA  . HIS A 1 25  ? -0.158  -5.914  9.736   1.00 10.36 ? 25  HIS A CA  1 
ATOM   185  C  C   . HIS A 1 25  ? 0.902   -5.864  8.663   1.00 10.69 ? 25  HIS A C   1 
ATOM   186  O  O   . HIS A 1 25  ? 0.545   -6.282  7.564   1.00 13.73 ? 25  HIS A O   1 
ATOM   187  C  CB  . HIS A 1 25  ? -1.109  -4.626  9.867   1.00 3.00  ? 25  HIS A CB  1 
ATOM   188  C  CG  . HIS A 1 25  ? -2.340  -4.778  10.788  1.00 18.11 ? 25  HIS A CG  1 
ATOM   189  N  ND1 . HIS A 1 25  ? -2.975  -5.994  10.881  1.00 25.31 ? 25  HIS A ND1 1 
ATOM   190  C  CD2 . HIS A 1 25  ? -2.965  -3.879  11.607  1.00 16.66 ? 25  HIS A CD2 1 
ATOM   191  C  CE1 . HIS A 1 25  ? -4.038  -5.808  11.813  1.00 16.92 ? 25  HIS A CE1 1 
ATOM   192  N  NE2 . HIS A 1 25  ? -4.021  -4.474  12.268  1.00 18.45 ? 25  HIS A NE2 1 
ATOM   193  N  N   . THR A 1 26  ? 2.175   -5.427  8.972   1.00 13.68 ? 26  THR A N   1 
ATOM   194  C  CA  . THR A 1 26  ? 3.277   -5.369  8.007   1.00 10.00 ? 26  THR A CA  1 
ATOM   195  C  C   . THR A 1 26  ? 3.952   -6.735  7.611   1.00 6.93  ? 26  THR A C   1 
ATOM   196  O  O   . THR A 1 26  ? 4.290   -6.998  6.481   1.00 10.13 ? 26  THR A O   1 
ATOM   197  C  CB  . THR A 1 26  ? 4.458   -4.414  8.424   1.00 26.39 ? 26  THR A CB  1 
ATOM   198  O  OG1 . THR A 1 26  ? 5.236   -4.869  9.518   1.00 16.79 ? 26  THR A OG1 1 
ATOM   199  C  CG2 . THR A 1 26  ? 3.831   -2.984  8.687   1.00 9.88  ? 26  THR A CG2 1 
ATOM   200  N  N   . HIS A 1 27  ? 4.047   -7.600  8.496   1.00 14.11 ? 27  HIS A N   1 
ATOM   201  C  CA  . HIS A 1 27  ? 4.597   -8.971  8.214   1.00 9.12  ? 27  HIS A CA  1 
ATOM   202  C  C   . HIS A 1 27  ? 3.512   -9.688  7.356   1.00 6.38  ? 27  HIS A C   1 
ATOM   203  O  O   . HIS A 1 27  ? 3.910   -10.346 6.367   1.00 8.88  ? 27  HIS A O   1 
ATOM   204  C  CB  . HIS A 1 27  ? 4.844   -9.658  9.474   1.00 11.41 ? 27  HIS A CB  1 
ATOM   205  C  CG  . HIS A 1 27  ? 5.000   -11.187 9.339   1.00 14.42 ? 27  HIS A CG  1 
ATOM   206  N  ND1 . HIS A 1 27  ? 6.281   -11.882 8.928   1.00 23.61 ? 27  HIS A ND1 1 
ATOM   207  C  CD2 . HIS A 1 27  ? 4.031   -12.068 9.590   1.00 10.78 ? 27  HIS A CD2 1 
ATOM   208  C  CE1 . HIS A 1 27  ? 6.043   -13.249 8.922   1.00 16.83 ? 27  HIS A CE1 1 
ATOM   209  N  NE2 . HIS A 1 27  ? 4.631   -13.357 9.339   1.00 24.84 ? 27  HIS A NE2 1 
ATOM   210  N  N   . ARG A 1 28  ? 2.165   -9.414  7.666   1.00 11.51 ? 28  ARG A N   1 
ATOM   211  C  CA  . ARG A 1 28  ? 0.965   -9.996  6.955   1.00 9.03  ? 28  ARG A CA  1 
ATOM   212  C  C   . ARG A 1 28  ? 0.834   -9.576  5.591   1.00 16.71 ? 28  ARG A C   1 
ATOM   213  O  O   . ARG A 1 28  ? 0.649   -10.444 4.711   1.00 15.71 ? 28  ARG A O   1 
ATOM   214  C  CB  . ARG A 1 28  ? -0.457  -9.665  7.654   1.00 14.65 ? 28  ARG A CB  1 
ATOM   215  C  CG  . ARG A 1 28  ? -1.718  -10.392 7.013   1.00 35.41 ? 28  ARG A CG  1 
ATOM   216  C  CD  . ARG A 1 28  ? -1.537  -11.914 7.071   1.00 27.17 ? 28  ARG A CD  1 
ATOM   217  N  NE  . ARG A 1 28  ? -2.707  -12.513 6.320   1.00 43.07 ? 28  ARG A NE  1 
ATOM   218  C  CZ  . ARG A 1 28  ? -2.645  -13.727 5.786   1.00 49.11 ? 28  ARG A CZ  1 
ATOM   219  N  NH1 . ARG A 1 28  ? -1.508  -14.537 5.961   1.00 48.94 ? 28  ARG A NH1 1 
ATOM   220  N  NH2 . ARG A 1 28  ? -3.754  -14.135 5.097   1.00 44.36 ? 28  ARG A NH2 1 
ATOM   221  N  N   . PHE A 1 29  ? 1.075   -8.314  5.436   1.00 17.83 ? 29  PHE A N   1 
ATOM   222  C  CA  . PHE A 1 29  ? 1.149   -7.733  4.193   1.00 16.51 ? 29  PHE A CA  1 
ATOM   223  C  C   . PHE A 1 29  ? 2.219   -8.511  3.313   1.00 18.03 ? 29  PHE A C   1 
ATOM   224  O  O   . PHE A 1 29  ? 1.780   -8.987  2.257   1.00 14.53 ? 29  PHE A O   1 
ATOM   225  C  CB  . PHE A 1 29  ? 1.508   -6.251  4.369   1.00 13.78 ? 29  PHE A CB  1 
ATOM   226  C  CG  . PHE A 1 29  ? 1.914   -5.631  3.133   1.00 13.26 ? 29  PHE A CG  1 
ATOM   227  C  CD1 . PHE A 1 29  ? 0.888   -5.391  2.195   1.00 6.69  ? 29  PHE A CD1 1 
ATOM   228  C  CD2 . PHE A 1 29  ? 3.324   -5.332  2.961   1.00 8.85  ? 29  PHE A CD2 1 
ATOM   229  C  CE1 . PHE A 1 29  ? 1.273   -4.854  1.078   1.00 12.94 ? 29  PHE A CE1 1 
ATOM   230  C  CE2 . PHE A 1 29  ? 3.718   -4.796  1.846   1.00 14.19 ? 29  PHE A CE2 1 
ATOM   231  C  CZ  . PHE A 1 29  ? 2.692   -4.556  0.903   1.00 4.19  ? 29  PHE A CZ  1 
ATOM   232  N  N   . PHE A 1 30  ? 3.540   -8.738  3.774   1.00 11.94 ? 30  PHE A N   1 
ATOM   233  C  CA  . PHE A 1 30  ? 4.656   -9.501  3.024   1.00 9.69  ? 30  PHE A CA  1 
ATOM   234  C  C   . PHE A 1 30  ? 4.405   -10.975 2.784   1.00 7.50  ? 30  PHE A C   1 
ATOM   235  O  O   . PHE A 1 30  ? 4.782   -11.541 1.746   1.00 11.34 ? 30  PHE A O   1 
ATOM   236  C  CB  . PHE A 1 30  ? 6.199   -9.309  3.544   1.00 4.89  ? 30  PHE A CB  1 
ATOM   237  C  CG  . PHE A 1 30  ? 6.780   -8.021  3.099   1.00 13.23 ? 30  PHE A CG  1 
ATOM   238  C  CD1 . PHE A 1 30  ? 6.923   -6.940  3.935   1.00 8.78  ? 30  PHE A CD1 1 
ATOM   239  C  CD2 . PHE A 1 30  ? 7.145   -7.954  1.851   1.00 19.15 ? 30  PHE A CD2 1 
ATOM   240  C  CE1 . PHE A 1 30  ? 7.443   -5.779  3.527   1.00 15.39 ? 30  PHE A CE1 1 
ATOM   241  C  CE2 . PHE A 1 30  ? 7.661   -6.798  1.432   1.00 17.25 ? 30  PHE A CE2 1 
ATOM   242  C  CZ  . PHE A 1 30  ? 7.813   -5.710  2.273   1.00 22.18 ? 30  PHE A CZ  1 
ATOM   243  N  N   . ILE A 1 31  ? 3.648   -11.526 3.634   1.00 10.00 ? 31  ILE A N   1 
ATOM   244  C  CA  . ILE A 1 31  ? 3.184   -12.884 3.401   1.00 9.29  ? 31  ILE A CA  1 
ATOM   245  C  C   . ILE A 1 31  ? 2.110   -12.938 2.291   1.00 3.00  ? 31  ILE A C   1 
ATOM   246  O  O   . ILE A 1 31  ? 2.262   -13.830 1.424   1.00 8.02  ? 31  ILE A O   1 
ATOM   247  C  CB  . ILE A 1 31  ? 2.480   -13.408 4.573   1.00 18.32 ? 31  ILE A CB  1 
ATOM   248  C  CG1 . ILE A 1 31  ? 3.533   -13.490 5.722   1.00 15.75 ? 31  ILE A CG1 1 
ATOM   249  C  CG2 . ILE A 1 31  ? 1.814   -14.756 4.263   1.00 11.48 ? 31  ILE A CG2 1 
ATOM   250  C  CD1 . ILE A 1 31  ? 4.852   -14.451 5.454   1.00 22.98 ? 31  ILE A CD1 1 
ATOM   251  N  N   . LEU A 1 32  ? 1.151   -11.932 2.268   1.00 3.00  ? 32  LEU A N   1 
ATOM   252  C  CA  . LEU A 1 32  ? 0.074   -11.835 1.233   1.00 4.24  ? 32  LEU A CA  1 
ATOM   253  C  C   . LEU A 1 32  ? 0.726   -11.556 -0.027  1.00 8.58  ? 32  LEU A C   1 
ATOM   254  O  O   . LEU A 1 32  ? 0.244   -12.114 -1.026  1.00 11.79 ? 32  LEU A O   1 
ATOM   255  C  CB  . LEU A 1 32  ? -1.107  -10.753 1.575   1.00 12.19 ? 32  LEU A CB  1 
ATOM   256  C  CG  . LEU A 1 32  ? -2.098  -11.168 2.613   1.00 16.10 ? 32  LEU A CG  1 
ATOM   257  C  CD1 . LEU A 1 32  ? -2.976  -9.965  3.214   1.00 20.86 ? 32  LEU A CD1 1 
ATOM   258  C  CD2 . LEU A 1 32  ? -3.094  -12.256 2.106   1.00 18.11 ? 32  LEU A CD2 1 
ATOM   259  N  N   . VAL A 1 33  ? 1.838   -10.802 0.009   1.00 13.03 ? 33  VAL A N   1 
ATOM   260  C  CA  . VAL A 1 33  ? 2.574   -10.594 -1.178  1.00 16.10 ? 33  VAL A CA  1 
ATOM   261  C  C   . VAL A 1 33  ? 3.189   -11.901 -1.784  1.00 16.30 ? 33  VAL A C   1 
ATOM   262  O  O   . VAL A 1 33  ? 2.983   -12.189 -2.942  1.00 13.35 ? 33  VAL A O   1 
ATOM   263  C  CB  . VAL A 1 33  ? 3.831   -9.662  -0.969  1.00 13.98 ? 33  VAL A CB  1 
ATOM   264  C  CG1 . VAL A 1 33  ? 4.750   -9.644  -2.169  1.00 5.69  ? 33  VAL A CG1 1 
ATOM   265  C  CG2 . VAL A 1 33  ? 3.306   -8.248  -0.502  1.00 12.47 ? 33  VAL A CG2 1 
ATOM   266  N  N   . LEU A 1 34  ? 3.922   -12.641 -0.989  1.00 17.66 ? 34  LEU A N   1 
ATOM   267  C  CA  . LEU A 1 34  ? 4.710   -13.887 -1.377  1.00 14.16 ? 34  LEU A CA  1 
ATOM   268  C  C   . LEU A 1 34  ? 3.681   -14.978 -1.735  1.00 11.56 ? 34  LEU A C   1 
ATOM   269  O  O   . LEU A 1 34  ? 4.017   -15.819 -2.614  1.00 18.51 ? 34  LEU A O   1 
ATOM   270  C  CB  . LEU A 1 34  ? 5.763   -14.296 -0.299  1.00 8.08  ? 34  LEU A CB  1 
ATOM   271  C  CG  . LEU A 1 34  ? 7.318   -13.848 -0.425  1.00 18.82 ? 34  LEU A CG  1 
ATOM   272  C  CD1 . LEU A 1 34  ? 7.450   -12.559 -1.113  1.00 14.27 ? 34  LEU A CD1 1 
ATOM   273  C  CD2 . LEU A 1 34  ? 8.160   -13.819 0.848   1.00 9.53  ? 34  LEU A CD2 1 
ATOM   274  N  N   . GLU A 1 35  ? 2.384   -14.838 -1.233  1.00 9.79  ? 35  GLU A N   1 
ATOM   275  C  CA  . GLU A 1 35  ? 1.247   -15.734 -1.642  1.00 12.13 ? 35  GLU A CA  1 
ATOM   276  C  C   . GLU A 1 35  ? 0.703   -15.538 -2.994  1.00 14.99 ? 35  GLU A C   1 
ATOM   277  O  O   . GLU A 1 35  ? 0.244   -16.500 -3.659  1.00 15.50 ? 35  GLU A O   1 
ATOM   278  C  CB  . GLU A 1 35  ? -0.045  -15.601 -0.746  1.00 20.93 ? 35  GLU A CB  1 
ATOM   279  C  CG  . GLU A 1 35  ? 0.353   -16.124 0.566   1.00 46.35 ? 35  GLU A CG  1 
ATOM   280  C  CD  . GLU A 1 35  ? -1.014  -16.228 1.316   1.00 49.47 ? 35  GLU A CD  1 
ATOM   281  O  OE1 . GLU A 1 35  ? -0.907  -16.750 2.367   1.00 42.48 ? 35  GLU A OE1 1 
ATOM   282  O  OE2 . GLU A 1 35  ? -2.211  -16.227 0.733   1.00 43.55 ? 35  GLU A OE2 1 
ATOM   283  N  N   . ILE A 1 36  ? 0.702   -14.317 -3.361  1.00 16.50 ? 36  ILE A N   1 
ATOM   284  C  CA  . ILE A 1 36  ? 0.140   -13.940 -4.610  1.00 12.60 ? 36  ILE A CA  1 
ATOM   285  C  C   . ILE A 1 36  ? 1.285   -14.166 -5.622  1.00 13.50 ? 36  ILE A C   1 
ATOM   286  O  O   . ILE A 1 36  ? 0.984   -14.677 -6.700  1.00 13.47 ? 36  ILE A O   1 
ATOM   287  C  CB  . ILE A 1 36  ? -0.433  -12.468 -4.517  1.00 14.48 ? 36  ILE A CB  1 
ATOM   288  C  CG1 . ILE A 1 36  ? -1.729  -12.265 -3.622  1.00 9.25  ? 36  ILE A CG1 1 
ATOM   289  C  CG2 . ILE A 1 36  ? -0.814  -11.929 -5.826  1.00 11.90 ? 36  ILE A CG2 1 
ATOM   290  C  CD1 . ILE A 1 36  ? -2.186  -10.789 -3.346  1.00 13.31 ? 36  ILE A CD1 1 
ATOM   291  N  N   . ALA A 1 37  ? 2.591   -13.879 -5.248  1.00 8.68  ? 37  ALA A N   1 
ATOM   292  C  CA  . ALA A 1 37  ? 3.831   -14.084 -6.086  1.00 18.07 ? 37  ALA A CA  1 
ATOM   293  C  C   . ALA A 1 37  ? 5.242   -14.371 -5.359  1.00 8.51  ? 37  ALA A C   1 
ATOM   294  O  O   . ALA A 1 37  ? 5.989   -13.430 -4.949  1.00 7.42  ? 37  ALA A O   1 
ATOM   295  C  CB  . ALA A 1 37  ? 3.980   -12.857 -6.869  1.00 13.39 ? 37  ALA A CB  1 
ATOM   296  N  N   . PRO A 1 38  ? 5.508   -15.625 -5.122  1.00 13.68 ? 38  PRO A N   1 
ATOM   297  C  CA  . PRO A 1 38  ? 6.818   -16.134 -4.458  1.00 14.05 ? 38  PRO A CA  1 
ATOM   298  C  C   . PRO A 1 38  ? 8.208   -15.615 -4.930  1.00 17.71 ? 38  PRO A C   1 
ATOM   299  O  O   . PRO A 1 38  ? 9.179   -15.290 -4.145  1.00 21.41 ? 38  PRO A O   1 
ATOM   300  C  CB  . PRO A 1 38  ? 6.867   -17.660 -4.633  1.00 17.01 ? 38  PRO A CB  1 
ATOM   301  C  CG  . PRO A 1 38  ? 5.435   -18.033 -5.274  1.00 8.31  ? 38  PRO A CG  1 
ATOM   302  C  CD  . PRO A 1 38  ? 4.610   -16.724 -5.583  1.00 8.22  ? 38  PRO A CD  1 
ATOM   303  N  N   . ALA A 1 39  ? 8.249   -15.473 -6.161  1.00 13.18 ? 39  ALA A N   1 
ATOM   304  C  CA  . ALA A 1 39  ? 9.493   -14.987 -6.792  1.00 21.01 ? 39  ALA A CA  1 
ATOM   305  C  C   . ALA A 1 39  ? 9.917   -13.615 -6.286  1.00 17.53 ? 39  ALA A C   1 
ATOM   306  O  O   . ALA A 1 39  ? 11.149  -13.230 -6.493  1.00 13.60 ? 39  ALA A O   1 
ATOM   307  C  CB  . ALA A 1 39  ? 9.186   -14.960 -8.230  1.00 17.04 ? 39  ALA A CB  1 
ATOM   308  N  N   . ALA A 1 40  ? 8.890   -12.858 -5.738  1.00 16.06 ? 40  ALA A N   1 
ATOM   309  C  CA  . ALA A 1 40  ? 9.123   -11.469 -5.331  1.00 18.67 ? 40  ALA A CA  1 
ATOM   310  C  C   . ALA A 1 40  ? 10.182  -11.347 -4.214  1.00 23.84 ? 40  ALA A C   1 
ATOM   311  O  O   . ALA A 1 40  ? 10.652  -10.234 -3.883  1.00 17.70 ? 40  ALA A O   1 
ATOM   312  C  CB  . ALA A 1 40  ? 7.689   -10.712 -4.978  1.00 20.65 ? 40  ALA A CB  1 
ATOM   313  N  N   . LYS A 1 41  ? 10.447  -12.443 -3.610  1.00 14.30 ? 41  LYS A N   1 
ATOM   314  C  CA  . LYS A 1 41  ? 11.339  -12.472 -2.448  1.00 17.28 ? 41  LYS A CA  1 
ATOM   315  C  C   . LYS A 1 41  ? 12.830  -11.969 -2.646  1.00 27.65 ? 41  LYS A C   1 
ATOM   316  O  O   . LYS A 1 41  ? 13.380  -11.172 -1.840  1.00 29.49 ? 41  LYS A O   1 
ATOM   317  C  CB  . LYS A 1 41  ? 11.505  -13.903 -2.016  1.00 22.58 ? 41  LYS A CB  1 
ATOM   318  C  CG  . LYS A 1 41  ? 12.490  -14.036 -0.832  1.00 33.97 ? 41  LYS A CG  1 
ATOM   319  C  CD  . LYS A 1 41  ? 12.569  -15.475 -0.418  1.00 42.68 ? 41  LYS A CD  1 
ATOM   320  C  CE  . LYS A 1 41  ? 13.568  -15.660 0.742   1.00 27.51 ? 41  LYS A CE  1 
ATOM   321  N  NZ  . LYS A 1 41  ? 15.072  -15.477 0.422   0.00 0.00  ? 41  LYS A NZ  1 
ATOM   322  N  N   . ASP A 1 42  ? 13.381  -12.360 -3.750  1.00 20.03 ? 42  ASP A N   1 
ATOM   323  C  CA  . ASP A 1 42  ? 14.802  -12.004 -4.150  1.00 25.23 ? 42  ASP A CA  1 
ATOM   324  C  C   . ASP A 1 42  ? 14.966  -10.520 -4.222  1.00 22.90 ? 42  ASP A C   1 
ATOM   325  O  O   . ASP A 1 42  ? 16.214  -10.100 -4.172  1.00 23.07 ? 42  ASP A O   1 
ATOM   326  C  CB  . ASP A 1 42  ? 15.174  -12.721 -5.431  1.00 37.30 ? 42  ASP A CB  1 
ATOM   327  C  CG  . ASP A 1 42  ? 15.158  -14.208 -5.258  1.00 59.52 ? 42  ASP A CG  1 
ATOM   328  O  OD1 . ASP A 1 42  ? 14.031  -14.784 -5.582  1.00 53.91 ? 42  ASP A OD1 1 
ATOM   329  O  OD2 . ASP A 1 42  ? 15.934  -14.671 -4.380  1.00 51.35 ? 42  ASP A OD2 1 
ATOM   330  N  N   . LEU A 1 43  ? 13.767  -9.765  -4.349  1.00 16.60 ? 43  LEU A N   1 
ATOM   331  C  CA  . LEU A 1 43  ? 13.807  -8.322  -4.489  1.00 3.45  ? 43  LEU A CA  1 
ATOM   332  C  C   . LEU A 1 43  ? 14.199  -7.550  -3.258  1.00 23.58 ? 43  LEU A C   1 
ATOM   333  O  O   . LEU A 1 43  ? 14.769  -6.453  -3.292  1.00 16.15 ? 43  LEU A O   1 
ATOM   334  C  CB  . LEU A 1 43  ? 12.343  -7.727  -4.981  1.00 18.77 ? 43  LEU A CB  1 
ATOM   335  C  CG  . LEU A 1 43  ? 11.910  -8.266  -6.323  1.00 11.98 ? 43  LEU A CG  1 
ATOM   336  C  CD1 . LEU A 1 43  ? 10.381  -7.731  -6.703  1.00 11.81 ? 43  LEU A CD1 1 
ATOM   337  C  CD2 . LEU A 1 43  ? 13.027  -7.971  -7.309  1.00 14.42 ? 43  LEU A CD2 1 
ATOM   338  N  N   . PHE A 1 44  ? 13.768  -8.029  -2.208  1.00 18.08 ? 44  PHE A N   1 
ATOM   339  C  CA  . PHE A 1 44  ? 13.878  -7.280  -0.973  1.00 16.01 ? 44  PHE A CA  1 
ATOM   340  C  C   . PHE A 1 44  ? 15.224  -7.685  -0.201  1.00 27.06 ? 44  PHE A C   1 
ATOM   341  O  O   . PHE A 1 44  ? 15.486  -8.886  0.013   1.00 20.64 ? 44  PHE A O   1 
ATOM   342  C  CB  . PHE A 1 44  ? 12.529  -7.430  -0.181  1.00 19.37 ? 44  PHE A CB  1 
ATOM   343  C  CG  . PHE A 1 44  ? 11.138  -6.842  -0.810  1.00 24.68 ? 44  PHE A CG  1 
ATOM   344  C  CD1 . PHE A 1 44  ? 10.298  -7.635  -1.594  1.00 15.35 ? 44  PHE A CD1 1 
ATOM   345  C  CD2 . PHE A 1 44  ? 10.723  -5.522  -0.578  1.00 15.23 ? 44  PHE A CD2 1 
ATOM   346  C  CE1 . PHE A 1 44  ? 9.038   -7.109  -2.153  1.00 19.10 ? 44  PHE A CE1 1 
ATOM   347  C  CE2 . PHE A 1 44  ? 9.461   -4.986  -1.134  1.00 6.90  ? 44  PHE A CE2 1 
ATOM   348  C  CZ  . PHE A 1 44  ? 8.619   -5.781  -1.923  1.00 4.70  ? 44  PHE A CZ  1 
ATOM   349  N  N   . SER A 1 45  ? 16.103  -6.724  0.079   1.00 22.39 ? 45  SER A N   1 
ATOM   350  C  CA  . SER A 1 45  ? 17.531  -6.933  0.693   1.00 26.29 ? 45  SER A CA  1 
ATOM   351  C  C   . SER A 1 45  ? 17.495  -7.596  1.949   1.00 22.89 ? 45  SER A C   1 
ATOM   352  O  O   . SER A 1 45  ? 18.441  -8.482  2.215   1.00 24.37 ? 45  SER A O   1 
ATOM   353  C  CB  . SER A 1 45  ? 18.325  -5.628  0.859   1.00 38.25 ? 45  SER A CB  1 
ATOM   354  O  OG  . SER A 1 45  ? 17.535  -4.649  1.648   1.00 35.56 ? 45  SER A OG  1 
ATOM   355  N  N   . PHE A 1 46  ? 16.358  -7.267  2.634   1.00 10.53 ? 46  PHE A N   1 
ATOM   356  C  CA  . PHE A 1 46  ? 16.117  -7.861  3.837   1.00 9.18  ? 46  PHE A CA  1 
ATOM   357  C  C   . PHE A 1 46  ? 15.389  -9.181  3.704   1.00 32.63 ? 46  PHE A C   1 
ATOM   358  O  O   . PHE A 1 46  ? 15.252  -9.823  4.669   1.00 22.84 ? 46  PHE A O   1 
ATOM   359  C  CB  . PHE A 1 46  ? 15.303  -6.876  4.777   1.00 9.16  ? 46  PHE A CB  1 
ATOM   360  C  CG  . PHE A 1 46  ? 13.938  -6.201  4.182   1.00 20.98 ? 46  PHE A CG  1 
ATOM   361  C  CD1 . PHE A 1 46  ? 13.987  -4.937  3.768   1.00 21.99 ? 46  PHE A CD1 1 
ATOM   362  C  CD2 . PHE A 1 46  ? 12.677  -6.856  4.053   1.00 30.85 ? 46  PHE A CD2 1 
ATOM   363  C  CE1 . PHE A 1 46  ? 12.777  -4.325  3.213   1.00 19.57 ? 46  PHE A CE1 1 
ATOM   364  C  CE2 . PHE A 1 46  ? 11.459  -6.251  3.500   1.00 26.50 ? 46  PHE A CE2 1 
ATOM   365  C  CZ  . PHE A 1 46  ? 11.511  -4.982  3.079   1.00 16.74 ? 46  PHE A CZ  1 
ATOM   366  N  N   . LEU A 1 47  ? 15.023  -9.634  2.548   1.00 29.65 ? 47  LEU A N   1 
ATOM   367  C  CA  . LEU A 1 47  ? 14.435  -10.961 2.339   1.00 19.52 ? 47  LEU A CA  1 
ATOM   368  C  C   . LEU A 1 47  ? 15.507  -11.981 1.714   1.00 30.30 ? 47  LEU A C   1 
ATOM   369  O  O   . LEU A 1 47  ? 15.434  -13.194 1.905   1.00 21.57 ? 47  LEU A O   1 
ATOM   370  C  CB  . LEU A 1 47  ? 13.045  -10.932 1.518   1.00 22.26 ? 47  LEU A CB  1 
ATOM   371  C  CG  . LEU A 1 47  ? 11.787  -10.118 2.161   1.00 31.18 ? 47  LEU A CG  1 
ATOM   372  C  CD1 . LEU A 1 47  ? 10.416  -10.127 1.312   1.00 22.17 ? 47  LEU A CD1 1 
ATOM   373  C  CD2 . LEU A 1 47  ? 11.510  -10.599 3.485   1.00 27.77 ? 47  LEU A CD2 1 
ATOM   374  N  N   . LYS A 1 48  ? 16.416  -11.491 0.946   1.00 51.97 ? 48  LYS A N   1 
ATOM   375  C  CA  . LYS A 1 48  ? 17.527  -12.334 0.281   1.00 58.91 ? 48  LYS A CA  1 
ATOM   376  C  C   . LYS A 1 48  ? 18.468  -13.118 1.205   1.00 51.69 ? 48  LYS A C   1 
ATOM   377  O  O   . LYS A 1 48  ? 19.158  -12.514 2.073   1.00 49.86 ? 48  LYS A O   1 
ATOM   378  C  CB  . LYS A 1 48  ? 18.555  -11.513 -0.437  1.00 45.82 ? 48  LYS A CB  1 
ATOM   379  C  CG  . LYS A 1 48  ? 17.807  -10.737 -1.497  0.00 0.00  ? 48  LYS A CG  1 
ATOM   380  C  CD  . LYS A 1 48  ? 18.917  -10.037 -2.241  0.00 0.00  ? 48  LYS A CD  1 
ATOM   381  C  CE  . LYS A 1 48  ? 19.834  -9.127  -1.371  0.00 0.00  ? 48  LYS A CE  1 
ATOM   382  N  NZ  . LYS A 1 48  ? 20.896  -8.507  -2.119  0.00 0.00  ? 48  LYS A NZ  1 
ATOM   383  N  N   . GLY A 1 49  ? 18.516  -14.405 0.998   1.00 50.11 ? 49  GLY A N   1 
ATOM   384  C  CA  . GLY A 1 49  ? 19.472  -15.266 1.747   1.00 55.72 ? 49  GLY A CA  1 
ATOM   385  C  C   . GLY A 1 49  ? 18.703  -15.845 2.823   1.00 56.34 ? 49  GLY A C   1 
ATOM   386  O  O   . GLY A 1 49  ? 19.155  -16.951 3.204   1.00 54.20 ? 49  GLY A O   1 
ATOM   387  N  N   . THR A 1 50  ? 17.534  -15.162 3.245   1.00 40.66 ? 50  THR A N   1 
ATOM   388  C  CA  . THR A 1 50  ? 16.668  -15.704 4.219   1.00 53.69 ? 50  THR A CA  1 
ATOM   389  C  C   . THR A 1 50  ? 15.870  -16.897 3.675   1.00 59.94 ? 50  THR A C   1 
ATOM   390  O  O   . THR A 1 50  ? 15.737  -17.096 2.498   1.00 55.32 ? 50  THR A O   1 
ATOM   391  C  CB  . THR A 1 50  ? 15.563  -14.660 4.809   1.00 44.61 ? 50  THR A CB  1 
ATOM   392  O  OG1 . THR A 1 50  ? 14.293  -14.551 4.024   1.00 32.67 ? 50  THR A OG1 1 
ATOM   393  C  CG2 . THR A 1 50  ? 16.178  -13.285 5.070   1.00 27.33 ? 50  THR A CG2 1 
ATOM   394  N  N   . SER A 1 51  ? 15.288  -17.641 4.470   1.00 48.81 ? 51  SER A N   1 
ATOM   395  C  CA  . SER A 1 51  ? 14.383  -18.702 3.974   1.00 48.61 ? 51  SER A CA  1 
ATOM   396  C  C   . SER A 1 51  ? 12.803  -18.300 4.179   1.00 52.53 ? 51  SER A C   1 
ATOM   397  O  O   . SER A 1 51  ? 11.911  -18.250 3.264   1.00 50.93 ? 51  SER A O   1 
ATOM   398  C  CB  . SER A 1 51  ? 14.741  -19.995 4.640   1.00 57.84 ? 51  SER A CB  1 
ATOM   399  O  OG  . SER A 1 51  ? 13.787  -20.978 4.148   0.00 0.00  ? 51  SER A OG  1 
ATOM   400  N  N   . GLU A 1 52  ? 12.566  -17.823 5.333   1.00 41.31 ? 52  GLU A N   1 
ATOM   401  C  CA  . GLU A 1 52  ? 11.188  -17.194 5.734   1.00 50.13 ? 52  GLU A CA  1 
ATOM   402  C  C   . GLU A 1 52  ? 11.288  -15.697 5.919   1.00 47.05 ? 52  GLU A C   1 
ATOM   403  O  O   . GLU A 1 52  ? 12.480  -15.214 6.205   1.00 36.99 ? 52  GLU A O   1 
ATOM   404  C  CB  . GLU A 1 52  ? 10.745  -17.749 6.986   1.00 42.98 ? 52  GLU A CB  1 
ATOM   405  C  CG  . GLU A 1 52  ? 10.591  -19.261 6.866   0.00 0.00  ? 52  GLU A CG  1 
ATOM   406  C  CD  . GLU A 1 52  ? 10.113  -19.712 8.134   0.00 0.00  ? 52  GLU A CD  1 
ATOM   407  O  OE1 . GLU A 1 52  ? 9.511   -18.879 8.908   0.00 0.00  ? 52  GLU A OE1 1 
ATOM   408  O  OE2 . GLU A 1 52  ? 10.005  -20.928 8.278   0.00 0.00  ? 52  GLU A OE2 1 
ATOM   409  N  N   . VAL A 1 53  ? 10.065  -15.001 5.782   1.00 22.83 ? 53  VAL A N   1 
ATOM   410  C  CA  . VAL A 1 53  ? 9.942   -13.563 6.028   1.00 23.58 ? 53  VAL A CA  1 
ATOM   411  C  C   . VAL A 1 53  ? 10.124  -13.214 7.444   1.00 23.69 ? 53  VAL A C   1 
ATOM   412  O  O   . VAL A 1 53  ? 9.387   -13.763 8.226   1.00 20.24 ? 53  VAL A O   1 
ATOM   413  C  CB  . VAL A 1 53  ? 8.470   -13.038 5.487   1.00 25.49 ? 53  VAL A CB  1 
ATOM   414  C  CG1 . VAL A 1 53  ? 8.100   -11.550 5.812   1.00 11.17 ? 53  VAL A CG1 1 
ATOM   415  C  CG2 . VAL A 1 53  ? 8.401   -13.348 4.050   1.00 13.52 ? 53  VAL A CG2 1 
ATOM   416  N  N   . PRO A 1 54  ? 11.256  -12.520 7.755   1.00 16.25 ? 54  PRO A N   1 
ATOM   417  C  CA  . PRO A 1 54  ? 11.658  -12.085 9.063   1.00 11.44 ? 54  PRO A CA  1 
ATOM   418  C  C   . PRO A 1 54  ? 10.422  -11.325 9.759   1.00 23.91 ? 54  PRO A C   1 
ATOM   419  O  O   . PRO A 1 54  ? 9.520   -10.598 9.173   1.00 22.85 ? 54  PRO A O   1 
ATOM   420  C  CB  . PRO A 1 54  ? 12.907  -11.159 9.000   1.00 13.62 ? 54  PRO A CB  1 
ATOM   421  C  CG  . PRO A 1 54  ? 13.113  -10.939 7.598   1.00 23.52 ? 54  PRO A CG  1 
ATOM   422  C  CD  . PRO A 1 54  ? 12.144  -11.895 6.840   1.00 12.15 ? 54  PRO A CD  1 
ATOM   423  N  N   . GLN A 1 55  ? 10.300  -11.590 10.949  1.00 20.83 ? 55  GLN A N   1 
ATOM   424  C  CA  . GLN A 1 55  ? 9.077   -11.038 11.682  1.00 16.45 ? 55  GLN A CA  1 
ATOM   425  C  C   . GLN A 1 55  ? 9.369   -9.770  12.476  1.00 18.13 ? 55  GLN A C   1 
ATOM   426  O  O   . GLN A 1 55  ? 8.377   -8.885  12.656  1.00 26.04 ? 55  GLN A O   1 
ATOM   427  C  CB  . GLN A 1 55  ? 8.544   -12.111 12.499  1.00 22.48 ? 55  GLN A CB  1 
ATOM   428  C  CG  . GLN A 1 55  ? 8.388   -13.407 11.681  1.00 23.70 ? 55  GLN A CG  1 
ATOM   429  C  CD  . GLN A 1 55  ? 7.639   -14.401 12.431  1.00 52.30 ? 55  GLN A CD  1 
ATOM   430  O  OE1 . GLN A 1 55  ? 6.697   -13.975 13.209  1.00 54.57 ? 55  GLN A OE1 1 
ATOM   431  N  NE2 . GLN A 1 55  ? 7.704   -15.618 11.910  1.00 52.48 ? 55  GLN A NE2 1 
ATOM   432  N  N   . ASN A 1 56  ? 10.686  -9.683  12.945  1.00 15.18 ? 56  ASN A N   1 
ATOM   433  C  CA  . ASN A 1 56  ? 11.135  -8.520  13.729  1.00 13.70 ? 56  ASN A CA  1 
ATOM   434  C  C   . ASN A 1 56  ? 12.350  -7.825  13.143  1.00 15.10 ? 56  ASN A C   1 
ATOM   435  O  O   . ASN A 1 56  ? 13.426  -7.489  13.804  1.00 17.38 ? 56  ASN A O   1 
ATOM   436  C  CB  . ASN A 1 56  ? 11.609  -8.904  15.075  1.00 9.81  ? 56  ASN A CB  1 
ATOM   437  C  CG  . ASN A 1 56  ? 10.327  -9.395  15.755  1.00 30.97 ? 56  ASN A CG  1 
ATOM   438  O  OD1 . ASN A 1 56  ? 10.043  -10.597 15.591  1.00 18.53 ? 56  ASN A OD1 1 
ATOM   439  N  ND2 . ASN A 1 56  ? 9.328   -8.446  16.016  1.00 22.87 ? 56  ASN A ND2 1 
ATOM   440  N  N   . ASN A 1 57  ? 12.175  -7.592  11.939  1.00 10.70 ? 57  ASN A N   1 
ATOM   441  C  CA  . ASN A 1 57  ? 13.247  -6.911  11.258  1.00 11.03 ? 57  ASN A CA  1 
ATOM   442  C  C   . ASN A 1 57  ? 12.761  -5.469  11.075  1.00 15.23 ? 57  ASN A C   1 
ATOM   443  O  O   . ASN A 1 57  ? 11.611  -5.220  10.467  1.00 18.46 ? 57  ASN A O   1 
ATOM   444  C  CB  . ASN A 1 57  ? 13.527  -7.643  9.959   1.00 10.89 ? 57  ASN A CB  1 
ATOM   445  C  CG  . ASN A 1 57  ? 14.784  -7.054  9.322   1.00 15.71 ? 57  ASN A CG  1 
ATOM   446  O  OD1 . ASN A 1 57  ? 14.580  -5.968  8.809   1.00 23.38 ? 57  ASN A OD1 1 
ATOM   447  N  ND2 . ASN A 1 57  ? 15.822  -7.938  8.972   1.00 14.02 ? 57  ASN A ND2 1 
ATOM   448  N  N   . PRO A 1 58  ? 13.589  -4.554  11.586  1.00 15.08 ? 58  PRO A N   1 
ATOM   449  C  CA  . PRO A 1 58  ? 13.207  -3.115  11.604  1.00 13.47 ? 58  PRO A CA  1 
ATOM   450  C  C   . PRO A 1 58  ? 13.205  -2.517  10.311  1.00 15.59 ? 58  PRO A C   1 
ATOM   451  O  O   . PRO A 1 58  ? 12.381  -1.514  10.121  1.00 14.81 ? 58  PRO A O   1 
ATOM   452  C  CB  . PRO A 1 58  ? 14.291  -2.405  12.483  1.00 13.64 ? 58  PRO A CB  1 
ATOM   453  C  CG  . PRO A 1 58  ? 15.424  -3.473  12.875  1.00 13.56 ? 58  PRO A CG  1 
ATOM   454  C  CD  . PRO A 1 58  ? 14.935  -4.817  12.314  1.00 12.93 ? 58  PRO A CD  1 
ATOM   455  N  N   . GLU A 1 59  ? 14.074  -3.116  9.453   1.00 16.51 ? 59  GLU A N   1 
ATOM   456  C  CA  . GLU A 1 59  ? 14.081  -2.670  8.157   1.00 10.57 ? 59  GLU A CA  1 
ATOM   457  C  C   . GLU A 1 59  ? 12.671  -2.971  7.476   1.00 11.24 ? 59  GLU A C   1 
ATOM   458  O  O   . GLU A 1 59  ? 11.972  -2.073  6.916   1.00 14.37 ? 59  GLU A O   1 
ATOM   459  C  CB  . GLU A 1 59  ? 15.271  -3.379  7.344   1.00 14.12 ? 59  GLU A CB  1 
ATOM   460  C  CG  . GLU A 1 59  ? 16.733  -2.741  7.479   1.00 51.96 ? 59  GLU A CG  1 
ATOM   461  C  CD  . GLU A 1 59  ? 17.541  -3.135  6.263   1.00 68.81 ? 59  GLU A CD  1 
ATOM   462  O  OE1 . GLU A 1 59  ? 17.005  -2.742  5.236   1.00 61.08 ? 59  GLU A OE1 1 
ATOM   463  O  OE2 . GLU A 1 59  ? 18.369  -4.165  6.223   1.00 52.30 ? 59  GLU A OE2 1 
ATOM   464  N  N   . LEU A 1 60  ? 12.300  -4.194  7.555   1.00 11.43 ? 60  LEU A N   1 
ATOM   465  C  CA  . LEU A 1 60  ? 10.939  -4.636  7.019   1.00 9.12  ? 60  LEU A CA  1 
ATOM   466  C  C   . LEU A 1 60  ? 9.679   -3.761  7.554   1.00 7.78  ? 60  LEU A C   1 
ATOM   467  O  O   . LEU A 1 60  ? 8.689   -3.339  6.828   1.00 14.12 ? 60  LEU A O   1 
ATOM   468  C  CB  . LEU A 1 60  ? 10.790  -6.116  7.275   1.00 14.40 ? 60  LEU A CB  1 
ATOM   469  C  CG  . LEU A 1 60  ? 9.428   -6.735  6.675   1.00 18.96 ? 60  LEU A CG  1 
ATOM   470  C  CD1 . LEU A 1 60  ? 9.718   -8.216  6.283   1.00 7.99  ? 60  LEU A CD1 1 
ATOM   471  C  CD2 . LEU A 1 60  ? 8.088   -6.539  7.520   1.00 9.70  ? 60  LEU A CD2 1 
ATOM   472  N  N   . GLN A 1 61  ? 9.720   -3.517  8.786   1.00 5.54  ? 61  GLN A N   1 
ATOM   473  C  CA  . GLN A 1 61  ? 8.532   -2.759  9.427   1.00 9.83  ? 61  GLN A CA  1 
ATOM   474  C  C   . GLN A 1 61  ? 8.381   -1.321  9.063   1.00 15.66 ? 61  GLN A C   1 
ATOM   475  O  O   . GLN A 1 61  ? 7.143   -0.811  8.818   1.00 6.99  ? 61  GLN A O   1 
ATOM   476  C  CB  . GLN A 1 61  ? 8.674   -2.818  10.877  1.00 9.63  ? 61  GLN A CB  1 
ATOM   477  C  CG  . GLN A 1 61  ? 8.419   -4.220  11.295  1.00 9.02  ? 61  GLN A CG  1 
ATOM   478  C  CD  . GLN A 1 61  ? 8.659   -4.274  12.724  1.00 15.30 ? 61  GLN A CD  1 
ATOM   479  O  OE1 . GLN A 1 61  ? 8.713   -5.387  13.205  1.00 20.21 ? 61  GLN A OE1 1 
ATOM   480  N  NE2 . GLN A 1 61  ? 9.238   -3.225  13.267  1.00 7.92  ? 61  GLN A NE2 1 
ATOM   481  N  N   . ALA A 1 62  ? 9.611   -0.742  8.960   1.00 14.07 ? 62  ALA A N   1 
ATOM   482  C  CA  . ALA A 1 62  ? 9.658   0.639   8.608   1.00 19.01 ? 62  ALA A CA  1 
ATOM   483  C  C   . ALA A 1 62  ? 9.247   0.807   7.223   1.00 21.34 ? 62  ALA A C   1 
ATOM   484  O  O   . ALA A 1 62  ? 8.364   1.733   6.939   1.00 15.25 ? 62  ALA A O   1 
ATOM   485  C  CB  . ALA A 1 62  ? 11.157  1.171   8.867   1.00 16.56 ? 62  ALA A CB  1 
ATOM   486  N  N   . HIS A 1 63  ? 9.745   -0.149  6.424   1.00 11.96 ? 63  HIS A N   1 
ATOM   487  C  CA  . HIS A 1 63  ? 9.331   -0.203  5.076   1.00 15.61 ? 63  HIS A CA  1 
ATOM   488  C  C   . HIS A 1 63  ? 7.700   -0.282  4.856   1.00 19.33 ? 63  HIS A C   1 
ATOM   489  O  O   . HIS A 1 63  ? 6.998   0.590   4.253   1.00 13.78 ? 63  HIS A O   1 
ATOM   490  C  CB  . HIS A 1 63  ? 10.115  -1.419  4.402   1.00 4.87  ? 63  HIS A CB  1 
ATOM   491  C  CG  . HIS A 1 63  ? 9.666   -1.585  2.993   1.00 11.15 ? 63  HIS A CG  1 
ATOM   492  N  ND1 . HIS A 1 63  ? 10.457  -1.062  2.056   1.00 24.20 ? 63  HIS A ND1 1 
ATOM   493  C  CD2 . HIS A 1 63  ? 8.559   -2.222  2.445   1.00 18.17 ? 63  HIS A CD2 1 
ATOM   494  C  CE1 . HIS A 1 63  ? 9.791   -1.407  0.888   1.00 21.65 ? 63  HIS A CE1 1 
ATOM   495  N  NE2 . HIS A 1 63  ? 8.598   -2.131  1.140   1.00 12.92 ? 63  HIS A NE2 1 
ATOM   496  N  N   . ALA A 1 64  ? 7.134   -1.333  5.293   1.00 15.06 ? 64  ALA A N   1 
ATOM   497  C  CA  . ALA A 1 64  ? 5.607   -1.575  5.071   1.00 9.28  ? 64  ALA A CA  1 
ATOM   498  C  C   . ALA A 1 64  ? 4.610   -0.480  5.680   1.00 16.21 ? 64  ALA A C   1 
ATOM   499  O  O   . ALA A 1 64  ? 3.488   -0.095  5.091   1.00 16.20 ? 64  ALA A O   1 
ATOM   500  C  CB  . ALA A 1 64  ? 5.246   -2.944  5.503   1.00 10.77 ? 64  ALA A CB  1 
ATOM   501  N  N   . GLY A 1 65  ? 5.131   0.133   6.715   1.00 12.00 ? 65  GLY A N   1 
ATOM   502  C  CA  . GLY A 1 65  ? 4.381   1.297   7.345   1.00 13.51 ? 65  GLY A CA  1 
ATOM   503  C  C   . GLY A 1 65  ? 4.202   2.465   6.487   1.00 34.28 ? 65  GLY A C   1 
ATOM   504  O  O   . GLY A 1 65  ? 2.987   3.073   6.375   1.00 16.61 ? 65  GLY A O   1 
ATOM   505  N  N   . LYS A 1 66  ? 5.370   2.702   5.860   1.00 18.40 ? 66  LYS A N   1 
ATOM   506  C  CA  . LYS A 1 66  ? 5.412   3.782   4.980   1.00 11.99 ? 66  LYS A CA  1 
ATOM   507  C  C   . LYS A 1 66  ? 4.414   3.584   3.831   1.00 25.30 ? 66  LYS A C   1 
ATOM   508  O  O   . LYS A 1 66  ? 3.719   4.571   3.405   1.00 19.06 ? 66  LYS A O   1 
ATOM   509  C  CB  . LYS A 1 66  ? 6.952   3.917   4.507   1.00 15.55 ? 66  LYS A CB  1 
ATOM   510  C  CG  . LYS A 1 66  ? 7.969   4.431   5.573   1.00 57.86 ? 66  LYS A CG  1 
ATOM   511  C  CD  . LYS A 1 66  ? 9.571   4.316   5.204   1.00 60.29 ? 66  LYS A CD  1 
ATOM   512  C  CE  . LYS A 1 66  ? 9.912   5.225   4.144   1.00 57.85 ? 66  LYS A CE  1 
ATOM   513  N  NZ  . LYS A 1 66  ? 11.470  5.132   3.918   0.00 0.00  ? 66  LYS A NZ  1 
ATOM   514  N  N   . VAL A 1 67  ? 4.378   2.354   3.346   1.00 15.22 ? 67  VAL A N   1 
ATOM   515  C  CA  . VAL A 1 67  ? 3.451   2.025   2.242   1.00 21.09 ? 67  VAL A CA  1 
ATOM   516  C  C   . VAL A 1 67  ? 1.862   2.347   2.514   1.00 17.15 ? 67  VAL A C   1 
ATOM   517  O  O   . VAL A 1 67  ? 1.095   3.042   1.777   1.00 16.31 ? 67  VAL A O   1 
ATOM   518  C  CB  . VAL A 1 67  ? 3.675   0.549   1.796   1.00 15.55 ? 67  VAL A CB  1 
ATOM   519  C  CG1 . VAL A 1 67  ? 2.606   0.159   0.716   1.00 11.37 ? 67  VAL A CG1 1 
ATOM   520  C  CG2 . VAL A 1 67  ? 5.246   0.211   1.404   1.00 8.50  ? 67  VAL A CG2 1 
ATOM   521  N  N   . PHE A 1 68  ? 1.423   1.934   3.591   1.00 12.01 ? 68  PHE A N   1 
ATOM   522  C  CA  . PHE A 1 68  ? -0.085  2.178   3.951   1.00 15.38 ? 68  PHE A CA  1 
ATOM   523  C  C   . PHE A 1 68  ? -0.464  3.640   4.275   1.00 18.03 ? 68  PHE A C   1 
ATOM   524  O  O   . PHE A 1 68  ? -1.671  4.135   3.923   1.00 17.25 ? 68  PHE A O   1 
ATOM   525  C  CB  . PHE A 1 68  ? -0.475  1.339   5.045   1.00 11.69 ? 68  PHE A CB  1 
ATOM   526  C  CG  . PHE A 1 68  ? -0.757  -0.101  4.585   1.00 19.55 ? 68  PHE A CG  1 
ATOM   527  C  CD1 . PHE A 1 68  ? -2.151  -0.505  4.486   1.00 15.85 ? 68  PHE A CD1 1 
ATOM   528  C  CD2 . PHE A 1 68  ? 0.382   -0.997  4.307   1.00 8.41  ? 68  PHE A CD2 1 
ATOM   529  C  CE1 . PHE A 1 68  ? -2.410  -1.812  4.115   1.00 9.72  ? 68  PHE A CE1 1 
ATOM   530  C  CE2 . PHE A 1 68  ? 0.135   -2.304  3.938   1.00 7.53  ? 68  PHE A CE2 1 
ATOM   531  C  CZ  . PHE A 1 68  ? -1.263  -2.713  3.840   1.00 18.59 ? 68  PHE A CZ  1 
ATOM   532  N  N   . LYS A 1 69  ? 0.589   4.319   4.789   1.00 11.46 ? 69  LYS A N   1 
ATOM   533  C  CA  . LYS A 1 69  ? 0.361   5.742   5.091   1.00 7.08  ? 69  LYS A CA  1 
ATOM   534  C  C   . LYS A 1 69  ? 0.149   6.551   3.918   1.00 9.72  ? 69  LYS A C   1 
ATOM   535  O  O   . LYS A 1 69  ? -0.838  7.450   3.896   1.00 11.70 ? 69  LYS A O   1 
ATOM   536  C  CB  . LYS A 1 69  ? 1.579   6.292   5.935   1.00 9.23  ? 69  LYS A CB  1 
ATOM   537  C  CG  . LYS A 1 69  ? 1.094   7.656   6.560   1.00 18.74 ? 69  LYS A CG  1 
ATOM   538  C  CD  . LYS A 1 69  ? 2.394   8.463   6.972   1.00 48.40 ? 69  LYS A CD  1 
ATOM   539  C  CE  . LYS A 1 69  ? 3.336   8.652   5.823   1.00 56.54 ? 69  LYS A CE  1 
ATOM   540  N  NZ  . LYS A 1 69  ? 4.478   9.559   6.177   0.00 0.00  ? 69  LYS A NZ  1 
ATOM   541  N  N   . LEU A 1 70  ? 0.956   6.167   2.940   1.00 10.57 ? 70  LEU A N   1 
ATOM   542  C  CA  . LEU A 1 70  ? 0.802   6.823   1.734   1.00 8.07  ? 70  LEU A CA  1 
ATOM   543  C  C   . LEU A 1 70  ? -0.656  6.641   1.081   1.00 19.49 ? 70  LEU A C   1 
ATOM   544  O  O   . LEU A 1 70  ? -1.279  7.605   0.556   1.00 14.71 ? 70  LEU A O   1 
ATOM   545  C  CB  . LEU A 1 70  ? 1.978   6.348   0.786   1.00 4.39  ? 70  LEU A CB  1 
ATOM   546  C  CG  . LEU A 1 70  ? 3.472   6.810   1.205   1.00 21.85 ? 70  LEU A CG  1 
ATOM   547  C  CD1 . LEU A 1 70  ? 4.630   6.294   0.254   1.00 26.44 ? 70  LEU A CD1 1 
ATOM   548  C  CD2 . LEU A 1 70  ? 3.444   8.333   1.424   1.00 27.22 ? 70  LEU A CD2 1 
ATOM   549  N  N   . VAL A 1 71  ? -1.181  5.456   1.108   1.00 8.81  ? 71  VAL A N   1 
ATOM   550  C  CA  . VAL A 1 71  ? -2.593  5.219   0.499   1.00 10.98 ? 71  VAL A CA  1 
ATOM   551  C  C   . VAL A 1 71  ? -3.834  5.954   1.212   1.00 21.60 ? 71  VAL A C   1 
ATOM   552  O  O   . VAL A 1 71  ? -4.808  6.596   0.618   1.00 13.59 ? 71  VAL A O   1 
ATOM   553  C  CB  . VAL A 1 71  ? -2.845  3.725   0.276   1.00 11.33 ? 71  VAL A CB  1 
ATOM   554  C  CG1 . VAL A 1 71  ? -4.348  3.486   -0.322  1.00 4.01  ? 71  VAL A CG1 1 
ATOM   555  C  CG2 . VAL A 1 71  ? -1.650  3.013   -0.541  1.00 3.64  ? 71  VAL A CG2 1 
ATOM   556  N  N   . TYR A 1 72  ? -3.655  6.031   2.451   1.00 21.55 ? 72  TYR A N   1 
ATOM   557  C  CA  . TYR A 1 72  ? -4.648  6.821   3.295   1.00 11.99 ? 72  TYR A CA  1 
ATOM   558  C  C   . TYR A 1 72  ? -4.652  8.298   3.061   1.00 12.40 ? 72  TYR A C   1 
ATOM   559  O  O   . TYR A 1 72  ? -5.832  8.965   2.953   1.00 16.96 ? 72  TYR A O   1 
ATOM   560  C  CB  . TYR A 1 72  ? -4.261  6.535   4.692   1.00 11.36 ? 72  TYR A CB  1 
ATOM   561  C  CG  . TYR A 1 72  ? -4.745  7.657   5.664   1.00 5.46  ? 72  TYR A CG  1 
ATOM   562  C  CD1 . TYR A 1 72  ? -3.717  8.416   6.261   1.00 24.66 ? 72  TYR A CD1 1 
ATOM   563  C  CD2 . TYR A 1 72  ? -6.186  7.923   5.924   1.00 10.46 ? 72  TYR A CD2 1 
ATOM   564  C  CE1 . TYR A 1 72  ? -4.121  9.454   7.114   1.00 24.31 ? 72  TYR A CE1 1 
ATOM   565  C  CE2 . TYR A 1 72  ? -6.600  8.961   6.778   1.00 8.48  ? 72  TYR A CE2 1 
ATOM   566  C  CZ  . TYR A 1 72  ? -5.563  9.726   7.368   1.00 21.56 ? 72  TYR A CZ  1 
ATOM   567  O  OH  . TYR A 1 72  ? -5.979  10.807  8.245   1.00 34.94 ? 72  TYR A OH  1 
ATOM   568  N  N   . GLU A 1 73  ? -3.373  8.785   2.950   1.00 16.27 ? 73  GLU A N   1 
ATOM   569  C  CA  . GLU A 1 73  ? -3.249  10.200  2.758   1.00 13.49 ? 73  GLU A CA  1 
ATOM   570  C  C   . GLU A 1 73  ? -3.838  10.572  1.461   1.00 14.57 ? 73  GLU A C   1 
ATOM   571  O  O   . GLU A 1 73  ? -4.599  11.634  1.367   1.00 15.41 ? 73  GLU A O   1 
ATOM   572  C  CB  . GLU A 1 73  ? -1.682  10.616  2.946   1.00 11.70 ? 73  GLU A CB  1 
ATOM   573  C  CG  . GLU A 1 73  ? -1.169  10.566  4.341   1.00 30.57 ? 73  GLU A CG  1 
ATOM   574  C  CD  . GLU A 1 73  ? 0.336   11.099  4.509   1.00 38.32 ? 73  GLU A CD  1 
ATOM   575  O  OE1 . GLU A 1 73  ? 0.796   11.419  5.604   1.00 40.55 ? 73  GLU A OE1 1 
ATOM   576  O  OE2 . GLU A 1 73  ? 1.206   10.984  3.611   1.00 34.04 ? 73  GLU A OE2 1 
ATOM   577  N  N   . ALA A 1 74  ? -3.625  9.645   0.545   1.00 12.42 ? 74  ALA A N   1 
ATOM   578  C  CA  . ALA A 1 74  ? -4.212  9.785   -0.747  1.00 14.79 ? 74  ALA A CA  1 
ATOM   579  C  C   . ALA A 1 74  ? -5.853  9.922   -0.778  1.00 8.32  ? 74  ALA A C   1 
ATOM   580  O  O   . ALA A 1 74  ? -6.497  10.797  -1.414  1.00 12.98 ? 74  ALA A O   1 
ATOM   581  C  CB  . ALA A 1 74  ? -3.722  8.593   -1.635  1.00 16.37 ? 74  ALA A CB  1 
ATOM   582  N  N   . ALA A 1 75  ? -6.484  9.121   -0.054  1.00 10.41 ? 75  ALA A N   1 
ATOM   583  C  CA  . ALA A 1 75  ? -8.057  9.145   0.049   1.00 7.31  ? 75  ALA A CA  1 
ATOM   584  C  C   . ALA A 1 75  ? -8.685  10.464  0.620   1.00 12.23 ? 75  ALA A C   1 
ATOM   585  O  O   . ALA A 1 75  ? -9.853  10.962  0.188   1.00 18.11 ? 75  ALA A O   1 
ATOM   586  C  CB  . ALA A 1 75  ? -8.512  8.026   0.853   1.00 4.69  ? 75  ALA A CB  1 
ATOM   587  N  N   . ILE A 1 76  ? -7.928  11.017  1.554   1.00 17.49 ? 76  ILE A N   1 
ATOM   588  C  CA  . ILE A 1 76  ? -8.454  12.292  2.153   1.00 14.30 ? 76  ILE A CA  1 
ATOM   589  C  C   . ILE A 1 76  ? -8.274  13.403  1.270   1.00 25.10 ? 76  ILE A C   1 
ATOM   590  O  O   . ILE A 1 76  ? -9.311  14.227  1.073   1.00 12.02 ? 76  ILE A O   1 
ATOM   591  C  CB  . ILE A 1 76  ? -7.663  12.612  3.426   1.00 19.75 ? 76  ILE A CB  1 
ATOM   592  C  CG1 . ILE A 1 76  ? -7.759  11.495  4.350   1.00 20.87 ? 76  ILE A CG1 1 
ATOM   593  C  CG2 . ILE A 1 76  ? -8.190  13.974  4.037   1.00 16.69 ? 76  ILE A CG2 1 
ATOM   594  C  CD1 . ILE A 1 76  ? -9.326  11.261  4.688   1.00 15.26 ? 76  ILE A CD1 1 
ATOM   595  N  N   . GLN A 1 77  ? -7.042  13.324  0.666   1.00 4.50  ? 77  GLN A N   1 
ATOM   596  C  CA  . GLN A 1 77  ? -6.765  14.297  -0.253  1.00 8.41  ? 77  GLN A CA  1 
ATOM   597  C  C   . GLN A 1 77  ? -7.831  14.281  -1.379  1.00 21.07 ? 77  GLN A C   1 
ATOM   598  O  O   . GLN A 1 77  ? -8.428  15.348  -1.722  1.00 15.59 ? 77  GLN A O   1 
ATOM   599  C  CB  . GLN A 1 77  ? -5.178  14.166  -0.666  1.00 11.74 ? 77  GLN A CB  1 
ATOM   600  C  CG  . GLN A 1 77  ? -4.781  15.386  -1.365  1.00 20.31 ? 77  GLN A CG  1 
ATOM   601  C  CD  . GLN A 1 77  ? -3.158  15.324  -1.552  1.00 21.68 ? 77  GLN A CD  1 
ATOM   602  O  OE1 . GLN A 1 77  ? -2.394  16.158  -0.965  1.00 21.90 ? 77  GLN A OE1 1 
ATOM   603  N  NE2 . GLN A 1 77  ? -2.648  14.260  -2.195  1.00 4.66  ? 77  GLN A NE2 1 
ATOM   604  N  N   . LEU A 1 78  ? -8.274  13.114  -1.788  1.00 17.79 ? 78  LEU A N   1 
ATOM   605  C  CA  . LEU A 1 78  ? -9.426  12.989  -2.767  1.00 10.83 ? 78  LEU A CA  1 
ATOM   606  C  C   . LEU A 1 78  ? -10.869 13.613  -2.319  1.00 8.20  ? 78  LEU A C   1 
ATOM   607  O  O   . LEU A 1 78  ? -11.639 14.319  -3.038  1.00 21.08 ? 78  LEU A O   1 
ATOM   608  C  CB  . LEU A 1 78  ? -9.637  11.520  -3.145  1.00 15.78 ? 78  LEU A CB  1 
ATOM   609  C  CG  . LEU A 1 78  ? -8.575  10.951  -4.154  1.00 18.95 ? 78  LEU A CG  1 
ATOM   610  C  CD1 . LEU A 1 78  ? -8.436  9.424   -4.172  1.00 16.51 ? 78  LEU A CD1 1 
ATOM   611  C  CD2 . LEU A 1 78  ? -9.015  11.449  -5.469  1.00 9.93  ? 78  LEU A CD2 1 
ATOM   612  N  N   . GLU A 1 79  ? -11.184 13.406  -1.151  1.00 11.43 ? 79  GLU A N   1 
ATOM   613  C  CA  . GLU A 1 79  ? -12.544 13.947  -0.624  1.00 4.52  ? 79  GLU A CA  1 
ATOM   614  C  C   . GLU A 1 79  ? -12.593 15.459  -0.468  1.00 17.80 ? 79  GLU A C   1 
ATOM   615  O  O   . GLU A 1 79  ? -13.692 16.124  -0.836  1.00 23.04 ? 79  GLU A O   1 
ATOM   616  C  CB  . GLU A 1 79  ? -12.809 13.331  0.642   1.00 14.71 ? 79  GLU A CB  1 
ATOM   617  C  CG  . GLU A 1 79  ? -14.362 13.612  1.114   1.00 10.56 ? 79  GLU A CG  1 
ATOM   618  C  CD  . GLU A 1 79  ? -14.365 14.632  2.234   1.00 39.06 ? 79  GLU A CD  1 
ATOM   619  O  OE1 . GLU A 1 79  ? -13.337 14.591  3.030   1.00 36.77 ? 79  GLU A OE1 1 
ATOM   620  O  OE2 . GLU A 1 79  ? -15.157 15.680  2.179   1.00 36.87 ? 79  GLU A OE2 1 
ATOM   621  N  N   . VAL A 1 80  ? -11.432 15.964  0.048   1.00 11.29 ? 80  VAL A N   1 
ATOM   622  C  CA  . VAL A 1 80  ? -11.276 17.397  0.305   1.00 20.43 ? 80  VAL A CA  1 
ATOM   623  C  C   . VAL A 1 80  ? -11.163 18.168  -0.886  1.00 28.29 ? 80  VAL A C   1 
ATOM   624  O  O   . VAL A 1 80  ? -11.901 19.239  -0.997  1.00 24.52 ? 80  VAL A O   1 
ATOM   625  C  CB  . VAL A 1 80  ? -9.951  17.613  1.190   1.00 5.35  ? 80  VAL A CB  1 
ATOM   626  C  CG1 . VAL A 1 80  ? -9.541  19.072  1.329   1.00 14.93 ? 80  VAL A CG1 1 
ATOM   627  C  CG2 . VAL A 1 80  ? -10.224 17.087  2.493   1.00 14.25 ? 80  VAL A CG2 1 
ATOM   628  N  N   . THR A 1 81  ? -10.164 17.714  -1.680  1.00 11.10 ? 81  THR A N   1 
ATOM   629  C  CA  . THR A 1 81  ? -9.763  18.472  -2.739  1.00 16.50 ? 81  THR A CA  1 
ATOM   630  C  C   . THR A 1 81  ? -10.373 17.968  -4.013  1.00 12.06 ? 81  THR A C   1 
ATOM   631  O  O   . THR A 1 81  ? -10.453 18.726  -4.912  1.00 15.44 ? 81  THR A O   1 
ATOM   632  C  CB  . THR A 1 81  ? -8.111  18.488  -2.825  1.00 3.64  ? 81  THR A CB  1 
ATOM   633  O  OG1 . THR A 1 81  ? -7.523  17.211  -3.289  1.00 17.24 ? 81  THR A OG1 1 
ATOM   634  C  CG2 . THR A 1 81  ? -7.396  18.893  -1.546  1.00 11.93 ? 81  THR A CG2 1 
ATOM   635  N  N   . GLY A 1 82  ? -10.647 16.703  -4.124  1.00 11.09 ? 82  GLY A N   1 
ATOM   636  C  CA  . GLY A 1 82  ? -11.145 16.092  -5.339  1.00 8.94  ? 82  GLY A CA  1 
ATOM   637  C  C   . GLY A 1 82  ? -9.949  15.358  -6.108  1.00 13.00 ? 82  GLY A C   1 
ATOM   638  O  O   . GLY A 1 82  ? -10.245 14.708  -7.121  1.00 14.54 ? 82  GLY A O   1 
ATOM   639  N  N   . VAL A 1 83  ? -8.623  15.504  -5.693  1.00 15.33 ? 83  VAL A N   1 
ATOM   640  C  CA  . VAL A 1 83  ? -7.390  14.824  -6.359  1.00 17.15 ? 83  VAL A CA  1 
ATOM   641  C  C   . VAL A 1 83  ? -6.332  14.101  -5.470  1.00 14.22 ? 83  VAL A C   1 
ATOM   642  O  O   . VAL A 1 83  ? -6.280  14.475  -4.318  1.00 16.66 ? 83  VAL A O   1 
ATOM   643  C  CB  . VAL A 1 83  ? -6.571  15.812  -7.102  1.00 8.46  ? 83  VAL A CB  1 
ATOM   644  C  CG1 . VAL A 1 83  ? -7.519  16.445  -8.144  1.00 17.66 ? 83  VAL A CG1 1 
ATOM   645  C  CG2 . VAL A 1 83  ? -5.887  16.892  -6.229  1.00 14.89 ? 83  VAL A CG2 1 
ATOM   646  N  N   . VAL A 1 84  ? -5.308  13.342  -6.035  1.00 15.85 ? 84  VAL A N   1 
ATOM   647  C  CA  . VAL A 1 84  ? -3.944  12.976  -5.377  1.00 22.06 ? 84  VAL A CA  1 
ATOM   648  C  C   . VAL A 1 84  ? -2.758  13.802  -5.836  1.00 12.88 ? 84  VAL A C   1 
ATOM   649  O  O   . VAL A 1 84  ? -2.525  13.784  -7.003  1.00 20.73 ? 84  VAL A O   1 
ATOM   650  C  CB  . VAL A 1 84  ? -3.501  11.485  -5.615  1.00 15.13 ? 84  VAL A CB  1 
ATOM   651  C  CG1 . VAL A 1 84  ? -1.982  11.133  -5.075  1.00 14.88 ? 84  VAL A CG1 1 
ATOM   652  C  CG2 . VAL A 1 84  ? -4.606  10.596  -5.085  1.00 19.37 ? 84  VAL A CG2 1 
ATOM   653  N  N   . VAL A 1 85  ? -2.156  14.616  -4.984  1.00 13.02 ? 85  VAL A N   1 
ATOM   654  C  CA  . VAL A 1 85  ? -1.039  15.510  -5.305  1.00 16.50 ? 85  VAL A CA  1 
ATOM   655  C  C   . VAL A 1 85  ? 0.453   14.802  -5.411  1.00 17.06 ? 85  VAL A C   1 
ATOM   656  O  O   . VAL A 1 85  ? 1.052   14.291  -4.462  1.00 23.08 ? 85  VAL A O   1 
ATOM   657  C  CB  . VAL A 1 85  ? -0.986  16.696  -4.322  1.00 16.21 ? 85  VAL A CB  1 
ATOM   658  C  CG1 . VAL A 1 85  ? 0.218   17.638  -4.567  1.00 20.06 ? 85  VAL A CG1 1 
ATOM   659  C  CG2 . VAL A 1 85  ? -2.466  17.458  -4.211  1.00 27.40 ? 85  VAL A CG2 1 
ATOM   660  N  N   . THR A 1 86  ? 1.038   14.782  -6.532  1.00 20.73 ? 86  THR A N   1 
ATOM   661  C  CA  . THR A 1 86  ? 2.513   14.237  -6.733  1.00 38.64 ? 86  THR A CA  1 
ATOM   662  C  C   . THR A 1 86  ? 3.600   15.168  -6.132  1.00 26.97 ? 86  THR A C   1 
ATOM   663  O  O   . THR A 1 86  ? 3.739   16.271  -6.596  1.00 40.02 ? 86  THR A O   1 
ATOM   664  C  CB  . THR A 1 86  ? 2.839   14.064  -8.153  1.00 34.66 ? 86  THR A CB  1 
ATOM   665  O  OG1 . THR A 1 86  ? 1.676   13.464  -8.845  1.00 40.82 ? 86  THR A OG1 1 
ATOM   666  C  CG2 . THR A 1 86  ? 4.270   13.247  -8.386  1.00 39.65 ? 86  THR A CG2 1 
ATOM   667  N  N   . ASP A 1 87  ? 4.337   14.748  -5.140  1.00 25.14 ? 87  ASP A N   1 
ATOM   668  C  CA  . ASP A 1 87  ? 5.486   15.521  -4.550  1.00 24.02 ? 87  ASP A CA  1 
ATOM   669  C  C   . ASP A 1 87  ? 6.990   14.839  -4.667  1.00 35.59 ? 87  ASP A C   1 
ATOM   670  O  O   . ASP A 1 87  ? 7.168   13.798  -5.371  1.00 30.42 ? 87  ASP A O   1 
ATOM   671  C  CB  . ASP A 1 87  ? 5.175   15.946  -3.161  1.00 15.42 ? 87  ASP A CB  1 
ATOM   672  C  CG  . ASP A 1 87  ? 5.329   14.760  -2.329  1.00 43.80 ? 87  ASP A CG  1 
ATOM   673  O  OD1 . ASP A 1 87  ? 5.305   13.595  -2.819  1.00 45.40 ? 87  ASP A OD1 1 
ATOM   674  O  OD2 . ASP A 1 87  ? 5.025   14.952  -1.180  1.00 42.92 ? 87  ASP A OD2 1 
ATOM   675  N  N   . ALA A 1 88  ? 8.012   15.415  -3.992  1.00 28.01 ? 88  ALA A N   1 
ATOM   676  C  CA  . ALA A 1 88  ? 9.528   14.916  -4.020  1.00 44.26 ? 88  ALA A CA  1 
ATOM   677  C  C   . ALA A 1 88  ? 9.739   13.504  -3.591  1.00 39.27 ? 88  ALA A C   1 
ATOM   678  O  O   . ALA A 1 88  ? 10.537  12.665  -4.201  1.00 39.31 ? 88  ALA A O   1 
ATOM   679  C  CB  . ALA A 1 88  ? 10.483  15.825  -3.188  1.00 45.37 ? 88  ALA A CB  1 
ATOM   680  N  N   . THR A 1 89  ? 8.930   13.252  -2.642  1.00 20.42 ? 89  THR A N   1 
ATOM   681  C  CA  . THR A 1 89  ? 8.913   11.946  -2.122  1.00 29.94 ? 89  THR A CA  1 
ATOM   682  C  C   . THR A 1 89  ? 8.431   10.883  -3.099  1.00 34.77 ? 89  THR A C   1 
ATOM   683  O  O   . THR A 1 89  ? 9.118   9.775   -3.196  1.00 33.77 ? 89  THR A O   1 
ATOM   684  C  CB  . THR A 1 89  ? 7.893   12.039  -0.992  1.00 40.36 ? 89  THR A CB  1 
ATOM   685  O  OG1 . THR A 1 89  ? 8.361   13.052  -0.093  1.00 48.91 ? 89  THR A OG1 1 
ATOM   686  C  CG2 . THR A 1 89  ? 7.825   10.715  -0.346  1.00 41.74 ? 89  THR A CG2 1 
ATOM   687  N  N   . LEU A 1 90  ? 7.300   11.216  -3.806  1.00 16.86 ? 90  LEU A N   1 
ATOM   688  C  CA  . LEU A 1 90  ? 6.724   10.216  -4.707  1.00 13.98 ? 90  LEU A CA  1 
ATOM   689  C  C   . LEU A 1 90  ? 7.645   10.005  -5.875  1.00 28.54 ? 90  LEU A C   1 
ATOM   690  O  O   . LEU A 1 90  ? 7.797   8.868   -6.422  1.00 22.70 ? 90  LEU A O   1 
ATOM   691  C  CB  . LEU A 1 90  ? 5.148   10.546  -5.111  1.00 16.87 ? 90  LEU A CB  1 
ATOM   692  C  CG  . LEU A 1 90  ? 4.105   10.623  -3.991  1.00 34.73 ? 90  LEU A CG  1 
ATOM   693  C  CD1 . LEU A 1 90  ? 2.527   10.888  -4.436  1.00 32.51 ? 90  LEU A CD1 1 
ATOM   694  C  CD2 . LEU A 1 90  ? 4.277   9.392   -3.194  1.00 31.31 ? 90  LEU A CD2 1 
ATOM   695  N  N   . LYS A 1 91  ? 8.303   11.056  -6.186  1.00 24.78 ? 91  LYS A N   1 
ATOM   696  C  CA  . LYS A 1 91  ? 9.324   10.926  -7.229  1.00 38.05 ? 91  LYS A CA  1 
ATOM   697  C  C   . LYS A 1 91  ? 10.650  10.060  -6.869  1.00 34.51 ? 91  LYS A C   1 
ATOM   698  O  O   . LYS A 1 91  ? 11.212  9.212   -7.653  1.00 36.16 ? 91  LYS A O   1 
ATOM   699  C  CB  . LYS A 1 91  ? 9.826   12.281  -7.585  1.00 32.62 ? 91  LYS A CB  1 
ATOM   700  C  CG  . LYS A 1 91  ? 8.583   13.215  -8.048  1.00 25.81 ? 91  LYS A CG  1 
ATOM   701  C  CD  . LYS A 1 91  ? 9.153   14.345  -8.779  0.00 0.00  ? 91  LYS A CD  1 
ATOM   702  C  CE  . LYS A 1 91  ? 7.929   15.297  -9.250  0.00 0.00  ? 91  LYS A CE  1 
ATOM   703  N  NZ  . LYS A 1 91  ? 7.192   15.986  -8.166  0.00 0.00  ? 91  LYS A NZ  1 
ATOM   704  N  N   . ASN A 1 92  ? 11.055  10.206  -5.677  1.00 23.11 ? 92  ASN A N   1 
ATOM   705  C  CA  . ASN A 1 92  ? 12.265  9.392   -5.186  1.00 15.47 ? 92  ASN A CA  1 
ATOM   706  C  C   . ASN A 1 92  ? 11.876  7.960   -5.095  1.00 15.96 ? 92  ASN A C   1 
ATOM   707  O  O   . ASN A 1 92  ? 12.743  7.049   -5.518  1.00 28.19 ? 92  ASN A O   1 
ATOM   708  C  CB  . ASN A 1 92  ? 12.795  9.949   -3.890  1.00 33.65 ? 92  ASN A CB  1 
ATOM   709  C  CG  . ASN A 1 92  ? 14.108  9.075   -3.509  1.00 57.45 ? 92  ASN A CG  1 
ATOM   710  O  OD1 . ASN A 1 92  ? 15.207  9.033   -4.188  1.00 54.63 ? 92  ASN A OD1 1 
ATOM   711  N  ND2 . ASN A 1 92  ? 13.790  8.089   -2.819  1.00 52.86 ? 92  ASN A ND2 1 
ATOM   712  N  N   . LEU A 1 93  ? 10.535  7.804   -4.742  1.00 16.82 ? 93  LEU A N   1 
ATOM   713  C  CA  . LEU A 1 93  ? 9.932   6.486   -4.754  1.00 15.25 ? 93  LEU A CA  1 
ATOM   714  C  C   . LEU A 1 93  ? 10.009  5.760   -6.051  1.00 17.08 ? 93  LEU A C   1 
ATOM   715  O  O   . LEU A 1 93  ? 10.485  4.571   -6.139  1.00 22.13 ? 93  LEU A O   1 
ATOM   716  C  CB  . LEU A 1 93  ? 8.349   6.520   -4.342  1.00 17.26 ? 93  LEU A CB  1 
ATOM   717  C  CG  . LEU A 1 93  ? 8.195   6.427   -2.909  1.00 31.64 ? 93  LEU A CG  1 
ATOM   718  C  CD1 . LEU A 1 93  ? 6.620   6.201   -2.592  1.00 34.23 ? 93  LEU A CD1 1 
ATOM   719  C  CD2 . LEU A 1 93  ? 9.233   5.329   -2.399  1.00 37.19 ? 93  LEU A CD2 1 
ATOM   720  N  N   . GLY A 1 94  ? 9.644   6.489   -7.013  1.00 25.17 ? 94  GLY A N   1 
ATOM   721  C  CA  . GLY A 1 94  ? 9.685   5.940   -8.329  1.00 17.51 ? 94  GLY A CA  1 
ATOM   722  C  C   . GLY A 1 94  ? 11.188  5.387   -8.697  1.00 19.39 ? 94  GLY A C   1 
ATOM   723  O  O   . GLY A 1 94  ? 11.360  4.283   -9.306  1.00 23.04 ? 94  GLY A O   1 
ATOM   724  N  N   . SER A 1 95  ? 12.236  6.112   -8.258  1.00 26.82 ? 95  SER A N   1 
ATOM   725  C  CA  . SER A 1 95  ? 13.752  5.722   -8.492  1.00 28.35 ? 95  SER A CA  1 
ATOM   726  C  C   . SER A 1 95  ? 14.243  4.459   -7.845  1.00 22.52 ? 95  SER A C   1 
ATOM   727  O  O   . SER A 1 95  ? 14.918  3.534   -8.468  1.00 29.33 ? 95  SER A O   1 
ATOM   728  C  CB  . SER A 1 95  ? 14.709  6.852   -8.024  1.00 24.03 ? 95  SER A CB  1 
ATOM   729  O  OG  . SER A 1 95  ? 16.194  6.403   -8.129  1.00 50.49 ? 95  SER A OG  1 
ATOM   730  N  N   . VAL A 1 96  ? 13.897  4.433   -6.642  1.00 19.55 ? 96  VAL A N   1 
ATOM   731  C  CA  . VAL A 1 96  ? 14.321  3.278   -5.905  1.00 10.87 ? 96  VAL A CA  1 
ATOM   732  C  C   . VAL A 1 96  ? 13.677  1.993   -6.412  1.00 28.26 ? 96  VAL A C   1 
ATOM   733  O  O   . VAL A 1 96  ? 14.473  0.942   -6.487  1.00 27.79 ? 96  VAL A O   1 
ATOM   734  C  CB  . VAL A 1 96  ? 14.201  3.530   -4.447  1.00 16.71 ? 96  VAL A CB  1 
ATOM   735  C  CG1 . VAL A 1 96  ? 12.898  4.429   -4.017  1.00 46.61 ? 96  VAL A CG1 1 
ATOM   736  C  CG2 . VAL A 1 96  ? 14.301  2.249   -3.715  1.00 33.00 ? 96  VAL A CG2 1 
ATOM   737  N  N   . HIS A 1 97  ? 12.381  2.102   -6.949  1.00 12.08 ? 97  HIS A N   1 
ATOM   738  C  CA  . HIS A 1 97  ? 11.721  0.905   -7.503  1.00 9.02  ? 97  HIS A CA  1 
ATOM   739  C  C   . HIS A 1 97  ? 12.383  0.373   -8.742  1.00 13.07 ? 97  HIS A C   1 
ATOM   740  O  O   . HIS A 1 97  ? 12.584  -0.861  -8.954  1.00 23.05 ? 97  HIS A O   1 
ATOM   741  C  CB  . HIS A 1 97  ? 10.082  1.113   -7.693  1.00 15.17 ? 97  HIS A CB  1 
ATOM   742  C  CG  . HIS A 1 97  ? 9.356   1.227   -6.400  1.00 18.61 ? 97  HIS A CG  1 
ATOM   743  N  ND1 . HIS A 1 97  ? 8.947   2.456   -5.802  1.00 24.20 ? 97  HIS A ND1 1 
ATOM   744  C  CD2 . HIS A 1 97  ? 9.044   0.267   -5.659  1.00 13.33 ? 97  HIS A CD2 1 
ATOM   745  C  CE1 . HIS A 1 97  ? 8.353   2.230   -4.639  1.00 18.40 ? 97  HIS A CE1 1 
ATOM   746  N  NE2 . HIS A 1 97  ? 8.416   0.851   -4.556  1.00 8.02  ? 97  HIS A NE2 1 
ATOM   747  N  N   . VAL A 1 98  ? 12.785  1.280   -9.481  1.00 17.39 ? 98  VAL A N   1 
ATOM   748  C  CA  . VAL A 1 98  ? 13.543  0.851   -10.640 1.00 9.27  ? 98  VAL A CA  1 
ATOM   749  C  C   . VAL A 1 98  ? 15.001  0.154   -10.327 1.00 19.42 ? 98  VAL A C   1 
ATOM   750  O  O   . VAL A 1 98  ? 15.334  -0.967  -10.850 1.00 25.08 ? 98  VAL A O   1 
ATOM   751  C  CB  . VAL A 1 98  ? 13.699  2.014   -11.504 1.00 15.01 ? 98  VAL A CB  1 
ATOM   752  C  CG1 . VAL A 1 98  ? 14.585  1.589   -12.685 1.00 26.40 ? 98  VAL A CG1 1 
ATOM   753  C  CG2 . VAL A 1 98  ? 12.212  2.605   -11.920 1.00 4.89  ? 98  VAL A CG2 1 
ATOM   754  N  N   . SER A 1 99  ? 15.715  0.700   -9.358  1.00 18.85 ? 99  SER A N   1 
ATOM   755  C  CA  . SER A 1 99  ? 17.096  0.112   -8.883  1.00 26.52 ? 99  SER A CA  1 
ATOM   756  C  C   . SER A 1 99  ? 16.969  -1.282  -8.439  1.00 31.44 ? 99  SER A C   1 
ATOM   757  O  O   . SER A 1 99  ? 18.027  -2.111  -8.529  1.00 35.00 ? 99  SER A O   1 
ATOM   758  C  CB  . SER A 1 99  ? 17.704  0.969   -7.767  1.00 15.07 ? 99  SER A CB  1 
ATOM   759  O  OG  . SER A 1 99  ? 17.856  2.295   -8.143  1.00 52.90 ? 99  SER A OG  1 
ATOM   760  N  N   . LYS A 1 100 ? 15.738  -1.496  -7.920  1.00 23.26 ? 100 LYS A N   1 
ATOM   761  C  CA  . LYS A 1 100 ? 15.504  -2.745  -7.332  1.00 14.97 ? 100 LYS A CA  1 
ATOM   762  C  C   . LYS A 1 100 ? 14.927  -3.818  -8.248  1.00 16.04 ? 100 LYS A C   1 
ATOM   763  O  O   . LYS A 1 100 ? 14.720  -4.944  -7.861  1.00 31.32 ? 100 LYS A O   1 
ATOM   764  C  CB  . LYS A 1 100 ? 14.478  -2.499  -6.208  1.00 21.44 ? 100 LYS A CB  1 
ATOM   765  C  CG  . LYS A 1 100 ? 15.208  -1.783  -5.060  1.00 30.85 ? 100 LYS A CG  1 
ATOM   766  C  CD  . LYS A 1 100 ? 16.466  -2.642  -4.506  1.00 45.00 ? 100 LYS A CD  1 
ATOM   767  C  CE  . LYS A 1 100 ? 17.141  -1.959  -3.313  1.00 40.69 ? 100 LYS A CE  1 
ATOM   768  N  NZ  . LYS A 1 100 ? 18.255  -2.848  -2.751  0.00 0.00  ? 100 LYS A NZ  1 
ATOM   769  N  N   . GLY A 1 101 ? 14.720  -3.501  -9.427  1.00 19.91 ? 101 GLY A N   1 
ATOM   770  C  CA  . GLY A 1 101 ? 14.199  -4.471  -10.394 1.00 15.12 ? 101 GLY A CA  1 
ATOM   771  C  C   . GLY A 1 101 ? 12.581  -4.659  -10.348 1.00 24.70 ? 101 GLY A C   1 
ATOM   772  O  O   . GLY A 1 101 ? 12.063  -5.682  -10.870 1.00 21.25 ? 101 GLY A O   1 
ATOM   773  N  N   . VAL A 1 102 ? 11.799  -3.654  -9.827  1.00 20.44 ? 102 VAL A N   1 
ATOM   774  C  CA  . VAL A 1 102 ? 10.216  -3.644  -9.803  1.00 11.09 ? 102 VAL A CA  1 
ATOM   775  C  C   . VAL A 1 102 ? 9.529   -3.187  -11.039 1.00 19.12 ? 102 VAL A C   1 
ATOM   776  O  O   . VAL A 1 102 ? 9.954   -2.167  -11.501 1.00 24.51 ? 102 VAL A O   1 
ATOM   777  C  CB  . VAL A 1 102 ? 9.666   -2.728  -8.680  1.00 16.79 ? 102 VAL A CB  1 
ATOM   778  C  CG1 . VAL A 1 102 ? 8.007   -2.622  -8.602  1.00 13.70 ? 102 VAL A CG1 1 
ATOM   779  C  CG2 . VAL A 1 102 ? 10.384  -3.139  -7.427  1.00 11.64 ? 102 VAL A CG2 1 
ATOM   780  N  N   . ALA A 1 103 ? 8.531   -3.914  -11.582 1.00 17.19 ? 103 ALA A N   1 
ATOM   781  C  CA  . ALA A 1 103 ? 7.720   -3.553  -12.727 1.00 3.00  ? 103 ALA A CA  1 
ATOM   782  C  C   . ALA A 1 103 ? 6.127   -3.251  -12.459 1.00 12.11 ? 103 ALA A C   1 
ATOM   783  O  O   . ALA A 1 103 ? 5.638   -3.506  -11.410 1.00 11.35 ? 103 ALA A O   1 
ATOM   784  C  CB  . ALA A 1 103 ? 7.862   -4.694  -13.750 1.00 7.45  ? 103 ALA A CB  1 
ATOM   785  N  N   . ASP A 1 104 ? 5.363   -2.695  -13.368 1.00 13.09 ? 104 ASP A N   1 
ATOM   786  C  CA  . ASP A 1 104 ? 3.812   -2.351  -13.279 1.00 9.85  ? 104 ASP A CA  1 
ATOM   787  C  C   . ASP A 1 104 ? 2.939   -3.515  -12.959 1.00 17.47 ? 104 ASP A C   1 
ATOM   788  O  O   . ASP A 1 104 ? 1.791   -3.304  -12.355 1.00 20.16 ? 104 ASP A O   1 
ATOM   789  C  CB  . ASP A 1 104 ? 3.222   -1.866  -14.552 1.00 15.48 ? 104 ASP A CB  1 
ATOM   790  C  CG  . ASP A 1 104 ? 3.891   -0.572  -14.826 1.00 33.58 ? 104 ASP A CG  1 
ATOM   791  O  OD1 . ASP A 1 104 ? 3.384   0.088   -15.720 1.00 45.38 ? 104 ASP A OD1 1 
ATOM   792  O  OD2 . ASP A 1 104 ? 4.669   -0.009  -13.994 1.00 44.39 ? 104 ASP A OD2 1 
ATOM   793  N  N   . ALA A 1 105 ? 3.401   -4.696  -13.416 1.00 11.49 ? 105 ALA A N   1 
ATOM   794  C  CA  . ALA A 1 105 ? 2.565   -5.861  -13.231 1.00 13.10 ? 105 ALA A CA  1 
ATOM   795  C  C   . ALA A 1 105 ? 2.736   -6.359  -11.899 1.00 11.29 ? 105 ALA A C   1 
ATOM   796  O  O   . ALA A 1 105 ? 1.870   -7.163  -11.537 1.00 17.85 ? 105 ALA A O   1 
ATOM   797  C  CB  . ALA A 1 105 ? 2.900   -7.005  -14.225 1.00 4.58  ? 105 ALA A CB  1 
ATOM   798  N  N   . HIS A 1 106 ? 3.705   -5.776  -11.154 1.00 15.55 ? 106 HIS A N   1 
ATOM   799  C  CA  . HIS A 1 106 ? 3.870   -6.061  -9.809  1.00 15.21 ? 106 HIS A CA  1 
ATOM   800  C  C   . HIS A 1 106 ? 2.668   -5.384  -9.016  1.00 20.42 ? 106 HIS A C   1 
ATOM   801  O  O   . HIS A 1 106 ? 2.328   -5.882  -8.011  1.00 21.99 ? 106 HIS A O   1 
ATOM   802  C  CB  . HIS A 1 106 ? 5.312   -5.604  -9.239  1.00 5.00  ? 106 HIS A CB  1 
ATOM   803  C  CG  . HIS A 1 106 ? 6.582   -6.618  -9.508  1.00 12.37 ? 106 HIS A CG  1 
ATOM   804  N  ND1 . HIS A 1 106 ? 7.773   -6.297  -10.194 1.00 17.57 ? 106 HIS A ND1 1 
ATOM   805  C  CD2 . HIS A 1 106 ? 6.802   -7.867  -9.140  1.00 21.99 ? 106 HIS A CD2 1 
ATOM   806  C  CE1 . HIS A 1 106 ? 8.764   -7.409  -10.249 1.00 16.61 ? 106 HIS A CE1 1 
ATOM   807  N  NE2 . HIS A 1 106 ? 8.142   -8.395  -9.586  1.00 17.66 ? 106 HIS A NE2 1 
ATOM   808  N  N   . PHE A 1 107 ? 2.180   -4.216  -9.386  1.00 15.92 ? 107 PHE A N   1 
ATOM   809  C  CA  . PHE A 1 107 ? 1.105   -3.349  -8.679  1.00 22.89 ? 107 PHE A CA  1 
ATOM   810  C  C   . PHE A 1 107 ? -0.243  -3.980  -8.233  1.00 9.80  ? 107 PHE A C   1 
ATOM   811  O  O   . PHE A 1 107 ? -0.626  -3.730  -7.109  1.00 11.13 ? 107 PHE A O   1 
ATOM   812  C  CB  . PHE A 1 107 ? 0.774   -1.980  -9.240  1.00 22.22 ? 107 PHE A CB  1 
ATOM   813  C  CG  . PHE A 1 107 ? 2.035   -1.051  -9.020  1.00 15.38 ? 107 PHE A CG  1 
ATOM   814  C  CD1 . PHE A 1 107 ? 3.205   -1.167  -9.803  1.00 16.84 ? 107 PHE A CD1 1 
ATOM   815  C  CD2 . PHE A 1 107 ? 2.001   -0.112  -8.019  1.00 13.74 ? 107 PHE A CD2 1 
ATOM   816  C  CE1 . PHE A 1 107 ? 4.358   -0.352  -9.586  1.00 18.43 ? 107 PHE A CE1 1 
ATOM   817  C  CE2 . PHE A 1 107 ? 3.147   0.707   -7.793  1.00 14.15 ? 107 PHE A CE2 1 
ATOM   818  C  CZ  . PHE A 1 107 ? 4.332   0.586   -8.576  1.00 4.71  ? 107 PHE A CZ  1 
ATOM   819  N  N   . PRO A 1 108 ? -0.915  -4.838  -8.997  1.00 13.39 ? 108 PRO A N   1 
ATOM   820  C  CA  . PRO A 1 108 ? -2.145  -5.533  -8.553  1.00 8.82  ? 108 PRO A CA  1 
ATOM   821  C  C   . PRO A 1 108 ? -1.766  -6.471  -7.495  1.00 21.11 ? 108 PRO A C   1 
ATOM   822  O  O   . PRO A 1 108 ? -2.727  -6.707  -6.735  1.00 11.00 ? 108 PRO A O   1 
ATOM   823  C  CB  . PRO A 1 108 ? -2.818  -6.286  -9.707  1.00 16.95 ? 108 PRO A CB  1 
ATOM   824  C  CG  . PRO A 1 108 ? -2.060  -5.870  -10.879 1.00 5.47  ? 108 PRO A CG  1 
ATOM   825  C  CD  . PRO A 1 108 ? -0.783  -5.071  -10.388 1.00 5.04  ? 108 PRO A CD  1 
ATOM   826  N  N   . VAL A 1 109 ? -0.397  -6.915  -7.392  1.00 8.28  ? 109 VAL A N   1 
ATOM   827  C  CA  . VAL A 1 109 ? 0.098   -7.776  -6.371  1.00 3.51  ? 109 VAL A CA  1 
ATOM   828  C  C   . VAL A 1 109 ? 0.030   -7.061  -5.068  1.00 9.35  ? 109 VAL A C   1 
ATOM   829  O  O   . VAL A 1 109 ? -0.651  -7.542  -4.203  1.00 15.77 ? 109 VAL A O   1 
ATOM   830  C  CB  . VAL A 1 109 ? 1.647   -8.361  -6.578  1.00 17.33 ? 109 VAL A CB  1 
ATOM   831  C  CG1 . VAL A 1 109 ? 2.232   -9.126  -5.439  1.00 14.43 ? 109 VAL A CG1 1 
ATOM   832  C  CG2 . VAL A 1 109 ? 1.755   -9.223  -7.823  1.00 7.51  ? 109 VAL A CG2 1 
ATOM   833  N  N   . VAL A 1 110 ? 0.651   -5.918  -4.955  1.00 8.97  ? 110 VAL A N   1 
ATOM   834  C  CA  . VAL A 1 110 ? 0.623   -5.123  -3.747  1.00 14.80 ? 110 VAL A CA  1 
ATOM   835  C  C   . VAL A 1 110 ? -0.894  -4.550  -3.441  1.00 12.13 ? 110 VAL A C   1 
ATOM   836  O  O   . VAL A 1 110 ? -1.340  -4.508  -2.328  1.00 10.11 ? 110 VAL A O   1 
ATOM   837  C  CB  . VAL A 1 110 ? 1.751   -4.048  -3.703  1.00 16.03 ? 110 VAL A CB  1 
ATOM   838  C  CG1 . VAL A 1 110 ? 1.570   -3.026  -2.570  1.00 12.84 ? 110 VAL A CG1 1 
ATOM   839  C  CG2 . VAL A 1 110 ? 3.305   -4.674  -3.715  1.00 4.71  ? 110 VAL A CG2 1 
ATOM   840  N  N   . LYS A 1 111 ? -1.748  -4.343  -4.423  1.00 11.85 ? 111 LYS A N   1 
ATOM   841  C  CA  . LYS A 1 111 ? -3.261  -3.879  -4.255  1.00 5.51  ? 111 LYS A CA  1 
ATOM   842  C  C   . LYS A 1 111 ? -4.150  -4.844  -3.593  1.00 7.57  ? 111 LYS A C   1 
ATOM   843  O  O   . LYS A 1 111 ? -4.793  -4.472  -2.587  1.00 8.65  ? 111 LYS A O   1 
ATOM   844  C  CB  . LYS A 1 111 ? -3.957  -3.601  -5.553  1.00 4.78  ? 111 LYS A CB  1 
ATOM   845  C  CG  . LYS A 1 111 ? -5.528  -3.042  -5.477  1.00 24.40 ? 111 LYS A CG  1 
ATOM   846  C  CD  . LYS A 1 111 ? -6.044  -2.680  -6.809  1.00 17.21 ? 111 LYS A CD  1 
ATOM   847  C  CE  . LYS A 1 111 ? -7.621  -2.157  -6.881  1.00 23.05 ? 111 LYS A CE  1 
ATOM   848  N  NZ  . LYS A 1 111 ? -7.920  -1.758  -8.178  1.00 30.86 ? 111 LYS A NZ  1 
ATOM   849  N  N   . GLU A 1 112 ? -4.143  -6.051  -4.123  1.00 9.88  ? 112 GLU A N   1 
ATOM   850  C  CA  . GLU A 1 112 ? -4.950  -7.058  -3.559  1.00 13.80 ? 112 GLU A CA  1 
ATOM   851  C  C   . GLU A 1 112 ? -4.421  -7.332  -2.225  1.00 7.90  ? 112 GLU A C   1 
ATOM   852  O  O   . GLU A 1 112 ? -5.320  -7.487  -1.383  1.00 12.49 ? 112 GLU A O   1 
ATOM   853  C  CB  . GLU A 1 112 ? -4.930  -8.354  -4.397  1.00 8.39  ? 112 GLU A CB  1 
ATOM   854  C  CG  . GLU A 1 112 ? -5.649  -8.134  -5.704  1.00 21.02 ? 112 GLU A CG  1 
ATOM   855  C  CD  . GLU A 1 112 ? -7.193  -7.561  -5.525  1.00 35.06 ? 112 GLU A CD  1 
ATOM   856  O  OE1 . GLU A 1 112 ? -8.078  -8.188  -4.945  1.00 20.79 ? 112 GLU A OE1 1 
ATOM   857  O  OE2 . GLU A 1 112 ? -7.636  -6.542  -6.083  1.00 19.16 ? 112 GLU A OE2 1 
ATOM   858  N  N   . ALA A 1 113 ? -3.024  -7.275  -2.027  1.00 11.79 ? 113 ALA A N   1 
ATOM   859  C  CA  . ALA A 1 113 ? -2.382  -7.550  -0.788  1.00 4.79  ? 113 ALA A CA  1 
ATOM   860  C  C   . ALA A 1 113 ? -2.874  -6.501  0.222   1.00 3.00  ? 113 ALA A C   1 
ATOM   861  O  O   . ALA A 1 113 ? -3.229  -6.855  1.284   1.00 9.94  ? 113 ALA A O   1 
ATOM   862  C  CB  . ALA A 1 113 ? -0.722  -7.669  -0.842  1.00 7.13  ? 113 ALA A CB  1 
ATOM   863  N  N   . ILE A 1 114 ? -3.023  -5.276  -0.157  1.00 11.68 ? 114 ILE A N   1 
ATOM   864  C  CA  . ILE A 1 114 ? -3.551  -4.169  0.705   1.00 7.19  ? 114 ILE A CA  1 
ATOM   865  C  C   . ILE A 1 114 ? -5.147  -4.256  0.979   1.00 11.99 ? 114 ILE A C   1 
ATOM   866  O  O   . ILE A 1 114 ? -5.585  -4.064  2.095   1.00 11.73 ? 114 ILE A O   1 
ATOM   867  C  CB  . ILE A 1 114 ? -3.274  -2.805  0.183   1.00 8.54  ? 114 ILE A CB  1 
ATOM   868  C  CG1 . ILE A 1 114 ? -1.653  -2.558  0.195   1.00 3.90  ? 114 ILE A CG1 1 
ATOM   869  C  CG2 . ILE A 1 114 ? -4.121  -1.640  0.887   1.00 7.81  ? 114 ILE A CG2 1 
ATOM   870  C  CD1 . ILE A 1 114 ? -1.368  -1.195  -0.294  1.00 7.47  ? 114 ILE A CD1 1 
ATOM   871  N  N   . LEU A 1 115 ? -5.970  -4.616  0.001   1.00 11.88 ? 115 LEU A N   1 
ATOM   872  C  CA  . LEU A 1 115 ? -7.527  -4.719  0.146   1.00 11.89 ? 115 LEU A CA  1 
ATOM   873  C  C   . LEU A 1 115 ? -7.848  -5.837  0.983   1.00 5.56  ? 115 LEU A C   1 
ATOM   874  O  O   . LEU A 1 115 ? -8.752  -5.634  1.847   1.00 16.57 ? 115 LEU A O   1 
ATOM   875  C  CB  . LEU A 1 115 ? -8.317  -4.904  -1.148  1.00 10.23 ? 115 LEU A CB  1 
ATOM   876  C  CG  . LEU A 1 115 ? -8.329  -3.663  -1.938  1.00 16.19 ? 115 LEU A CG  1 
ATOM   877  C  CD1 . LEU A 1 115 ? -8.973  -3.937  -3.275  1.00 12.68 ? 115 LEU A CD1 1 
ATOM   878  C  CD2 . LEU A 1 115 ? -9.111  -2.433  -1.273  1.00 6.62  ? 115 LEU A CD2 1 
ATOM   879  N  N   . LYS A 1 116 ? -7.017  -6.929  0.819   1.00 8.70  ? 116 LYS A N   1 
ATOM   880  C  CA  . LYS A 1 116 ? -7.162  -8.050  1.615   1.00 5.54  ? 116 LYS A CA  1 
ATOM   881  C  C   . LYS A 1 116 ? -6.701  -7.738  2.990   1.00 6.41  ? 116 LYS A C   1 
ATOM   882  O  O   . LYS A 1 116 ? -7.481  -8.065  3.864   1.00 14.73 ? 116 LYS A O   1 
ATOM   883  C  CB  . LYS A 1 116 ? -6.325  -9.308  1.075   1.00 7.23  ? 116 LYS A CB  1 
ATOM   884  C  CG  . LYS A 1 116 ? -7.049  -9.880  -0.149  1.00 45.14 ? 116 LYS A CG  1 
ATOM   885  C  CD  . LYS A 1 116 ? -6.142  -11.048 -0.788  1.00 48.36 ? 116 LYS A CD  1 
ATOM   886  C  CE  . LYS A 1 116 ? -6.923  -11.656 -1.968  1.00 50.44 ? 116 LYS A CE  1 
ATOM   887  N  NZ  . LYS A 1 116 ? -7.350  -10.626 -2.853  1.00 60.14 ? 116 LYS A NZ  1 
ATOM   888  N  N   . THR A 1 117 ? -5.532  -7.055  3.163   1.00 10.75 ? 117 THR A N   1 
ATOM   889  C  CA  . THR A 1 117 ? -4.987  -6.655  4.433   1.00 3.67  ? 117 THR A CA  1 
ATOM   890  C  C   . THR A 1 117 ? -6.091  -5.761  5.166   1.00 12.37 ? 117 THR A C   1 
ATOM   891  O  O   . THR A 1 117 ? -6.452  -6.056  6.246   1.00 21.62 ? 117 THR A O   1 
ATOM   892  C  CB  . THR A 1 117 ? -3.546  -5.965  4.399   1.00 12.80 ? 117 THR A CB  1 
ATOM   893  O  OG1 . THR A 1 117 ? -2.446  -6.874  3.881   1.00 10.32 ? 117 THR A OG1 1 
ATOM   894  C  CG2 . THR A 1 117 ? -3.037  -5.429  5.724   1.00 8.11  ? 117 THR A CG2 1 
ATOM   895  N  N   . ILE A 1 118 ? -6.673  -4.759  4.558   1.00 15.01 ? 118 ILE A N   1 
ATOM   896  C  CA  . ILE A 1 118 ? -7.777  -3.855  5.156   1.00 9.37  ? 118 ILE A CA  1 
ATOM   897  C  C   . ILE A 1 118 ? -9.131  -4.568  5.424   1.00 13.28 ? 118 ILE A C   1 
ATOM   898  O  O   . ILE A 1 118 ? -9.768  -4.315  6.452   1.00 13.37 ? 118 ILE A O   1 
ATOM   899  C  CB  . ILE A 1 118 ? -8.137  -2.655  4.345   1.00 14.31 ? 118 ILE A CB  1 
ATOM   900  C  CG1 . ILE A 1 118 ? -6.856  -1.746  4.351   1.00 16.78 ? 118 ILE A CG1 1 
ATOM   901  C  CG2 . ILE A 1 118 ? -9.530  -1.864  4.766   1.00 11.85 ? 118 ILE A CG2 1 
ATOM   902  C  CD1 . ILE A 1 118 ? -6.513  -1.138  5.689   1.00 12.77 ? 118 ILE A CD1 1 
ATOM   903  N  N   . LYS A 1 119 ? -9.406  -5.587  4.638   1.00 12.84 ? 119 LYS A N   1 
ATOM   904  C  CA  . LYS A 1 119 ? -10.639 -6.378  4.873   1.00 13.32 ? 119 LYS A CA  1 
ATOM   905  C  C   . LYS A 1 119 ? -10.449 -7.120  6.083   1.00 10.31 ? 119 LYS A C   1 
ATOM   906  O  O   . LYS A 1 119 ? -11.464 -7.108  6.851   1.00 13.50 ? 119 LYS A O   1 
ATOM   907  C  CB  . LYS A 1 119 ? -10.986 -7.350  3.746   1.00 23.06 ? 119 LYS A CB  1 
ATOM   908  C  CG  . LYS A 1 119 ? -12.463 -7.940  3.897   1.00 23.61 ? 119 LYS A CG  1 
ATOM   909  C  CD  . LYS A 1 119 ? -12.862 -8.915  2.789   1.00 31.56 ? 119 LYS A CD  1 
ATOM   910  C  CE  . LYS A 1 119 ? -12.833 -8.290  1.498   0.00 0.00  ? 119 LYS A CE  1 
ATOM   911  N  NZ  . LYS A 1 119 ? -13.311 -9.238  0.490   0.00 0.00  ? 119 LYS A NZ  1 
ATOM   912  N  N   . GLU A 1 120 ? -9.120  -7.554  6.336   1.00 14.08 ? 120 GLU A N   1 
ATOM   913  C  CA  . GLU A 1 120 ? -8.776  -8.216  7.512   1.00 13.32 ? 120 GLU A CA  1 
ATOM   914  C  C   . GLU A 1 120 ? -8.712  -7.260  8.675   1.00 16.57 ? 120 GLU A C   1 
ATOM   915  O  O   . GLU A 1 120 ? -9.223  -7.577  9.697   1.00 27.38 ? 120 GLU A O   1 
ATOM   916  C  CB  . GLU A 1 120 ? -7.372  -9.101  7.396   1.00 18.43 ? 120 GLU A CB  1 
ATOM   917  C  CG  . GLU A 1 120 ? -7.490  -10.175 6.309   1.00 43.35 ? 120 GLU A CG  1 
ATOM   918  C  CD  . GLU A 1 120 ? -6.060  -10.994 6.214   1.00 50.07 ? 120 GLU A CD  1 
ATOM   919  O  OE1 . GLU A 1 120 ? -5.952  -11.994 5.449   1.00 43.18 ? 120 GLU A OE1 1 
ATOM   920  O  OE2 . GLU A 1 120 ? -5.145  -10.876 7.101   1.00 33.47 ? 120 GLU A OE2 1 
ATOM   921  N  N   . VAL A 1 121 ? -8.152  -6.120  8.511   1.00 16.87 ? 121 VAL A N   1 
ATOM   922  C  CA  . VAL A 1 121 ? -8.061  -5.085  9.537   1.00 5.07  ? 121 VAL A CA  1 
ATOM   923  C  C   . VAL A 1 121 ? -9.532  -4.617  10.068  1.00 8.45  ? 121 VAL A C   1 
ATOM   924  O  O   . VAL A 1 121 ? -9.708  -4.545  11.245  1.00 16.73 ? 121 VAL A O   1 
ATOM   925  C  CB  . VAL A 1 121 ? -7.271  -3.905  9.085   1.00 7.52  ? 121 VAL A CB  1 
ATOM   926  C  CG1 . VAL A 1 121 ? -7.410  -2.675  10.007  1.00 6.84  ? 121 VAL A CG1 1 
ATOM   927  C  CG2 . VAL A 1 121 ? -5.670  -4.298  8.816   1.00 11.25 ? 121 VAL A CG2 1 
ATOM   928  N  N   . VAL A 1 122 ? -10.563 -4.294  9.251   1.00 17.69 ? 122 VAL A N   1 
ATOM   929  C  CA  . VAL A 1 122 ? -11.947 -3.679  9.695   1.00 3.64  ? 122 VAL A CA  1 
ATOM   930  C  C   . VAL A 1 122 ? -13.038 -4.664  10.028  1.00 12.52 ? 122 VAL A C   1 
ATOM   931  O  O   . VAL A 1 122 ? -14.071 -4.284  10.733  1.00 20.01 ? 122 VAL A O   1 
ATOM   932  C  CB  . VAL A 1 122 ? -12.607 -2.685  8.761   1.00 4.66  ? 122 VAL A CB  1 
ATOM   933  C  CG1 . VAL A 1 122 ? -11.579 -1.570  8.587   1.00 5.55  ? 122 VAL A CG1 1 
ATOM   934  C  CG2 . VAL A 1 122 ? -13.013 -3.376  7.477   1.00 6.37  ? 122 VAL A CG2 1 
ATOM   935  N  N   . GLY A 1 123 ? -12.728 -5.899  9.607   1.00 15.67 ? 123 GLY A N   1 
ATOM   936  C  CA  . GLY A 1 123 ? -13.644 -6.989  9.841   1.00 21.70 ? 123 GLY A CA  1 
ATOM   937  C  C   . GLY A 1 123 ? -15.215 -6.696  9.446   1.00 24.17 ? 123 GLY A C   1 
ATOM   938  O  O   . GLY A 1 123 ? -15.515 -6.358  8.343   1.00 16.12 ? 123 GLY A O   1 
ATOM   939  N  N   . ALA A 1 124 ? -16.177 -6.856  10.312  1.00 21.19 ? 124 ALA A N   1 
ATOM   940  C  CA  . ALA A 1 124 ? -17.743 -6.729  10.066  1.00 23.63 ? 124 ALA A CA  1 
ATOM   941  C  C   . ALA A 1 124 ? -18.283 -5.359  9.677   1.00 16.82 ? 124 ALA A C   1 
ATOM   942  O  O   . ALA A 1 124 ? -19.557 -5.190  9.262   1.00 23.00 ? 124 ALA A O   1 
ATOM   943  C  CB  . ALA A 1 124 ? -18.590 -7.062  11.226  1.00 20.35 ? 124 ALA A CB  1 
ATOM   944  N  N   . LYS A 1 125 ? -17.356 -4.420  9.839   1.00 13.37 ? 125 LYS A N   1 
ATOM   945  C  CA  . LYS A 1 125 ? -17.757 -3.062  9.491   1.00 21.11 ? 125 LYS A CA  1 
ATOM   946  C  C   . LYS A 1 125 ? -17.552 -2.894  8.090   1.00 22.78 ? 125 LYS A C   1 
ATOM   947  O  O   . LYS A 1 125 ? -17.743 -1.769  7.655   1.00 16.04 ? 125 LYS A O   1 
ATOM   948  C  CB  . LYS A 1 125 ? -16.898 -2.016  10.257  1.00 23.79 ? 125 LYS A CB  1 
ATOM   949  C  CG  . LYS A 1 125 ? -17.163 -2.011  11.689  1.00 37.08 ? 125 LYS A CG  1 
ATOM   950  C  CD  . LYS A 1 125 ? -16.531 -0.802  12.410  1.00 30.25 ? 125 LYS A CD  1 
ATOM   951  C  CE  . LYS A 1 125 ? -14.897 -0.731  12.222  1.00 40.08 ? 125 LYS A CE  1 
ATOM   952  N  NZ  . LYS A 1 125 ? -14.080 -1.848  12.786  1.00 37.75 ? 125 LYS A NZ  1 
ATOM   953  N  N   . TRP A 1 126 ? -17.081 -3.965  7.431   1.00 15.25 ? 126 TRP A N   1 
ATOM   954  C  CA  . TRP A 1 126 ? -16.750 -3.899  6.091   1.00 10.05 ? 126 TRP A CA  1 
ATOM   955  C  C   . TRP A 1 126 ? -18.103 -3.569  5.290   1.00 15.10 ? 126 TRP A C   1 
ATOM   956  O  O   . TRP A 1 126 ? -19.284 -4.009  5.576   1.00 17.44 ? 126 TRP A O   1 
ATOM   957  C  CB  . TRP A 1 126 ? -16.001 -5.227  5.606   1.00 11.41 ? 126 TRP A CB  1 
ATOM   958  C  CG  . TRP A 1 126 ? -15.344 -5.124  4.298   1.00 23.10 ? 126 TRP A CG  1 
ATOM   959  C  CD1 . TRP A 1 126 ? -14.103 -4.603  3.998   1.00 20.11 ? 126 TRP A CD1 1 
ATOM   960  C  CD2 . TRP A 1 126 ? -15.974 -5.548  3.145   1.00 19.80 ? 126 TRP A CD2 1 
ATOM   961  N  NE1 . TRP A 1 126 ? -13.948 -4.703  2.677   1.00 26.61 ? 126 TRP A NE1 1 
ATOM   962  C  CE2 . TRP A 1 126 ? -15.038 -5.256  2.185   1.00 14.57 ? 126 TRP A CE2 1 
ATOM   963  C  CE3 . TRP A 1 126 ? -17.266 -6.131  2.878   1.00 29.86 ? 126 TRP A CE3 1 
ATOM   964  C  CZ2 . TRP A 1 126 ? -15.351 -5.536  0.917   1.00 35.96 ? 126 TRP A CZ2 1 
ATOM   965  C  CZ3 . TRP A 1 126 ? -17.587 -6.404  1.599   1.00 43.53 ? 126 TRP A CZ3 1 
ATOM   966  C  CH2 . TRP A 1 126 ? -16.656 -6.119  0.649   1.00 36.89 ? 126 TRP A CH2 1 
ATOM   967  N  N   . SER A 1 127 ? -17.967 -2.747  4.377   1.00 19.52 ? 127 SER A N   1 
ATOM   968  C  CA  . SER A 1 127 ? -19.149 -2.404  3.481   1.00 18.26 ? 127 SER A CA  1 
ATOM   969  C  C   . SER A 1 127 ? -18.637 -2.268  2.138   1.00 20.34 ? 127 SER A C   1 
ATOM   970  O  O   . SER A 1 127 ? -17.335 -2.082  1.943   1.00 11.54 ? 127 SER A O   1 
ATOM   971  C  CB  . SER A 1 127 ? -19.984 -1.100  3.900   1.00 7.61  ? 127 SER A CB  1 
ATOM   972  O  OG  . SER A 1 127 ? -19.100 -0.008  3.746   1.00 11.79 ? 127 SER A OG  1 
ATOM   973  N  N   . GLU A 1 128 ? -19.654 -2.288  1.257   1.00 17.36 ? 128 GLU A N   1 
ATOM   974  C  CA  . GLU A 1 128 ? -19.346 -2.085  -0.068  1.00 18.05 ? 128 GLU A CA  1 
ATOM   975  C  C   . GLU A 1 128 ? -18.835 -0.703  -0.213  1.00 5.80  ? 128 GLU A C   1 
ATOM   976  O  O   . GLU A 1 128 ? -17.798 -0.549  -0.916  1.00 15.51 ? 128 GLU A O   1 
ATOM   977  C  CB  . GLU A 1 128 ? -20.688 -2.284  -0.928  1.00 17.95 ? 128 GLU A CB  1 
ATOM   978  C  CG  . GLU A 1 128 ? -21.119 -3.737  -0.991  1.00 56.84 ? 128 GLU A CG  1 
ATOM   979  C  CD  . GLU A 1 128 ? -22.457 -3.863  -1.846  0.00 0.00  ? 128 GLU A CD  1 
ATOM   980  O  OE1 . GLU A 1 128 ? -23.407 -4.633  -1.576  0.00 0.00  ? 128 GLU A OE1 1 
ATOM   981  O  OE2 . GLU A 1 128 ? -22.460 -3.443  -2.942  0.00 0.00  ? 128 GLU A OE2 1 
ATOM   982  N  N   . GLU A 1 129 ? -19.524 0.240   0.480   1.00 8.94  ? 129 GLU A N   1 
ATOM   983  C  CA  . GLU A 1 129 ? -19.154 1.630   0.511   1.00 6.46  ? 129 GLU A CA  1 
ATOM   984  C  C   . GLU A 1 129 ? -17.583 1.796   0.911   1.00 9.71  ? 129 GLU A C   1 
ATOM   985  O  O   . GLU A 1 129 ? -16.832 2.574   0.362   1.00 14.81 ? 129 GLU A O   1 
ATOM   986  C  CB  . GLU A 1 129 ? -20.118 2.441   1.470   1.00 10.40 ? 129 GLU A CB  1 
ATOM   987  C  CG  . GLU A 1 129 ? -19.939 3.943   1.426   1.00 27.50 ? 129 GLU A CG  1 
ATOM   988  C  CD  . GLU A 1 129 ? -20.875 4.498   0.354   1.00 44.10 ? 129 GLU A CD  1 
ATOM   989  O  OE1 . GLU A 1 129 ? -21.693 5.513   0.588   1.00 45.82 ? 129 GLU A OE1 1 
ATOM   990  O  OE2 . GLU A 1 129 ? -20.699 4.073   -0.777  1.00 37.82 ? 129 GLU A OE2 1 
ATOM   991  N  N   . LEU A 1 130 ? -17.108 1.071   1.841   1.00 22.22 ? 130 LEU A N   1 
ATOM   992  C  CA  . LEU A 1 130 ? -15.617 1.114   2.321   1.00 14.02 ? 130 LEU A CA  1 
ATOM   993  C  C   . LEU A 1 130 ? -14.589 0.501   1.317   1.00 6.71  ? 130 LEU A C   1 
ATOM   994  O  O   . LEU A 1 130 ? -13.445 1.040   1.088   1.00 14.49 ? 130 LEU A O   1 
ATOM   995  C  CB  . LEU A 1 130 ? -15.469 0.331   3.534   1.00 13.39 ? 130 LEU A CB  1 
ATOM   996  C  CG  . LEU A 1 130 ? -13.935 0.252   4.131   1.00 9.55  ? 130 LEU A CG  1 
ATOM   997  C  CD1 . LEU A 1 130 ? -13.434 1.620   4.617   1.00 21.25 ? 130 LEU A CD1 1 
ATOM   998  C  CD2 . LEU A 1 130 ? -13.810 -0.745  5.178   1.00 21.09 ? 130 LEU A CD2 1 
ATOM   999  N  N   . ASN A 1 131 ? -15.040 -0.571  0.706   1.00 22.47 ? 131 ASN A N   1 
ATOM   1000 C  CA  . ASN A 1 131 ? -14.193 -1.304  -0.277  1.00 8.58  ? 131 ASN A CA  1 
ATOM   1001 C  C   . ASN A 1 131 ? -13.997 -0.467  -1.399  1.00 8.90  ? 131 ASN A C   1 
ATOM   1002 O  O   . ASN A 1 131 ? -12.766 -0.390  -1.847  1.00 11.69 ? 131 ASN A O   1 
ATOM   1003 C  CB  . ASN A 1 131 ? -14.970 -2.539  -0.764  1.00 10.26 ? 131 ASN A CB  1 
ATOM   1004 C  CG  . ASN A 1 131 ? -14.031 -3.287  -1.760  1.00 25.01 ? 131 ASN A CG  1 
ATOM   1005 O  OD1 . ASN A 1 131 ? -14.407 -3.311  -2.910  1.00 28.22 ? 131 ASN A OD1 1 
ATOM   1006 N  ND2 . ASN A 1 131 ? -12.801 -3.806  -1.324  1.00 22.64 ? 131 ASN A ND2 1 
ATOM   1007 N  N   . SER A 1 132 ? -15.174 0.213   -1.754  1.00 12.86 ? 132 SER A N   1 
ATOM   1008 C  CA  . SER A 1 132 ? -15.166 1.122   -2.785  1.00 8.09  ? 132 SER A CA  1 
ATOM   1009 C  C   . SER A 1 132 ? -14.243 2.301   -2.467  1.00 6.40  ? 132 SER A C   1 
ATOM   1010 O  O   . SER A 1 132 ? -13.416 2.668   -3.284  1.00 14.95 ? 132 SER A O   1 
ATOM   1011 C  CB  . SER A 1 132 ? -16.705 1.616   -3.171  1.00 3.00  ? 132 SER A CB  1 
ATOM   1012 O  OG  A SER A 1 132 ? -17.289 2.584   -2.248  0.33 17.00 ? 132 SER A OG  1 
ATOM   1013 O  OG  B SER A 1 132 ? -17.584 0.501   -3.357  0.33 6.93  ? 132 SER A OG  1 
ATOM   1014 O  OG  C SER A 1 132 ? -16.681 2.933   -3.608  0.33 3.06  ? 132 SER A OG  1 
ATOM   1015 N  N   . ALA A 1 133 ? -14.330 2.830   -1.302  1.00 12.35 ? 133 ALA A N   1 
ATOM   1016 C  CA  . ALA A 1 133 ? -13.466 3.952   -0.875  1.00 13.38 ? 133 ALA A CA  1 
ATOM   1017 C  C   . ALA A 1 133 ? -11.834 3.640   -0.926  1.00 18.59 ? 133 ALA A C   1 
ATOM   1018 O  O   . ALA A 1 133 ? -11.048 4.392   -1.476  1.00 16.27 ? 133 ALA A O   1 
ATOM   1019 C  CB  . ALA A 1 133 ? -13.893 4.480   0.464   1.00 9.44  ? 133 ALA A CB  1 
ATOM   1020 N  N   . TRP A 1 134 ? -11.348 2.510   -0.462  1.00 16.15 ? 134 TRP A N   1 
ATOM   1021 C  CA  . TRP A 1 134 ? -9.811  2.094   -0.519  1.00 5.19  ? 134 TRP A CA  1 
ATOM   1022 C  C   . TRP A 1 134 ? -9.360  1.720   -1.874  1.00 15.96 ? 134 TRP A C   1 
ATOM   1023 O  O   . TRP A 1 134 ? -8.097  1.911   -2.193  1.00 17.22 ? 134 TRP A O   1 
ATOM   1024 C  CB  . TRP A 1 134 ? -9.415  0.906   0.299   1.00 8.43  ? 134 TRP A CB  1 
ATOM   1025 C  CG  . TRP A 1 134 ? -9.215  1.279   1.724   1.00 8.00  ? 134 TRP A CG  1 
ATOM   1026 C  CD1 . TRP A 1 134 ? -10.180 1.297   2.652   1.00 3.92  ? 134 TRP A CD1 1 
ATOM   1027 C  CD2 . TRP A 1 134 ? -7.923  1.634   2.328   1.00 12.72 ? 134 TRP A CD2 1 
ATOM   1028 N  NE1 . TRP A 1 134 ? -9.519  1.678   3.816   1.00 9.43  ? 134 TRP A NE1 1 
ATOM   1029 C  CE2 . TRP A 1 134 ? -8.202  1.876   3.623   1.00 12.49 ? 134 TRP A CE2 1 
ATOM   1030 C  CE3 . TRP A 1 134 ? -6.562  1.760   1.854   1.00 24.77 ? 134 TRP A CE3 1 
ATOM   1031 C  CZ2 . TRP A 1 134 ? -7.149  2.262   4.496   1.00 11.55 ? 134 TRP A CZ2 1 
ATOM   1032 C  CZ3 . TRP A 1 134 ? -5.501  2.152   2.732   1.00 9.97  ? 134 TRP A CZ3 1 
ATOM   1033 C  CH2 . TRP A 1 134 ? -5.788  2.401   4.014   1.00 14.95 ? 134 TRP A CH2 1 
ATOM   1034 N  N   . THR A 1 135 ? -10.365 1.230   -2.643  1.00 14.77 ? 135 THR A N   1 
ATOM   1035 C  CA  . THR A 1 135 ? -10.055 0.830   -3.973  1.00 17.56 ? 135 THR A CA  1 
ATOM   1036 C  C   . THR A 1 135 ? -9.802  2.009   -4.761  1.00 9.04  ? 135 THR A C   1 
ATOM   1037 O  O   . THR A 1 135 ? -8.681  2.009   -5.400  1.00 15.10 ? 135 THR A O   1 
ATOM   1038 C  CB  . THR A 1 135 ? -11.257 0.006   -4.586  1.00 5.05  ? 135 THR A CB  1 
ATOM   1039 O  OG1 . THR A 1 135 ? -11.305 -1.212  -3.961  1.00 11.97 ? 135 THR A OG1 1 
ATOM   1040 C  CG2 . THR A 1 135 ? -11.036 -0.310  -6.011  1.00 18.64 ? 135 THR A CG2 1 
ATOM   1041 N  N   . ILE A 1 136 ? -10.725 3.032   -4.604  1.00 8.03  ? 136 ILE A N   1 
ATOM   1042 C  CA  . ILE A 1 136 ? -10.559 4.246   -5.258  1.00 5.18  ? 136 ILE A CA  1 
ATOM   1043 C  C   . ILE A 1 136 ? -9.175  4.902   -4.855  1.00 5.36  ? 136 ILE A C   1 
ATOM   1044 O  O   . ILE A 1 136 ? -8.363  5.265   -5.686  1.00 20.73 ? 136 ILE A O   1 
ATOM   1045 C  CB  . ILE A 1 136 ? -11.852 5.248   -5.019  1.00 20.69 ? 136 ILE A CB  1 
ATOM   1046 C  CG1 . ILE A 1 136 ? -13.291 4.680   -5.468  1.00 27.95 ? 136 ILE A CG1 1 
ATOM   1047 C  CG2 . ILE A 1 136 ? -11.651 6.582   -5.610  1.00 25.26 ? 136 ILE A CG2 1 
ATOM   1048 C  CD1 . ILE A 1 136 ? -14.586 5.558   -4.967  1.00 19.11 ? 136 ILE A CD1 1 
ATOM   1049 N  N   . ALA A 1 137 ? -8.919  5.024   -3.628  1.00 10.19 ? 137 ALA A N   1 
ATOM   1050 C  CA  . ALA A 1 137 ? -7.647  5.685   -3.118  1.00 17.51 ? 137 ALA A CA  1 
ATOM   1051 C  C   . ALA A 1 137 ? -6.231  4.974   -3.551  1.00 16.88 ? 137 ALA A C   1 
ATOM   1052 O  O   . ALA A 1 137 ? -5.190  5.627   -3.856  1.00 9.07  ? 137 ALA A O   1 
ATOM   1053 C  CB  . ALA A 1 137 ? -7.672  5.796   -1.663  1.00 10.05 ? 137 ALA A CB  1 
ATOM   1054 N  N   . TYR A 1 138 ? -6.251  3.670   -3.678  1.00 9.80  ? 138 TYR A N   1 
ATOM   1055 C  CA  . TYR A 1 138 ? -4.999  2.885   -4.172  1.00 7.71  ? 138 TYR A CA  1 
ATOM   1056 C  C   . TYR A 1 138 ? -4.797  3.121   -5.565  1.00 12.48 ? 138 TYR A C   1 
ATOM   1057 O  O   . TYR A 1 138 ? -3.602  3.485   -5.903  1.00 18.52 ? 138 TYR A O   1 
ATOM   1058 C  CB  . TYR A 1 138 ? -5.099  1.387   -3.989  1.00 8.15  ? 138 TYR A CB  1 
ATOM   1059 C  CG  . TYR A 1 138 ? -3.688  0.595   -4.363  1.00 15.31 ? 138 TYR A CG  1 
ATOM   1060 C  CD1 . TYR A 1 138 ? -3.476  0.144   -5.602  1.00 14.76 ? 138 TYR A CD1 1 
ATOM   1061 C  CD2 . TYR A 1 138 ? -2.626  0.357   -3.462  1.00 8.05  ? 138 TYR A CD2 1 
ATOM   1062 C  CE1 . TYR A 1 138 ? -2.205  -0.544  -5.949  1.00 5.46  ? 138 TYR A CE1 1 
ATOM   1063 C  CE2 . TYR A 1 138 ? -1.353  -0.344  -3.797  1.00 8.67  ? 138 TYR A CE2 1 
ATOM   1064 C  CZ  . TYR A 1 138 ? -1.148  -0.793  -5.043  1.00 6.25  ? 138 TYR A CZ  1 
ATOM   1065 O  OH  . TYR A 1 138 ? 0.154   -1.547  -5.395  1.00 8.67  ? 138 TYR A OH  1 
ATOM   1066 N  N   . ASP A 1 139 ? -5.926  2.923   -6.333  1.00 12.89 ? 139 ASP A N   1 
ATOM   1067 C  CA  . ASP A 1 139 ? -5.881  3.094   -7.706  1.00 12.18 ? 139 ASP A CA  1 
ATOM   1068 C  C   . ASP A 1 139 ? -5.361  4.432   -8.037  1.00 5.17  ? 139 ASP A C   1 
ATOM   1069 O  O   . ASP A 1 139 ? -4.451  4.483   -8.887  1.00 8.92  ? 139 ASP A O   1 
ATOM   1070 C  CB  . ASP A 1 139 ? -7.377  2.955   -8.333  1.00 8.62  ? 139 ASP A CB  1 
ATOM   1071 C  CG  . ASP A 1 139 ? -7.658  1.486   -8.460  1.00 20.42 ? 139 ASP A CG  1 
ATOM   1072 O  OD1 . ASP A 1 139 ? -6.651  0.670   -8.165  1.00 14.26 ? 139 ASP A OD1 1 
ATOM   1073 O  OD2 . ASP A 1 139 ? -8.936  1.134   -8.488  1.00 17.95 ? 139 ASP A OD2 1 
ATOM   1074 N  N   . GLU A 1 140 ? -5.929  5.464   -7.389  1.00 4.63  ? 140 GLU A N   1 
ATOM   1075 C  CA  . GLU A 1 140 ? -5.539  6.813   -7.627  1.00 17.02 ? 140 GLU A CA  1 
ATOM   1076 C  C   . GLU A 1 140 ? -3.983  7.058   -7.234  1.00 15.88 ? 140 GLU A C   1 
ATOM   1077 O  O   . GLU A 1 140 ? -3.200  7.659   -7.938  1.00 9.70  ? 140 GLU A O   1 
ATOM   1078 C  CB  . GLU A 1 140 ? -6.567  7.864   -6.951  1.00 4.43  ? 140 GLU A CB  1 
ATOM   1079 C  CG  . GLU A 1 140 ? -8.155  7.775   -7.413  1.00 17.12 ? 140 GLU A CG  1 
ATOM   1080 C  CD  . GLU A 1 140 ? -8.318  7.975   -8.831  1.00 35.02 ? 140 GLU A CD  1 
ATOM   1081 O  OE1 . GLU A 1 140 ? -7.488  8.696   -9.366  1.00 16.04 ? 140 GLU A OE1 1 
ATOM   1082 O  OE2 . GLU A 1 140 ? -9.415  7.588   -9.434  1.00 18.34 ? 140 GLU A OE2 1 
ATOM   1083 N  N   . LEU A 1 141 ? -3.522  6.518   -6.190  1.00 10.24 ? 141 LEU A N   1 
ATOM   1084 C  CA  . LEU A 1 141 ? -2.027  6.649   -5.780  1.00 3.00  ? 141 LEU A CA  1 
ATOM   1085 C  C   . LEU A 1 141 ? -1.011  5.846   -6.685  1.00 16.24 ? 141 LEU A C   1 
ATOM   1086 O  O   . LEU A 1 141 ? 0.135   6.314   -7.027  1.00 19.37 ? 141 LEU A O   1 
ATOM   1087 C  CB  . LEU A 1 141 ? -1.792  6.218   -4.405  1.00 13.54 ? 141 LEU A CB  1 
ATOM   1088 C  CG  . LEU A 1 141 ? -0.240  6.417   -3.881  1.00 11.54 ? 141 LEU A CG  1 
ATOM   1089 C  CD1 . LEU A 1 141 ? 0.127   7.889   -3.824  1.00 9.02  ? 141 LEU A CD1 1 
ATOM   1090 C  CD2 . LEU A 1 141 ? 0.026   5.821   -2.582  1.00 6.20  ? 141 LEU A CD2 1 
ATOM   1091 N  N   . ALA A 1 142 ? -1.498  4.711   -7.136  1.00 13.91 ? 142 ALA A N   1 
ATOM   1092 C  CA  . ALA A 1 142 ? -0.663  3.806   -8.002  1.00 13.86 ? 142 ALA A CA  1 
ATOM   1093 C  C   . ALA A 1 142 ? -0.472  4.389   -9.279  1.00 21.31 ? 142 ALA A C   1 
ATOM   1094 O  O   . ALA A 1 142 ? 0.751   4.292   -9.767  1.00 14.30 ? 142 ALA A O   1 
ATOM   1095 C  CB  . ALA A 1 142 ? -1.342  2.451   -8.193  1.00 7.41  ? 142 ALA A CB  1 
ATOM   1096 N  N   . ILE A 1 143 ? -1.606  5.079   -9.726  1.00 12.38 ? 143 ILE A N   1 
ATOM   1097 C  CA  . ILE A 1 143 ? -1.526  5.755   -10.920 1.00 9.24  ? 143 ILE A CA  1 
ATOM   1098 C  C   . ILE A 1 143 ? -0.356  6.757   -10.854 1.00 17.13 ? 143 ILE A C   1 
ATOM   1099 O  O   . ILE A 1 143 ? 0.518   6.776   -11.743 1.00 14.42 ? 143 ILE A O   1 
ATOM   1100 C  CB  . ILE A 1 143 ? -3.003  6.442   -11.260 1.00 9.83  ? 143 ILE A CB  1 
ATOM   1101 C  CG1 . ILE A 1 143 ? -4.124  5.422   -11.635 1.00 6.34  ? 143 ILE A CG1 1 
ATOM   1102 C  CG2 . ILE A 1 143 ? -2.916  7.442   -12.296 1.00 23.04 ? 143 ILE A CG2 1 
ATOM   1103 C  CD1 . ILE A 1 143 ? -5.653  6.087   -11.752 1.00 16.33 ? 143 ILE A CD1 1 
ATOM   1104 N  N   . VAL A 1 144 ? -0.245  7.447   -9.766  1.00 13.56 ? 144 VAL A N   1 
ATOM   1105 C  CA  . VAL A 1 144 ? 0.833   8.443   -9.532  1.00 19.41 ? 144 VAL A CA  1 
ATOM   1106 C  C   . VAL A 1 144 ? 2.366   7.827   -9.453  1.00 20.37 ? 144 VAL A C   1 
ATOM   1107 O  O   . VAL A 1 144 ? 3.338   8.269   -10.091 1.00 18.78 ? 144 VAL A O   1 
ATOM   1108 C  CB  . VAL A 1 144 ? 0.488   9.313   -8.319  1.00 27.67 ? 144 VAL A CB  1 
ATOM   1109 C  CG1 . VAL A 1 144 ? 1.669   10.290  -7.971  1.00 22.50 ? 144 VAL A CG1 1 
ATOM   1110 C  CG2 . VAL A 1 144 ? -1.013  10.044  -8.411  1.00 23.82 ? 144 VAL A CG2 1 
ATOM   1111 N  N   . ILE A 1 145 ? 2.552   6.787   -8.763  1.00 16.29 ? 145 ILE A N   1 
ATOM   1112 C  CA  . ILE A 1 145 ? 3.987   6.118   -8.635  1.00 24.90 ? 145 ILE A CA  1 
ATOM   1113 C  C   . ILE A 1 145 ? 4.519   5.420   -9.867  1.00 28.54 ? 145 ILE A C   1 
ATOM   1114 O  O   . ILE A 1 145 ? 5.764   5.611   -10.230 1.00 24.62 ? 145 ILE A O   1 
ATOM   1115 C  CB  . ILE A 1 145 ? 4.063   5.174   -7.534  1.00 32.02 ? 145 ILE A CB  1 
ATOM   1116 C  CG1 . ILE A 1 145 ? 3.738   5.948   -6.259  1.00 19.27 ? 145 ILE A CG1 1 
ATOM   1117 C  CG2 . ILE A 1 145 ? 5.527   4.377   -7.465  1.00 22.13 ? 145 ILE A CG2 1 
ATOM   1118 C  CD1 . ILE A 1 145 ? 3.680   5.025   -5.154  1.00 21.94 ? 145 ILE A CD1 1 
ATOM   1119 N  N   . LYS A 1 146 ? 3.557   4.767   -10.552 1.00 10.58 ? 146 LYS A N   1 
ATOM   1120 C  CA  . LYS A 1 146 ? 3.888   4.137   -11.802 1.00 8.11  ? 146 LYS A CA  1 
ATOM   1121 C  C   . LYS A 1 146 ? 4.286   5.153   -12.724 1.00 24.69 ? 146 LYS A C   1 
ATOM   1122 O  O   . LYS A 1 146 ? 5.249   4.859   -13.522 1.00 31.76 ? 146 LYS A O   1 
ATOM   1123 C  CB  . LYS A 1 146 ? 2.594   3.373   -12.341 1.00 16.46 ? 146 LYS A CB  1 
ATOM   1124 C  CG  . LYS A 1 146 ? 2.597   1.982   -11.820 1.00 8.31  ? 146 LYS A CG  1 
ATOM   1125 C  CD  . LYS A 1 146 ? 1.073   1.502   -11.649 1.00 6.26  ? 146 LYS A CD  1 
ATOM   1126 C  CE  . LYS A 1 146 ? 0.172   1.395   -12.880 1.00 21.78 ? 146 LYS A CE  1 
ATOM   1127 N  NZ  . LYS A 1 146 ? -1.286  1.016   -12.586 1.00 33.82 ? 146 LYS A NZ  1 
ATOM   1128 N  N   . LYS A 1 147 ? 3.647   6.336   -12.547 1.00 20.85 ? 147 LYS A N   1 
ATOM   1129 C  CA  . LYS A 1 147 ? 3.977   7.413   -13.340 1.00 27.44 ? 147 LYS A CA  1 
ATOM   1130 C  C   . LYS A 1 147 ? 5.509   7.852   -13.083 1.00 15.85 ? 147 LYS A C   1 
ATOM   1131 O  O   . LYS A 1 147 ? 6.364   7.921   -13.979 1.00 28.77 ? 147 LYS A O   1 
ATOM   1132 C  CB  . LYS A 1 147 ? 2.871   8.598   -13.125 1.00 36.29 ? 147 LYS A CB  1 
ATOM   1133 C  CG  . LYS A 1 147 ? 2.906   9.606   -14.160 1.00 41.80 ? 147 LYS A CG  1 
ATOM   1134 C  CD  . LYS A 1 147 ? 1.889   10.839  -13.878 0.00 0.00  ? 147 LYS A CD  1 
ATOM   1135 C  CE  . LYS A 1 147 ? 2.329   11.597  -12.636 0.00 0.00  ? 147 LYS A CE  1 
ATOM   1136 N  NZ  . LYS A 1 147 ? 1.404   12.813  -12.426 0.00 0.00  ? 147 LYS A NZ  1 
ATOM   1137 N  N   . GLU A 1 148 ? 5.880   7.998   -11.875 1.00 16.91 ? 148 GLU A N   1 
ATOM   1138 C  CA  . GLU A 1 148 ? 7.344   8.325   -11.473 1.00 13.94 ? 148 GLU A CA  1 
ATOM   1139 C  C   . GLU A 1 148 ? 8.475   7.209   -11.792 1.00 31.55 ? 148 GLU A C   1 
ATOM   1140 O  O   . GLU A 1 148 ? 9.773   7.475   -11.887 1.00 31.27 ? 148 GLU A O   1 
ATOM   1141 C  CB  . GLU A 1 148 ? 7.407   8.682   -10.043 1.00 10.50 ? 148 GLU A CB  1 
ATOM   1142 C  CG  . GLU A 1 148 ? 6.256   9.775   -9.650  1.00 28.92 ? 148 GLU A CG  1 
ATOM   1143 C  CD  . GLU A 1 148 ? 6.429   10.985  -10.420 1.00 46.94 ? 148 GLU A CD  1 
ATOM   1144 O  OE1 . GLU A 1 148 ? 7.645   11.457  -10.497 1.00 41.46 ? 148 GLU A OE1 1 
ATOM   1145 O  OE2 . GLU A 1 148 ? 5.380   11.459  -11.053 1.00 47.75 ? 148 GLU A OE2 1 
ATOM   1146 N  N   . MET A 1 149 ? 7.987   6.006   -11.953 1.00 26.40 ? 149 MET A N   1 
ATOM   1147 C  CA  . MET A 1 149 ? 8.947   4.838   -12.285 1.00 20.95 ? 149 MET A CA  1 
ATOM   1148 C  C   . MET A 1 149 ? 9.358   4.804   -13.668 1.00 24.32 ? 149 MET A C   1 
ATOM   1149 O  O   . MET A 1 149 ? 10.646  4.549   -13.979 1.00 26.22 ? 149 MET A O   1 
ATOM   1150 C  CB  . MET A 1 149 ? 8.206   3.549   -12.075 1.00 21.07 ? 149 MET A CB  1 
ATOM   1151 C  CG  . MET A 1 149 ? 8.184   3.235   -10.671 1.00 12.99 ? 149 MET A CG  1 
ATOM   1152 S  SD  . MET A 1 149 ? 7.161   1.837   -10.355 1.00 20.73 ? 149 MET A SD  1 
ATOM   1153 C  CE  . MET A 1 149 ? 8.005   0.630   -11.455 1.00 12.91 ? 149 MET A CE  1 
ATOM   1154 N  N   . ASP A 1 150 ? 8.270   5.007   -14.464 1.00 35.85 ? 150 ASP A N   1 
ATOM   1155 C  CA  . ASP A 1 150 ? 8.506   5.014   -15.827 1.00 56.08 ? 150 ASP A CA  1 
ATOM   1156 C  C   . ASP A 1 150 ? 9.434   6.149   -16.113 1.00 50.15 ? 150 ASP A C   1 
ATOM   1157 O  O   . ASP A 1 150 ? 10.492  5.948   -16.834 1.00 48.77 ? 150 ASP A O   1 
ATOM   1158 C  CB  . ASP A 1 150 ? 7.064   5.129   -16.571 1.00 53.23 ? 150 ASP A CB  1 
ATOM   1159 C  CG  . ASP A 1 150 ? 6.356   3.800   -16.591 1.00 51.51 ? 150 ASP A CG  1 
ATOM   1160 O  OD1 . ASP A 1 150 ? 6.710   2.996   -15.758 0.00 0.00  ? 150 ASP A OD1 1 
ATOM   1161 O  OD2 . ASP A 1 150 ? 5.766   3.364   -17.599 0.00 0.00  ? 150 ASP A OD2 1 
ATOM   1162 N  N   . ASP A 1 151 ? 9.205   7.225   -15.374 1.00 40.25 ? 151 ASP A N   1 
ATOM   1163 C  CA  . ASP A 1 151 ? 10.129  8.350   -15.413 1.00 47.65 ? 151 ASP A CA  1 
ATOM   1164 C  C   . ASP A 1 151 ? 11.629  8.084   -14.830 1.00 62.47 ? 151 ASP A C   1 
ATOM   1165 O  O   . ASP A 1 151 ? 12.685  8.641   -15.246 1.00 59.32 ? 151 ASP A O   1 
ATOM   1166 C  CB  . ASP A 1 151 ? 9.405   9.625   -14.789 1.00 56.06 ? 151 ASP A CB  1 
ATOM   1167 C  CG  . ASP A 1 151 ? 8.273   10.200  -15.707 1.00 49.88 ? 151 ASP A CG  1 
ATOM   1168 O  OD1 . ASP A 1 151 ? 7.335   9.460   -16.184 0.00 0.00  ? 151 ASP A OD1 1 
ATOM   1169 O  OD2 . ASP A 1 151 ? 8.563   11.200  -16.287 0.00 0.00  ? 151 ASP A OD2 1 
ATOM   1170 N  N   . ALA A 1 152 ? 11.752  7.201   -13.962 1.00 52.70 ? 152 ALA A N   1 
ATOM   1171 C  CA  . ALA A 1 152 ? 13.177  6.847   -13.400 1.00 52.64 ? 152 ALA A CA  1 
ATOM   1172 C  C   . ALA A 1 152 ? 13.995  5.751   -14.184 1.00 61.67 ? 152 ALA A C   1 
ATOM   1173 O  O   . ALA A 1 152 ? 15.249  5.357   -13.849 1.00 53.59 ? 152 ALA A O   1 
ATOM   1174 C  CB  . ALA A 1 152 ? 13.055  6.402   -12.040 1.00 48.19 ? 152 ALA A CB  1 
ATOM   1175 N  N   . ALA A 1 153 ? 13.253  5.229   -15.151 1.00 52.71 ? 153 ALA A N   1 
ATOM   1176 C  CA  . ALA A 1 153 ? 13.809  4.067   -15.929 1.00 58.79 ? 153 ALA A CA  1 
ATOM   1177 C  C   . ALA A 1 153 ? 14.709  4.405   -17.043 1.00 55.43 ? 153 ALA A C   1 
ATOM   1178 O  O   . ALA A 1 153 ? 14.100  4.607   -18.094 0.00 0.00  ? 153 ALA A O   1 
ATOM   1179 C  CB  . ALA A 1 153 ? 12.556  3.229   -16.425 1.00 55.90 ? 153 ALA A CB  1 
ATOM   1180 O  OXT . ALA A 1 153 ? 15.987  4.733   -16.856 0.00 0.00  ? 153 ALA A OXT 1 
HETATM 1181 C  C   . CYN B 2 .   ? 6.592   -1.632  -1.325  1.00 3.00  ? 154 CYN A C   1 
HETATM 1182 N  N   . CYN B 2 .   ? 6.575   -2.556  -0.757  1.00 15.44 ? 154 CYN A N   1 
HETATM 1183 C  CHA . HEM C 3 .   ? 10.844  0.243   -1.519  1.00 14.14 ? 155 HEM A CHA 1 
HETATM 1184 C  CHB . HEM C 3 .   ? 6.025   2.424   -1.316  1.00 10.76 ? 155 HEM A CHB 1 
HETATM 1185 C  CHC . HEM C 3 .   ? 4.387   -0.603  -4.710  1.00 6.71  ? 155 HEM A CHC 1 
HETATM 1186 C  CHD . HEM C 3 .   ? 8.945   -3.201  -4.355  1.00 14.08 ? 155 HEM A CHD 1 
HETATM 1187 C  C1A . HEM C 3 .   ? 9.694   1.139   -1.205  1.00 8.47  ? 155 HEM A C1A 1 
HETATM 1188 C  C2A . HEM C 3 .   ? 9.749   2.257   -0.273  1.00 11.64 ? 155 HEM A C2A 1 
HETATM 1189 C  C3A . HEM C 3 .   ? 8.396   2.829   -0.179  1.00 16.31 ? 155 HEM A C3A 1 
HETATM 1190 C  C4A . HEM C 3 .   ? 7.477   2.104   -1.079  1.00 25.21 ? 155 HEM A C4A 1 
HETATM 1191 C  CMA . HEM C 3 .   ? 7.885   4.036   0.683   1.00 19.79 ? 155 HEM A CMA 1 
HETATM 1192 C  CAA . HEM C 3 .   ? 11.110  2.684   0.459   1.00 26.51 ? 155 HEM A CAA 1 
HETATM 1193 C  CBA . HEM C 3 .   ? 11.736  3.836   -0.198  1.00 50.52 ? 155 HEM A CBA 1 
HETATM 1194 C  CGA . HEM C 3 .   ? 13.006  4.339   0.590   1.00 61.71 ? 155 HEM A CGA 1 
HETATM 1195 O  O1A . HEM C 3 .   ? 14.257  4.190   0.154   1.00 59.48 ? 155 HEM A O1A 1 
HETATM 1196 O  O2A . HEM C 3 .   ? 12.783  5.082   1.570   1.00 58.37 ? 155 HEM A O2A 1 
HETATM 1197 C  C1B . HEM C 3 .   ? 5.148   1.822   -2.233  1.00 14.24 ? 155 HEM A C1B 1 
HETATM 1198 C  C2B . HEM C 3 .   ? 3.645   2.220   -2.500  1.00 17.46 ? 155 HEM A C2B 1 
HETATM 1199 C  C3B . HEM C 3 .   ? 3.197   1.422   -3.498  1.00 13.10 ? 155 HEM A C3B 1 
HETATM 1200 C  C4B . HEM C 3 .   ? 4.410   0.473   -3.818  1.00 9.04  ? 155 HEM A C4B 1 
HETATM 1201 C  CMB . HEM C 3 .   ? 2.804   3.352   -1.749  1.00 6.41  ? 155 HEM A CMB 1 
HETATM 1202 C  CAB . HEM C 3 .   ? 1.698   1.425   -4.164  1.00 13.72 ? 155 HEM A CAB 1 
HETATM 1203 C  CBB . HEM C 3 .   ? 0.859   2.536   -4.248  1.00 6.14  ? 155 HEM A CBB 1 
HETATM 1204 C  C1C . HEM C 3 .   ? 5.475   -1.600  -4.916  1.00 14.53 ? 155 HEM A C1C 1 
HETATM 1205 C  C2C . HEM C 3 .   ? 5.376   -2.793  -5.751  1.00 16.52 ? 155 HEM A C2C 1 
HETATM 1206 C  C3C . HEM C 3 .   ? 6.610   -3.553  -5.588  1.00 15.16 ? 155 HEM A C3C 1 
HETATM 1207 C  C4C . HEM C 3 .   ? 7.540   -2.809  -4.713  1.00 19.22 ? 155 HEM A C4C 1 
HETATM 1208 C  CMC . HEM C 3 .   ? 4.068   -3.118  -6.607  1.00 9.55  ? 155 HEM A CMC 1 
HETATM 1209 C  CAC . HEM C 3 .   ? 7.010   -4.940  -6.200  1.00 14.02 ? 155 HEM A CAC 1 
HETATM 1210 C  CBC . HEM C 3 .   ? 6.798   -6.015  -5.575  1.00 5.29  ? 155 HEM A CBC 1 
HETATM 1211 C  C1D . HEM C 3 .   ? 9.895   -2.491  -3.585  1.00 13.49 ? 155 HEM A C1D 1 
HETATM 1212 C  C2D . HEM C 3 .   ? 11.391  -2.911  -3.278  1.00 16.31 ? 155 HEM A C2D 1 
HETATM 1213 C  C3D . HEM C 3 .   ? 11.934  -1.939  -2.509  1.00 17.34 ? 155 HEM A C3D 1 
HETATM 1214 C  C4D . HEM C 3 .   ? 10.780  -0.903  -2.307  1.00 28.30 ? 155 HEM A C4D 1 
HETATM 1215 C  CMD . HEM C 3 .   ? 12.166  -4.235  -3.739  1.00 9.55  ? 155 HEM A CMD 1 
HETATM 1216 C  CAD . HEM C 3 .   ? 13.456  -1.944  -1.903  1.00 17.17 ? 155 HEM A CAD 1 
HETATM 1217 C  CBD . HEM C 3 .   ? 13.456  -2.445  -0.557  1.00 21.34 ? 155 HEM A CBD 1 
HETATM 1218 C  CGD . HEM C 3 .   ? 15.011  -2.831  -0.176  1.00 41.06 ? 155 HEM A CGD 1 
HETATM 1219 O  O1D . HEM C 3 .   ? 15.657  -3.802  -0.756  1.00 38.18 ? 155 HEM A O1D 1 
HETATM 1220 O  O2D . HEM C 3 .   ? 15.530  -2.379  0.858   1.00 44.36 ? 155 HEM A O2D 1 
HETATM 1221 N  NA  . HEM C 3 .   ? 8.295   1.079   -1.672  1.00 19.07 ? 155 HEM A NA  1 
HETATM 1222 N  NB  . HEM C 3 .   ? 5.567   0.766   -3.041  1.00 13.65 ? 155 HEM A NB  1 
HETATM 1223 N  NC  . HEM C 3 .   ? 6.809   -1.646  -4.321  1.00 10.15 ? 155 HEM A NC  1 
HETATM 1224 N  ND  . HEM C 3 .   ? 9.573   -1.279  -2.979  1.00 18.46 ? 155 HEM A ND  1 
HETATM 1225 FE FE  . HEM C 3 .   ? 7.547   -0.404  -2.997  1.00 13.96 ? 155 HEM A FE  1 
HETATM 1226 O  O   . HOH D 4 .   ? 9.765   -7.946  10.207  1.00 12.43 ? 156 HOH A O   1 
HETATM 1227 O  O   . HOH D 4 .   ? 7.005   -7.091  10.957  1.00 8.43  ? 157 HOH A O   1 
HETATM 1228 O  O   . HOH D 4 .   ? -4.757  9.614   -9.399  1.00 20.76 ? 158 HOH A O   1 
HETATM 1229 O  O   . HOH D 4 .   ? -20.405 -6.267  6.541   1.00 23.81 ? 159 HOH A O   1 
HETATM 1230 O  O   . HOH D 4 .   ? 0.036   9.676   -0.529  1.00 21.58 ? 160 HOH A O   1 
HETATM 1231 O  O   . HOH D 4 .   ? -5.645  -6.058  -8.016  1.00 31.38 ? 161 HOH A O   1 
HETATM 1232 O  O   . HOH D 4 .   ? 3.887   -16.363 1.758   1.00 36.88 ? 162 HOH A O   1 
HETATM 1233 O  O   . HOH D 4 .   ? -11.613 21.964  -1.836  1.00 28.05 ? 163 HOH A O   1 
HETATM 1234 O  O   . HOH D 4 .   ? -3.767  13.947  2.851   1.00 28.73 ? 164 HOH A O   1 
HETATM 1235 O  O   . HOH D 4 .   ? -10.562 19.149  -7.419  1.00 10.94 ? 165 HOH A O   1 
HETATM 1236 O  O   . HOH D 4 .   ? -0.059  16.525  -8.410  1.00 30.59 ? 166 HOH A O   1 
HETATM 1237 O  O   . HOH D 4 .   ? -3.307  16.888  -9.013  1.00 19.03 ? 167 HOH A O   1 
HETATM 1238 O  O   . HOH D 4 .   ? -3.914  14.198  -9.498  1.00 26.77 ? 168 HOH A O   1 
HETATM 1239 O  O   . HOH D 4 .   ? -6.080  12.292  -8.748  1.00 21.81 ? 169 HOH A O   1 
HETATM 1240 O  O   . HOH D 4 .   ? -5.809  10.113  -13.356 1.00 24.25 ? 170 HOH A O   1 
HETATM 1241 O  O   . HOH D 4 .   ? -8.166  9.268   -11.866 1.00 15.26 ? 171 HOH A O   1 
HETATM 1242 O  O   . HOH D 4 .   ? -9.507  6.878   -12.106 1.00 17.03 ? 172 HOH A O   1 
HETATM 1243 O  O   . HOH D 4 .   ? 10.865  8.533   -1.379  1.00 42.24 ? 173 HOH A O   1 
HETATM 1244 O  O   . HOH D 4 .   ? 1.873   -0.379  15.560  1.00 37.97 ? 174 HOH A O   1 
HETATM 1245 O  O   . HOH D 4 .   ? 13.841  -0.344  5.716   1.00 53.19 ? 175 HOH A O   1 
HETATM 1246 O  O   . HOH D 4 .   ? -9.961  -5.087  -7.276  1.00 23.14 ? 176 HOH A O   1 
HETATM 1247 O  O   . HOH D 4 .   ? -12.086 -3.482  -5.528  1.00 21.62 ? 177 HOH A O   1 
HETATM 1248 O  O   . HOH D 4 .   ? -11.123 -9.888  9.833   1.00 46.35 ? 178 HOH A O   1 
HETATM 1249 O  O   . HOH D 4 .   ? -12.895 14.320  -8.379  1.00 15.17 ? 179 HOH A O   1 
HETATM 1250 O  O   . HOH D 4 .   ? 0.637   15.048  -1.271  1.00 36.08 ? 180 HOH A O   1 
HETATM 1251 O  O   . HOH D 4 .   ? 2.840   4.836   9.900   1.00 52.74 ? 181 HOH A O   1 
HETATM 1252 O  O   . HOH D 4 .   ? -20.608 1.691   -2.647  1.00 44.43 ? 182 HOH A O   1 
HETATM 1253 O  O   . HOH D 4 .   ? 5.136   -4.962  -15.967 1.00 27.43 ? 183 HOH A O   1 
HETATM 1254 O  O   . HOH D 4 .   ? -3.822  2.273   -10.792 1.00 28.51 ? 184 HOH A O   1 
HETATM 1255 O  O   . HOH D 4 .   ? 11.777  -12.060 -8.774  1.00 47.45 ? 185 HOH A O   1 
HETATM 1256 O  O   . HOH D 4 .   ? 0.275   5.530   -14.115 1.00 34.45 ? 186 HOH A O   1 
HETATM 1257 O  O   . HOH D 4 .   ? -5.935  -3.927  -9.767  1.00 43.36 ? 187 HOH A O   1 
HETATM 1258 O  O   . HOH D 4 .   ? 13.619  -0.498  2.658   1.00 41.22 ? 188 HOH A O   1 
HETATM 1259 O  O   . HOH D 4 .   ? -3.976  11.126  -11.438 1.00 41.47 ? 189 HOH A O   1 
HETATM 1260 O  O   . HOH D 4 .   ? -10.913 3.345   -8.431  1.00 40.78 ? 190 HOH A O   1 
HETATM 1261 O  O   . HOH D 4 .   ? -17.297 -2.167  -3.303  1.00 42.39 ? 191 HOH A O   1 
HETATM 1262 O  O   . HOH D 4 .   ? -17.917 0.421   6.103   1.00 36.56 ? 192 HOH A O   1 
HETATM 1263 O  O   . HOH D 4 .   ? -15.453 -7.416  12.930  1.00 48.42 ? 193 HOH A O   1 
HETATM 1264 O  O   . HOH D 4 .   ? -17.157 15.263  -0.182  1.00 45.43 ? 194 HOH A O   1 
HETATM 1265 O  O   . HOH D 4 .   ? -1.377  11.791  -1.776  1.00 50.73 ? 195 HOH A O   1 
HETATM 1266 O  O   . HOH D 4 .   ? 7.289   3.748   8.688   1.00 40.89 ? 196 HOH A O   1 
HETATM 1267 O  O   . HOH D 4 .   ? -12.802 12.792  -5.188  1.00 43.11 ? 197 HOH A O   1 
HETATM 1268 O  O   . HOH D 4 .   ? 14.544  -14.923 8.237   1.00 36.08 ? 198 HOH A O   1 
HETATM 1269 O  O   . HOH D 4 .   ? 16.996  -12.012 8.941   1.00 38.09 ? 199 HOH A O   1 
HETATM 1270 O  O   . HOH D 4 .   ? 17.141  -10.114 6.899   1.00 49.04 ? 200 HOH A O   1 
HETATM 1271 O  O   . HOH D 4 .   ? 2.450   -6.131  17.533  1.00 41.92 ? 201 HOH A O   1 
HETATM 1272 O  O   . HOH D 4 .   ? -5.758  -3.027  14.465  1.00 43.60 ? 202 HOH A O   1 
HETATM 1273 O  O   . HOH D 4 .   ? -12.569 1.585   10.887  1.00 43.35 ? 203 HOH A O   1 
HETATM 1274 O  O   . HOH D 4 .   ? -11.873 8.825   12.447  1.00 46.53 ? 204 HOH A O   1 
HETATM 1275 O  O   . HOH D 4 .   ? -13.528 9.307   10.124  1.00 48.86 ? 205 HOH A O   1 
HETATM 1276 O  O   . HOH D 4 .   ? -10.857 4.029   13.616  1.00 36.51 ? 206 HOH A O   1 
HETATM 1277 O  O   . HOH D 4 .   ? 14.933  -20.267 -0.012  1.00 55.59 ? 207 HOH A O   1 
HETATM 1278 O  O   . HOH D 4 .   ? -1.234  15.307  2.452   1.00 45.39 ? 208 HOH A O   1 
HETATM 1279 O  O   . HOH D 4 .   ? 8.875   -2.207  15.891  1.00 43.70 ? 209 HOH A O   1 
HETATM 1280 O  O   . HOH D 4 .   ? -3.127  -2.593  -9.665  1.00 44.56 ? 210 HOH A O   1 
HETATM 1281 O  O   . HOH D 4 .   ? -1.713  -1.953  -11.975 1.00 41.87 ? 211 HOH A O   1 
HETATM 1282 O  O   . HOH D 4 .   ? -11.506 -4.111  1.357   1.00 37.27 ? 212 HOH A O   1 
HETATM 1283 O  O   . HOH D 4 .   ? 7.321   -1.744  -15.376 1.00 36.20 ? 213 HOH A O   1 
HETATM 1284 O  O   . HOH D 4 .   ? -4.018  0.094   -9.232  1.00 36.66 ? 214 HOH A O   1 
HETATM 1285 O  O   . HOH D 4 .   ? 0.865   3.420   8.259   1.00 37.47 ? 215 HOH A O   1 
HETATM 1286 O  O   . HOH D 4 .   ? -4.102  -8.214  8.879   1.00 44.96 ? 216 HOH A O   1 
HETATM 1287 O  O   . HOH D 4 .   ? -14.092 5.097   -14.872 1.00 40.84 ? 217 HOH A O   1 
HETATM 1288 O  O   . HOH D 4 .   ? -19.291 0.641   8.401   1.00 33.89 ? 218 HOH A O   1 
HETATM 1289 O  O   . HOH D 4 .   ? 11.749  -13.870 2.850   1.00 32.36 ? 219 HOH A O   1 
HETATM 1290 O  O   . HOH D 4 .   ? -19.951 7.782   7.084   1.00 32.66 ? 220 HOH A O   1 
HETATM 1291 O  O   . HOH D 4 .   ? -22.608 12.129  1.934   1.00 36.61 ? 221 HOH A O   1 
# 
